data_7XB6
#
_entry.id   7XB6
#
_cell.length_a   54.391
_cell.length_b   245.567
_cell.length_c   96.946
_cell.angle_alpha   90.000
_cell.angle_beta   92.042
_cell.angle_gamma   90.000
#
_symmetry.space_group_name_H-M   'P 1 21 1'
#
loop_
_entity.id
_entity.type
_entity.pdbx_description
1 polymer Carbamoyltransferase
2 non-polymer 'MAGNESIUM ION'
3 non-polymer "5'-O-[(S)-(carbamoyloxy)(hydroxy)phosphoryl]adenosine"
4 water water
#
_entity_poly.entity_id   1
_entity_poly.type   'polypeptide(L)'
_entity_poly.pdbx_seq_one_letter_code
;MIILGYNGFSQIAELFGRLYGYTADSVDRHSFLGHDAAAALFVDGELVAAVEEERMNRQKKTTAFPANAMRWCLEQAGIS
YEDVDYYAFGWNFTAEFADAAITGLASAPIPPEYKFQAIGSFGELWNGALGRTALIEDFTRHTGYALPDEKLITVPHHRA
HLACGRTFSGLGDAAFLINDGQAEADSAIMGEVRDGKVEVFERFTIDAKNSLAQLFANITRYLGFTPNNDEYKVMGLAGF
GKAPDEQDNPLLTKVVTLEEGGRYSLALANDPRGPRAYDPLFDELFDGNDDNRQEFDFRVRVACAAQQVIEAVTAHQLRA
LAEATELRDLIFEGGLALNCVNNTKLLEELPFTRVEVSFGASDPGVSIGAAAHVAREKSVALTPTESPYLGPEFGEDEIR
ATLEEYTSSVTWEQLPSDEVVGKTAELLTGKTVIGWFQGRTEYGPRALGNRSILANPSYADMKDVINNRVKHREPFRPFA
PIVLEENAARVFEMGRKERSPYMTFVFPVRPEYTEKIAAATHVDATSRIQTVTEDSNPRLAALLREFTSRTDVPCLVNTS
FNVAGEPIVCSPKDAVECFLGTDIDHLVIGDFLVSKR
;
_entity_poly.pdbx_strand_id   A,B,C,D
#
loop_
_chem_comp.id
_chem_comp.type
_chem_comp.name
_chem_comp.formula
CA0 non-polymer 5'-O-[(S)-(carbamoyloxy)(hydroxy)phosphoryl]adenosine 'C11 H15 N6 O8 P'
MG non-polymer 'MAGNESIUM ION' 'Mg 2'
#
# COMPACT_ATOMS: atom_id res chain seq x y z
N MET A 1 33.01 -25.45 -19.38
CA MET A 1 32.98 -25.46 -17.87
C MET A 1 31.66 -26.04 -17.36
N ILE A 2 31.64 -27.34 -17.05
CA ILE A 2 30.50 -28.06 -16.41
C ILE A 2 30.81 -28.30 -14.94
N ILE A 3 30.00 -27.72 -14.04
CA ILE A 3 30.17 -27.78 -12.54
C ILE A 3 28.89 -28.34 -11.91
N LEU A 4 28.99 -29.41 -11.11
CA LEU A 4 27.86 -30.10 -10.42
C LEU A 4 28.06 -29.91 -8.91
N GLY A 5 27.09 -29.31 -8.22
CA GLY A 5 27.08 -29.17 -6.75
C GLY A 5 26.09 -30.13 -6.14
N TYR A 6 26.39 -30.67 -4.95
CA TYR A 6 25.56 -31.72 -4.31
C TYR A 6 25.65 -31.62 -2.78
N ASN A 7 24.83 -32.40 -2.07
CA ASN A 7 24.77 -32.44 -0.59
C ASN A 7 24.18 -33.81 -0.16
N GLY A 8 24.83 -34.48 0.80
CA GLY A 8 24.43 -35.80 1.32
C GLY A 8 25.62 -36.62 1.79
N PHE A 9 25.35 -37.53 2.73
CA PHE A 9 26.29 -38.57 3.24
C PHE A 9 25.49 -39.84 3.53
N SER A 10 25.85 -40.95 2.89
CA SER A 10 25.12 -42.24 3.07
C SER A 10 25.21 -42.71 4.52
N GLN A 11 26.35 -42.50 5.19
CA GLN A 11 26.65 -43.01 6.56
C GLN A 11 26.14 -42.05 7.64
N ILE A 12 25.68 -40.85 7.29
CA ILE A 12 25.23 -39.82 8.28
C ILE A 12 23.97 -40.31 9.01
N ALA A 13 23.08 -40.98 8.27
CA ALA A 13 21.88 -41.69 8.80
C ALA A 13 22.30 -42.56 9.99
N GLU A 14 23.24 -43.48 9.75
CA GLU A 14 23.66 -44.59 10.66
C GLU A 14 24.35 -44.00 11.89
N LEU A 15 25.19 -42.98 11.69
CA LEU A 15 26.16 -42.48 12.69
C LEU A 15 25.43 -41.69 13.78
N PHE A 16 24.50 -40.82 13.42
CA PHE A 16 23.69 -40.04 14.38
C PHE A 16 22.74 -40.97 15.15
N GLY A 17 22.23 -42.00 14.48
CA GLY A 17 21.32 -42.98 15.09
C GLY A 17 21.99 -43.71 16.23
N ARG A 18 23.29 -44.02 16.06
CA ARG A 18 24.16 -44.72 17.04
C ARG A 18 24.64 -43.68 18.07
N LEU A 19 25.52 -42.76 17.65
CA LEU A 19 26.27 -41.80 18.52
C LEU A 19 25.30 -40.97 19.39
N TYR A 20 24.32 -40.30 18.77
CA TYR A 20 23.47 -39.26 19.41
C TYR A 20 22.02 -39.74 19.60
N GLY A 21 21.74 -40.95 19.12
CA GLY A 21 20.45 -41.63 19.30
C GLY A 21 19.37 -41.05 18.40
N TYR A 22 19.75 -40.21 17.43
CA TYR A 22 18.83 -39.54 16.47
C TYR A 22 18.50 -40.52 15.34
N THR A 23 17.44 -41.30 15.50
CA THR A 23 17.14 -42.47 14.63
C THR A 23 15.90 -42.16 13.77
N ALA A 24 15.69 -42.95 12.72
CA ALA A 24 14.72 -42.72 11.62
C ALA A 24 13.29 -42.57 12.17
N ASP A 25 12.99 -43.20 13.31
CA ASP A 25 11.64 -43.20 13.95
C ASP A 25 11.57 -42.10 15.02
N SER A 26 12.69 -41.45 15.36
CA SER A 26 12.78 -40.41 16.44
C SER A 26 12.23 -39.06 15.95
N VAL A 27 11.81 -38.19 16.88
CA VAL A 27 11.42 -36.78 16.57
C VAL A 27 12.70 -36.02 16.17
N ASP A 28 13.88 -36.56 16.49
CA ASP A 28 15.18 -35.91 16.16
C ASP A 28 15.73 -36.44 14.84
N ARG A 29 14.91 -37.04 13.97
CA ARG A 29 15.38 -37.76 12.76
C ARG A 29 15.83 -36.79 11.65
N HIS A 30 15.46 -35.51 11.70
CA HIS A 30 15.82 -34.49 10.66
C HIS A 30 16.84 -33.48 11.21
N SER A 31 17.41 -33.76 12.39
CA SER A 31 18.15 -32.78 13.21
C SER A 31 19.66 -33.02 13.11
N PHE A 32 20.11 -33.66 12.02
CA PHE A 32 21.56 -33.81 11.72
C PHE A 32 21.83 -33.40 10.27
N LEU A 33 23.00 -32.77 10.03
CA LEU A 33 23.43 -32.26 8.70
C LEU A 33 23.38 -33.35 7.62
N GLY A 34 23.31 -32.91 6.36
CA GLY A 34 23.07 -33.78 5.20
C GLY A 34 21.61 -33.81 4.76
N HIS A 35 20.65 -33.43 5.63
CA HIS A 35 19.20 -33.35 5.31
C HIS A 35 19.03 -32.46 4.08
N ASP A 36 18.07 -32.79 3.23
CA ASP A 36 17.78 -32.10 1.94
C ASP A 36 18.93 -32.30 0.97
N ALA A 37 19.44 -33.53 0.90
CA ALA A 37 20.34 -34.02 -0.16
C ALA A 37 19.76 -33.65 -1.53
N ALA A 38 20.62 -33.33 -2.49
CA ALA A 38 20.20 -32.88 -3.83
C ALA A 38 21.39 -32.79 -4.78
N ALA A 39 21.13 -32.51 -6.05
CA ALA A 39 22.13 -32.16 -7.07
C ALA A 39 21.63 -30.95 -7.87
N ALA A 40 22.57 -30.15 -8.34
CA ALA A 40 22.29 -28.99 -9.21
C ALA A 40 23.43 -28.94 -10.21
N LEU A 41 23.13 -28.75 -11.49
CA LEU A 41 24.14 -28.81 -12.57
C LEU A 41 24.15 -27.50 -13.35
N PHE A 42 25.31 -26.84 -13.38
CA PHE A 42 25.64 -25.70 -14.26
C PHE A 42 26.47 -26.17 -15.46
N VAL A 43 25.99 -25.88 -16.67
CA VAL A 43 26.77 -26.05 -17.94
C VAL A 43 27.04 -24.65 -18.49
N ASP A 44 28.32 -24.24 -18.51
CA ASP A 44 28.79 -22.99 -19.14
C ASP A 44 28.03 -21.82 -18.50
N GLY A 45 27.62 -21.92 -17.23
CA GLY A 45 27.00 -20.78 -16.51
C GLY A 45 25.48 -20.78 -16.50
N GLU A 46 24.81 -21.51 -17.39
CA GLU A 46 23.34 -21.70 -17.34
C GLU A 46 23.05 -22.83 -16.35
N LEU A 47 22.20 -22.61 -15.34
CA LEU A 47 21.77 -23.67 -14.39
C LEU A 47 20.76 -24.56 -15.11
N VAL A 48 21.25 -25.63 -15.71
CA VAL A 48 20.53 -26.51 -16.67
C VAL A 48 19.55 -27.42 -15.93
N ALA A 49 19.88 -27.86 -14.72
CA ALA A 49 19.17 -28.96 -14.01
C ALA A 49 19.41 -28.92 -12.48
N ALA A 50 18.41 -29.32 -11.70
CA ALA A 50 18.50 -29.46 -10.23
C ALA A 50 17.27 -30.19 -9.72
N VAL A 51 17.45 -31.11 -8.77
CA VAL A 51 16.31 -31.75 -8.06
C VAL A 51 16.81 -32.35 -6.75
N GLU A 52 15.95 -32.39 -5.73
CA GLU A 52 16.32 -32.88 -4.38
C GLU A 52 16.11 -34.38 -4.34
N GLU A 53 16.98 -35.14 -3.65
CA GLU A 53 16.89 -36.62 -3.59
C GLU A 53 15.60 -37.03 -2.86
N GLU A 54 14.98 -36.13 -2.08
CA GLU A 54 13.71 -36.45 -1.37
C GLU A 54 12.61 -36.76 -2.40
N ARG A 55 12.69 -36.16 -3.60
CA ARG A 55 11.64 -36.24 -4.65
C ARG A 55 11.79 -37.57 -5.41
N MET A 56 13.02 -38.09 -5.52
CA MET A 56 13.34 -39.30 -6.31
C MET A 56 13.11 -40.55 -5.44
N ASN A 57 13.72 -40.62 -4.25
CA ASN A 57 13.64 -41.81 -3.35
C ASN A 57 12.37 -41.72 -2.49
N ARG A 58 11.65 -40.60 -2.56
CA ARG A 58 10.32 -40.38 -1.91
C ARG A 58 10.42 -40.33 -0.38
N GLN A 59 11.63 -40.27 0.18
CA GLN A 59 11.92 -40.20 1.63
C GLN A 59 12.29 -38.74 1.97
N LYS A 60 11.54 -38.11 2.87
CA LYS A 60 11.51 -36.64 3.06
C LYS A 60 12.79 -36.16 3.75
N LYS A 61 13.43 -35.13 3.19
CA LYS A 61 14.65 -34.45 3.73
C LYS A 61 15.76 -35.48 3.85
N THR A 62 15.77 -36.45 2.91
CA THR A 62 16.69 -37.63 2.90
C THR A 62 18.11 -37.10 3.04
N THR A 63 18.87 -37.69 3.96
CA THR A 63 20.29 -37.38 4.22
C THR A 63 21.18 -38.20 3.28
N ALA A 64 20.59 -39.09 2.47
CA ALA A 64 21.28 -40.02 1.54
C ALA A 64 22.23 -39.27 0.59
N PHE A 65 23.18 -39.99 -0.01
CA PHE A 65 23.91 -39.53 -1.22
C PHE A 65 22.89 -39.27 -2.31
N PRO A 66 22.94 -38.11 -3.00
CA PRO A 66 21.91 -37.76 -3.98
C PRO A 66 22.18 -38.43 -5.34
N ALA A 67 22.05 -39.76 -5.38
CA ALA A 67 22.49 -40.62 -6.51
C ALA A 67 21.52 -40.50 -7.69
N ASN A 68 20.22 -40.59 -7.41
CA ASN A 68 19.14 -40.53 -8.43
C ASN A 68 19.12 -39.14 -9.04
N ALA A 69 19.24 -38.11 -8.21
CA ALA A 69 19.26 -36.68 -8.61
C ALA A 69 20.48 -36.37 -9.48
N MET A 70 21.67 -36.86 -9.11
CA MET A 70 22.91 -36.68 -9.93
C MET A 70 22.75 -37.42 -11.25
N ARG A 71 22.16 -38.63 -11.21
CA ARG A 71 21.85 -39.41 -12.43
C ARG A 71 21.00 -38.52 -13.34
N TRP A 72 19.86 -38.09 -12.83
CA TRP A 72 18.89 -37.28 -13.60
C TRP A 72 19.52 -35.99 -14.13
N CYS A 73 20.24 -35.23 -13.27
CA CYS A 73 20.90 -33.94 -13.64
C CYS A 73 21.83 -34.14 -14.84
N LEU A 74 22.61 -35.21 -14.82
CA LEU A 74 23.55 -35.52 -15.94
C LEU A 74 22.73 -35.89 -17.18
N GLU A 75 21.72 -36.74 -17.02
CA GLU A 75 20.86 -37.24 -18.15
C GLU A 75 20.24 -36.03 -18.84
N GLN A 76 19.65 -35.10 -18.08
CA GLN A 76 19.02 -33.85 -18.58
C GLN A 76 19.98 -33.09 -19.51
N ALA A 77 21.24 -32.95 -19.11
CA ALA A 77 22.32 -32.25 -19.86
C ALA A 77 22.99 -33.19 -20.86
N GLY A 78 22.59 -34.47 -20.88
CA GLY A 78 23.13 -35.52 -21.78
C GLY A 78 24.64 -35.60 -21.72
N ILE A 79 25.17 -35.87 -20.51
CA ILE A 79 26.62 -36.10 -20.22
C ILE A 79 26.72 -37.24 -19.18
N SER A 80 27.94 -37.60 -18.78
CA SER A 80 28.18 -38.49 -17.62
C SER A 80 29.10 -37.79 -16.61
N TYR A 81 29.41 -38.49 -15.52
CA TYR A 81 30.20 -37.99 -14.35
C TYR A 81 31.55 -37.44 -14.85
N GLU A 82 32.07 -38.03 -15.92
CA GLU A 82 33.45 -37.84 -16.43
C GLU A 82 33.56 -36.56 -17.29
N ASP A 83 32.43 -35.94 -17.63
CA ASP A 83 32.39 -34.69 -18.44
C ASP A 83 32.43 -33.47 -17.50
N VAL A 84 32.10 -33.67 -16.22
CA VAL A 84 32.04 -32.63 -15.17
C VAL A 84 33.47 -32.19 -14.86
N ASP A 85 33.71 -30.90 -14.74
CA ASP A 85 35.07 -30.35 -14.50
C ASP A 85 35.36 -30.28 -13.00
N TYR A 86 34.42 -29.79 -12.20
CA TYR A 86 34.52 -29.75 -10.71
C TYR A 86 33.17 -30.17 -10.10
N TYR A 87 33.21 -31.05 -9.10
CA TYR A 87 32.08 -31.34 -8.18
C TYR A 87 32.20 -30.38 -7.01
N ALA A 88 31.09 -29.72 -6.65
CA ALA A 88 31.00 -28.80 -5.48
C ALA A 88 30.17 -29.46 -4.39
N PHE A 89 30.78 -29.75 -3.23
CA PHE A 89 30.07 -30.20 -2.01
C PHE A 89 29.77 -28.98 -1.12
N GLY A 90 28.53 -28.85 -0.65
CA GLY A 90 28.03 -27.69 0.13
C GLY A 90 28.34 -27.78 1.61
N TRP A 91 29.51 -28.32 1.94
CA TRP A 91 30.12 -28.37 3.31
C TRP A 91 31.62 -28.34 3.11
N ASN A 92 32.36 -27.82 4.10
CA ASN A 92 33.83 -27.66 3.98
C ASN A 92 34.51 -28.14 5.28
N PHE A 93 34.35 -29.44 5.57
CA PHE A 93 35.05 -30.14 6.68
C PHE A 93 36.45 -30.53 6.18
N THR A 94 37.33 -29.55 6.13
CA THR A 94 38.78 -29.71 5.87
C THR A 94 39.50 -30.11 7.16
N ALA A 95 40.76 -30.55 7.02
CA ALA A 95 41.68 -30.84 8.13
C ALA A 95 41.86 -29.59 9.02
N GLU A 96 42.01 -28.39 8.43
CA GLU A 96 42.20 -27.11 9.16
C GLU A 96 41.04 -26.91 10.13
N PHE A 97 39.81 -27.24 9.71
CA PHE A 97 38.60 -27.09 10.55
C PHE A 97 38.69 -28.14 11.66
N ALA A 98 39.03 -29.38 11.32
CA ALA A 98 39.09 -30.52 12.26
C ALA A 98 40.19 -30.25 13.31
N ASP A 99 41.30 -29.64 12.89
CA ASP A 99 42.44 -29.18 13.73
C ASP A 99 41.90 -28.19 14.77
N ALA A 100 41.15 -27.20 14.30
CA ALA A 100 40.53 -26.14 15.14
C ALA A 100 39.42 -26.74 16.03
N ALA A 101 38.71 -27.75 15.54
CA ALA A 101 37.49 -28.31 16.18
C ALA A 101 37.86 -29.12 17.43
N ILE A 102 38.95 -29.89 17.33
CA ILE A 102 39.57 -30.64 18.46
C ILE A 102 40.20 -29.63 19.43
N THR A 103 41.05 -28.74 18.89
CA THR A 103 41.74 -27.67 19.64
C THR A 103 40.68 -26.91 20.44
N GLY A 104 39.62 -26.48 19.77
CA GLY A 104 38.42 -25.92 20.40
C GLY A 104 37.91 -26.80 21.52
N LEU A 105 37.61 -28.06 21.22
CA LEU A 105 37.04 -28.99 22.23
C LEU A 105 37.98 -29.09 23.44
N ALA A 106 39.26 -29.37 23.20
CA ALA A 106 40.31 -29.43 24.26
C ALA A 106 40.16 -28.19 25.17
N SER A 107 40.18 -26.99 24.57
CA SER A 107 40.00 -25.68 25.23
C SER A 107 38.51 -25.38 25.44
N ALA A 108 37.93 -25.83 26.56
CA ALA A 108 36.51 -25.59 26.92
C ALA A 108 36.29 -25.95 28.39
N PRO A 109 35.42 -25.25 29.13
CA PRO A 109 35.29 -25.43 30.57
C PRO A 109 34.46 -26.68 30.90
N ILE A 110 35.07 -27.87 30.78
CA ILE A 110 34.33 -29.17 30.80
C ILE A 110 35.18 -30.22 31.49
N PRO A 111 34.54 -31.17 32.22
CA PRO A 111 35.23 -32.37 32.68
C PRO A 111 35.87 -33.11 31.49
N PRO A 112 37.17 -33.51 31.57
CA PRO A 112 37.82 -34.18 30.45
C PRO A 112 37.10 -35.46 29.97
N GLU A 113 36.27 -36.06 30.82
CA GLU A 113 35.51 -37.29 30.45
C GLU A 113 34.56 -36.98 29.28
N TYR A 114 33.88 -35.83 29.31
CA TYR A 114 32.93 -35.39 28.25
C TYR A 114 33.70 -35.06 26.98
N LYS A 115 34.95 -34.64 27.17
CA LYS A 115 35.89 -34.19 26.11
C LYS A 115 36.29 -35.38 25.22
N PHE A 116 36.60 -36.53 25.83
CA PHE A 116 36.94 -37.79 25.12
C PHE A 116 35.75 -38.19 24.27
N GLN A 117 34.57 -38.27 24.87
CA GLN A 117 33.27 -38.65 24.23
C GLN A 117 32.99 -37.79 22.99
N ALA A 118 33.19 -36.47 23.09
CA ALA A 118 32.89 -35.49 22.03
C ALA A 118 33.91 -35.64 20.90
N ILE A 119 35.19 -35.61 21.25
CA ILE A 119 36.30 -35.66 20.26
C ILE A 119 36.17 -36.97 19.47
N GLY A 120 35.87 -38.08 20.16
CA GLY A 120 35.73 -39.43 19.57
C GLY A 120 34.57 -39.53 18.59
N SER A 121 33.41 -38.96 18.95
CA SER A 121 32.21 -38.86 18.09
C SER A 121 32.57 -38.08 16.83
N PHE A 122 33.14 -36.89 17.00
CA PHE A 122 33.58 -36.03 15.87
C PHE A 122 34.49 -36.87 14.94
N GLY A 123 35.33 -37.74 15.53
CA GLY A 123 36.16 -38.70 14.79
C GLY A 123 35.31 -39.64 13.94
N GLU A 124 34.27 -40.22 14.53
CA GLU A 124 33.38 -41.19 13.84
C GLU A 124 32.66 -40.46 12.70
N LEU A 125 32.21 -39.23 12.93
CA LEU A 125 31.57 -38.36 11.90
C LEU A 125 32.64 -37.99 10.86
N TRP A 126 33.84 -37.65 11.29
CA TRP A 126 34.97 -37.30 10.39
C TRP A 126 35.30 -38.46 9.42
N ASN A 127 35.66 -39.61 9.98
CA ASN A 127 36.06 -40.81 9.20
C ASN A 127 34.86 -41.37 8.42
N GLY A 128 33.68 -41.41 9.06
CA GLY A 128 32.44 -41.99 8.49
C GLY A 128 31.87 -41.19 7.32
N ALA A 129 31.79 -39.86 7.42
CA ALA A 129 30.96 -39.03 6.50
C ALA A 129 31.67 -37.75 6.02
N LEU A 130 32.19 -36.94 6.94
CA LEU A 130 32.45 -35.50 6.70
C LEU A 130 33.78 -35.30 5.95
N GLY A 131 34.76 -36.15 6.21
CA GLY A 131 36.15 -35.95 5.75
C GLY A 131 36.27 -36.09 4.23
N ARG A 132 37.19 -35.36 3.63
CA ARG A 132 37.45 -35.40 2.15
C ARG A 132 37.61 -36.85 1.67
N THR A 133 38.19 -37.72 2.50
CA THR A 133 38.38 -39.17 2.16
C THR A 133 36.99 -39.84 2.17
N ALA A 134 36.24 -39.82 3.27
CA ALA A 134 34.87 -40.38 3.31
C ALA A 134 34.09 -39.90 2.07
N LEU A 135 34.11 -38.60 1.79
CA LEU A 135 33.42 -37.96 0.62
C LEU A 135 33.78 -38.68 -0.69
N ILE A 136 35.08 -38.78 -0.98
CA ILE A 136 35.58 -39.37 -2.25
C ILE A 136 35.21 -40.86 -2.27
N GLU A 137 35.28 -41.55 -1.14
CA GLU A 137 34.83 -42.97 -1.04
C GLU A 137 33.32 -43.01 -1.28
N ASP A 138 32.55 -42.15 -0.60
CA ASP A 138 31.06 -42.12 -0.63
C ASP A 138 30.59 -41.93 -2.08
N PHE A 139 31.13 -40.92 -2.75
CA PHE A 139 30.84 -40.59 -4.17
C PHE A 139 31.11 -41.81 -5.06
N THR A 140 32.29 -42.42 -4.89
CA THR A 140 32.85 -43.48 -5.78
C THR A 140 32.04 -44.78 -5.62
N ARG A 141 31.55 -45.08 -4.41
CA ARG A 141 30.73 -46.29 -4.13
C ARG A 141 29.37 -46.14 -4.81
N HIS A 142 28.88 -44.90 -4.95
CA HIS A 142 27.47 -44.59 -5.28
C HIS A 142 27.31 -44.27 -6.76
N THR A 143 28.20 -43.47 -7.36
CA THR A 143 28.12 -43.12 -8.80
C THR A 143 28.82 -44.21 -9.61
N GLY A 144 29.97 -44.69 -9.13
CA GLY A 144 30.84 -45.63 -9.86
C GLY A 144 32.02 -44.90 -10.50
N TYR A 145 31.84 -43.61 -10.79
CA TYR A 145 32.97 -42.70 -11.10
C TYR A 145 33.85 -42.61 -9.85
N ALA A 146 35.17 -42.75 -10.00
CA ALA A 146 36.15 -42.57 -8.90
C ALA A 146 36.63 -41.11 -8.92
N LEU A 147 36.17 -40.31 -7.97
CA LEU A 147 36.25 -38.83 -8.06
C LEU A 147 37.68 -38.37 -7.84
N PRO A 148 38.37 -37.82 -8.87
CA PRO A 148 39.72 -37.29 -8.68
C PRO A 148 39.69 -36.13 -7.68
N ASP A 149 40.59 -36.16 -6.70
CA ASP A 149 40.78 -35.09 -5.69
C ASP A 149 40.75 -33.72 -6.38
N GLU A 150 41.36 -33.61 -7.55
CA GLU A 150 41.41 -32.39 -8.39
C GLU A 150 39.98 -31.84 -8.62
N LYS A 151 39.03 -32.72 -8.94
CA LYS A 151 37.66 -32.37 -9.42
C LYS A 151 36.71 -32.05 -8.25
N LEU A 152 37.10 -32.31 -6.99
CA LEU A 152 36.24 -32.06 -5.81
C LEU A 152 36.68 -30.77 -5.10
N ILE A 153 35.76 -29.82 -4.97
CA ILE A 153 35.93 -28.55 -4.20
C ILE A 153 34.81 -28.49 -3.19
N THR A 154 35.14 -28.48 -1.90
CA THR A 154 34.16 -28.30 -0.81
C THR A 154 33.97 -26.79 -0.59
N VAL A 155 32.72 -26.34 -0.51
CA VAL A 155 32.36 -24.92 -0.27
C VAL A 155 31.90 -24.78 1.16
N PRO A 156 32.39 -23.75 1.89
CA PRO A 156 31.86 -23.41 3.21
C PRO A 156 30.33 -23.30 3.21
N HIS A 157 29.66 -24.13 4.01
CA HIS A 157 28.18 -24.21 4.08
C HIS A 157 27.53 -22.83 3.95
N HIS A 158 27.88 -21.88 4.82
CA HIS A 158 27.27 -20.52 4.80
C HIS A 158 27.55 -19.83 3.46
N ARG A 159 28.71 -20.07 2.87
CA ARG A 159 29.08 -19.46 1.57
C ARG A 159 28.20 -20.06 0.48
N ALA A 160 27.75 -21.31 0.66
CA ALA A 160 26.91 -22.03 -0.31
C ALA A 160 25.49 -21.45 -0.31
N HIS A 161 24.94 -21.20 0.90
CA HIS A 161 23.70 -20.39 1.10
C HIS A 161 23.85 -19.06 0.37
N LEU A 162 24.97 -18.36 0.60
CA LEU A 162 25.17 -17.03 0.00
C LEU A 162 25.06 -17.15 -1.53
N ALA A 163 25.71 -18.15 -2.11
CA ALA A 163 25.82 -18.34 -3.57
C ALA A 163 24.44 -18.62 -4.15
N CYS A 164 23.54 -19.26 -3.40
CA CYS A 164 22.16 -19.57 -3.85
C CYS A 164 21.40 -18.26 -4.02
N GLY A 165 21.30 -17.46 -2.94
CA GLY A 165 20.68 -16.11 -2.92
C GLY A 165 21.15 -15.19 -4.06
N ARG A 166 22.46 -15.09 -4.29
CA ARG A 166 23.05 -14.20 -5.33
C ARG A 166 22.56 -14.63 -6.70
N THR A 167 22.44 -15.94 -6.95
CA THR A 167 22.06 -16.52 -8.25
C THR A 167 20.65 -16.02 -8.66
N PHE A 168 19.77 -15.79 -7.67
CA PHE A 168 18.32 -15.58 -7.90
C PHE A 168 17.85 -14.17 -7.52
N SER A 169 18.57 -13.46 -6.63
CA SER A 169 18.18 -12.14 -6.05
C SER A 169 17.95 -11.06 -7.13
N GLY A 170 18.79 -11.06 -8.18
CA GLY A 170 18.78 -10.06 -9.27
C GLY A 170 19.73 -8.93 -9.01
N LEU A 171 20.23 -8.84 -7.77
CA LEU A 171 21.02 -7.70 -7.25
C LEU A 171 22.45 -7.76 -7.79
N GLY A 172 23.17 -6.66 -7.62
CA GLY A 172 24.63 -6.59 -7.69
C GLY A 172 25.17 -6.43 -6.28
N ASP A 173 25.97 -5.40 -6.03
CA ASP A 173 26.52 -5.10 -4.68
C ASP A 173 25.34 -5.15 -3.70
N ALA A 174 25.46 -6.00 -2.68
CA ALA A 174 24.42 -6.19 -1.65
C ALA A 174 25.06 -6.55 -0.31
N ALA A 175 24.46 -6.11 0.79
CA ALA A 175 24.71 -6.62 2.16
C ALA A 175 24.09 -8.02 2.22
N PHE A 176 24.42 -8.83 3.24
CA PHE A 176 23.78 -10.16 3.46
C PHE A 176 23.88 -10.61 4.91
N LEU A 177 22.89 -11.42 5.27
CA LEU A 177 22.84 -12.21 6.53
C LEU A 177 22.60 -13.67 6.15
N ILE A 178 23.48 -14.57 6.59
CA ILE A 178 23.21 -16.03 6.61
C ILE A 178 22.94 -16.39 8.08
N ASN A 179 21.80 -17.00 8.36
CA ASN A 179 21.49 -17.46 9.73
C ASN A 179 20.84 -18.85 9.63
N ASP A 180 21.63 -19.91 9.78
CA ASP A 180 21.11 -21.30 9.67
C ASP A 180 21.30 -22.01 11.00
N GLY A 181 20.83 -23.26 11.09
CA GLY A 181 20.94 -24.01 12.34
C GLY A 181 22.37 -24.32 12.71
N GLN A 182 23.14 -24.89 11.79
CA GLN A 182 24.56 -25.12 12.12
C GLN A 182 25.41 -25.31 10.87
N ALA A 183 26.56 -24.66 10.83
CA ALA A 183 27.50 -24.84 9.72
C ALA A 183 28.67 -25.68 10.22
N GLU A 184 29.79 -25.60 9.53
CA GLU A 184 30.97 -26.30 10.06
C GLU A 184 31.20 -25.79 11.49
N ALA A 185 31.35 -24.48 11.66
CA ALA A 185 31.67 -23.93 13.00
C ALA A 185 30.70 -22.80 13.36
N ASP A 186 30.24 -22.06 12.37
CA ASP A 186 29.35 -20.89 12.63
C ASP A 186 27.87 -21.30 12.58
N SER A 187 26.99 -20.52 13.24
CA SER A 187 25.50 -20.64 13.19
C SER A 187 24.87 -19.46 12.44
N ALA A 188 25.68 -18.46 12.07
CA ALA A 188 25.23 -17.25 11.37
C ALA A 188 26.42 -16.35 11.10
N ILE A 189 26.39 -15.65 9.97
CA ILE A 189 27.42 -14.66 9.57
C ILE A 189 26.74 -13.54 8.80
N MET A 190 27.42 -12.42 8.69
CA MET A 190 27.00 -11.28 7.84
C MET A 190 28.24 -10.74 7.18
N GLY A 191 28.06 -10.02 6.09
CA GLY A 191 29.13 -9.40 5.30
C GLY A 191 28.52 -8.60 4.18
N GLU A 192 29.27 -8.43 3.11
CA GLU A 192 28.75 -7.76 1.91
C GLU A 192 29.41 -8.32 0.65
N VAL A 193 28.73 -8.14 -0.47
CA VAL A 193 29.22 -8.43 -1.82
C VAL A 193 29.43 -7.06 -2.45
N ARG A 194 30.63 -6.81 -2.96
CA ARG A 194 30.99 -5.56 -3.65
C ARG A 194 31.69 -5.92 -4.95
N ASP A 195 31.07 -5.56 -6.08
CA ASP A 195 31.65 -5.62 -7.45
C ASP A 195 32.30 -6.99 -7.65
N GLY A 196 31.56 -8.06 -7.30
CA GLY A 196 31.93 -9.47 -7.54
C GLY A 196 32.49 -10.16 -6.31
N LYS A 197 33.07 -9.40 -5.37
CA LYS A 197 33.89 -9.93 -4.24
C LYS A 197 33.05 -10.03 -2.96
N VAL A 198 32.85 -11.24 -2.46
CA VAL A 198 32.19 -11.51 -1.14
C VAL A 198 33.16 -11.10 -0.05
N GLU A 199 32.68 -10.47 1.03
CA GLU A 199 33.52 -10.20 2.22
C GLU A 199 32.67 -10.44 3.46
N VAL A 200 33.07 -11.40 4.30
CA VAL A 200 32.42 -11.72 5.61
C VAL A 200 32.95 -10.74 6.66
N PHE A 201 32.08 -9.97 7.30
CA PHE A 201 32.41 -9.21 8.53
C PHE A 201 32.44 -10.21 9.70
N GLU A 202 33.65 -10.70 10.01
CA GLU A 202 33.90 -11.79 10.99
C GLU A 202 33.48 -11.33 12.39
N ARG A 203 33.35 -10.02 12.60
CA ARG A 203 32.99 -9.40 13.90
C ARG A 203 31.56 -9.79 14.32
N PHE A 204 30.69 -10.22 13.39
CA PHE A 204 29.27 -10.57 13.68
C PHE A 204 29.05 -12.08 13.76
N THR A 205 30.03 -12.85 13.26
CA THR A 205 30.01 -14.33 13.13
C THR A 205 29.61 -14.94 14.48
N ILE A 206 28.46 -15.60 14.57
CA ILE A 206 27.94 -16.23 15.81
C ILE A 206 28.33 -17.70 15.77
N ASP A 207 28.84 -18.26 16.87
CA ASP A 207 29.26 -19.69 16.93
C ASP A 207 28.00 -20.58 16.95
N ALA A 208 28.19 -21.90 16.88
CA ALA A 208 27.13 -22.91 16.66
C ALA A 208 26.47 -23.32 17.98
N LYS A 209 27.08 -22.97 19.11
CA LYS A 209 26.49 -23.19 20.46
C LYS A 209 25.51 -22.05 20.75
N ASN A 210 25.75 -20.87 20.16
CA ASN A 210 24.84 -19.70 20.19
C ASN A 210 23.99 -19.68 18.90
N SER A 211 23.21 -20.75 18.68
CA SER A 211 22.43 -20.97 17.44
C SER A 211 20.99 -20.51 17.62
N LEU A 212 20.63 -19.39 16.98
CA LEU A 212 19.26 -18.82 17.01
C LEU A 212 18.28 -19.82 16.40
N ALA A 213 18.68 -20.42 15.28
CA ALA A 213 17.84 -21.34 14.47
C ALA A 213 17.53 -22.61 15.28
N GLN A 214 18.54 -23.15 15.96
CA GLN A 214 18.42 -24.40 16.76
C GLN A 214 17.65 -24.14 18.07
N LEU A 215 17.61 -22.88 18.55
CA LEU A 215 16.74 -22.49 19.69
C LEU A 215 15.28 -22.66 19.27
N PHE A 216 14.90 -22.08 18.13
CA PHE A 216 13.55 -22.25 17.54
C PHE A 216 13.28 -23.74 17.38
N ALA A 217 14.26 -24.51 16.88
CA ALA A 217 14.15 -25.97 16.70
C ALA A 217 13.83 -26.68 18.02
N ASN A 218 14.60 -26.37 19.09
CA ASN A 218 14.37 -26.94 20.44
C ASN A 218 12.91 -26.65 20.84
N ILE A 219 12.46 -25.41 20.65
CA ILE A 219 11.07 -24.94 20.97
C ILE A 219 10.04 -25.80 20.21
N THR A 220 10.32 -26.10 18.94
CA THR A 220 9.44 -26.92 18.07
C THR A 220 9.36 -28.32 18.67
N ARG A 221 10.49 -28.90 19.06
CA ARG A 221 10.58 -30.20 19.79
C ARG A 221 9.78 -30.12 21.09
N TYR A 222 10.03 -29.08 21.88
CA TYR A 222 9.38 -28.83 23.19
C TYR A 222 7.86 -29.03 23.06
N LEU A 223 7.26 -28.45 22.02
CA LEU A 223 5.78 -28.41 21.83
C LEU A 223 5.25 -29.68 21.12
N GLY A 224 6.06 -30.75 21.03
CA GLY A 224 5.65 -32.08 20.53
C GLY A 224 5.59 -32.14 19.01
N PHE A 225 6.34 -31.25 18.35
CA PHE A 225 6.46 -31.17 16.87
C PHE A 225 7.84 -31.67 16.47
N THR A 226 8.04 -31.94 15.18
CA THR A 226 9.32 -32.47 14.64
C THR A 226 10.26 -31.30 14.38
N PRO A 227 11.34 -31.14 15.17
CA PRO A 227 12.28 -30.09 14.90
C PRO A 227 12.93 -30.32 13.53
N ASN A 228 13.15 -29.26 12.76
CA ASN A 228 13.84 -29.37 11.46
C ASN A 228 12.90 -29.97 10.41
N ASN A 229 11.61 -30.07 10.71
CA ASN A 229 10.62 -30.52 9.70
C ASN A 229 9.32 -29.74 9.95
N ASP A 230 9.09 -29.24 11.17
CA ASP A 230 7.76 -28.62 11.49
C ASP A 230 7.85 -27.27 12.21
N GLU A 231 8.82 -26.43 11.88
CA GLU A 231 9.00 -25.13 12.59
C GLU A 231 7.91 -24.15 12.20
N TYR A 232 7.32 -24.30 11.02
CA TYR A 232 6.27 -23.39 10.51
C TYR A 232 5.05 -23.50 11.41
N LYS A 233 4.93 -24.62 12.09
CA LYS A 233 3.77 -24.86 13.01
C LYS A 233 3.86 -23.85 14.16
N VAL A 234 5.07 -23.56 14.63
CA VAL A 234 5.30 -22.51 15.66
C VAL A 234 4.97 -21.16 15.04
N MET A 235 5.64 -20.77 13.96
CA MET A 235 5.31 -19.53 13.20
C MET A 235 3.80 -19.43 13.04
N GLY A 236 3.18 -20.53 12.61
CA GLY A 236 1.72 -20.67 12.42
C GLY A 236 0.97 -20.32 13.68
N LEU A 237 1.41 -20.86 14.83
CA LEU A 237 0.71 -20.73 16.13
C LEU A 237 0.89 -19.31 16.69
N ALA A 238 2.00 -18.63 16.39
CA ALA A 238 2.22 -17.21 16.74
C ALA A 238 1.12 -16.34 16.10
N GLY A 239 0.38 -16.89 15.14
CA GLY A 239 -0.74 -16.23 14.46
C GLY A 239 -1.95 -16.03 15.37
N PHE A 240 -2.25 -16.98 16.25
CA PHE A 240 -3.48 -16.97 17.08
C PHE A 240 -3.22 -16.30 18.44
N GLY A 241 -2.13 -15.54 18.61
CA GLY A 241 -1.74 -15.01 19.93
C GLY A 241 -1.21 -13.59 19.85
N LYS A 242 -1.20 -12.88 20.99
CA LYS A 242 -0.63 -11.51 21.13
C LYS A 242 0.81 -11.64 21.63
N ALA A 243 1.73 -10.91 21.00
CA ALA A 243 3.15 -10.78 21.42
C ALA A 243 3.19 -10.17 22.81
N PRO A 244 4.06 -10.63 23.71
CA PRO A 244 4.25 -9.98 25.01
C PRO A 244 5.01 -8.66 24.81
N ASP A 245 5.20 -7.88 25.88
CA ASP A 245 6.23 -6.79 25.90
C ASP A 245 7.58 -7.51 25.81
N GLU A 246 8.56 -6.96 25.08
CA GLU A 246 9.91 -7.57 24.89
C GLU A 246 10.60 -7.73 26.25
N GLN A 247 10.26 -6.88 27.24
CA GLN A 247 10.74 -6.94 28.65
C GLN A 247 9.99 -8.03 29.42
N ASP A 248 8.89 -8.56 28.86
CA ASP A 248 8.00 -9.58 29.48
C ASP A 248 8.16 -10.93 28.78
N ASN A 249 9.14 -11.05 27.87
CA ASN A 249 9.36 -12.27 27.04
C ASN A 249 10.37 -13.17 27.73
N PRO A 250 9.93 -14.21 28.49
CA PRO A 250 10.84 -15.04 29.28
C PRO A 250 12.09 -15.46 28.48
N LEU A 251 11.92 -15.91 27.23
CA LEU A 251 13.03 -16.40 26.37
C LEU A 251 14.03 -15.28 26.05
N LEU A 252 13.60 -14.01 26.07
CA LEU A 252 14.43 -12.84 25.68
C LEU A 252 15.22 -12.26 26.88
N THR A 253 15.08 -12.83 28.08
CA THR A 253 15.70 -12.32 29.34
C THR A 253 16.52 -13.40 30.05
N LYS A 254 16.05 -14.65 30.08
CA LYS A 254 16.67 -15.76 30.87
C LYS A 254 17.37 -16.77 29.97
N VAL A 255 17.24 -16.66 28.64
CA VAL A 255 17.84 -17.58 27.63
C VAL A 255 18.78 -16.80 26.70
N VAL A 256 18.26 -15.82 25.97
CA VAL A 256 19.00 -15.06 24.91
C VAL A 256 19.42 -13.71 25.48
N THR A 257 20.66 -13.29 25.22
CA THR A 257 21.25 -12.01 25.69
C THR A 257 21.75 -11.27 24.46
N LEU A 258 21.28 -10.03 24.21
CA LEU A 258 21.73 -9.18 23.08
C LEU A 258 23.03 -8.47 23.46
N GLU A 259 24.10 -8.66 22.70
CA GLU A 259 25.44 -8.05 22.94
C GLU A 259 25.67 -7.01 21.87
N GLU A 260 26.61 -6.07 22.09
CA GLU A 260 26.98 -5.01 21.12
C GLU A 260 27.57 -5.65 19.87
N GLY A 261 27.51 -4.95 18.74
CA GLY A 261 27.96 -5.45 17.43
C GLY A 261 26.97 -6.44 16.84
N GLY A 262 25.67 -6.27 17.14
CA GLY A 262 24.57 -7.13 16.68
C GLY A 262 24.79 -8.60 17.04
N ARG A 263 25.49 -8.87 18.14
CA ARG A 263 25.80 -10.25 18.58
C ARG A 263 24.74 -10.68 19.59
N TYR A 264 24.82 -11.92 20.04
CA TYR A 264 23.85 -12.55 20.97
C TYR A 264 24.47 -13.86 21.46
N SER A 265 24.04 -14.34 22.62
CA SER A 265 24.54 -15.61 23.22
C SER A 265 23.39 -16.28 23.98
N LEU A 266 23.57 -17.55 24.34
CA LEU A 266 22.49 -18.38 24.93
C LEU A 266 22.97 -18.94 26.27
N ALA A 267 22.14 -18.79 27.31
CA ALA A 267 22.22 -19.61 28.54
C ALA A 267 22.20 -21.08 28.11
N LEU A 268 22.93 -21.94 28.82
CA LEU A 268 23.01 -23.41 28.56
C LEU A 268 23.53 -23.66 27.13
N ALA A 269 24.41 -22.79 26.60
CA ALA A 269 25.16 -23.00 25.33
C ALA A 269 26.32 -23.98 25.58
N ASN A 270 26.79 -24.07 26.83
CA ASN A 270 27.99 -24.87 27.20
C ASN A 270 27.61 -26.05 28.10
N ASP A 271 26.32 -26.16 28.46
CA ASP A 271 25.81 -27.32 29.25
C ASP A 271 26.08 -28.59 28.44
N PRO A 272 26.78 -29.60 29.01
CA PRO A 272 27.23 -30.75 28.22
C PRO A 272 26.15 -31.84 28.13
N ARG A 273 24.91 -31.51 28.52
CA ARG A 273 23.71 -32.34 28.22
C ARG A 273 23.30 -32.09 26.75
N GLY A 274 24.01 -31.22 26.02
CA GLY A 274 23.72 -30.87 24.62
C GLY A 274 22.64 -29.79 24.54
N PRO A 275 21.68 -29.88 23.58
CA PRO A 275 20.56 -28.95 23.49
C PRO A 275 19.31 -29.37 24.27
N ARG A 276 19.26 -30.62 24.74
CA ARG A 276 18.04 -31.11 25.42
C ARG A 276 17.98 -30.44 26.78
N ALA A 277 19.06 -29.77 27.17
CA ALA A 277 19.12 -29.08 28.48
C ALA A 277 18.03 -28.02 28.56
N TYR A 278 17.66 -27.42 27.44
CA TYR A 278 16.68 -26.31 27.45
C TYR A 278 15.29 -26.81 27.79
N ASP A 279 15.07 -28.12 27.70
CA ASP A 279 13.70 -28.66 27.95
C ASP A 279 13.19 -28.26 29.32
N PRO A 280 13.87 -28.60 30.44
CA PRO A 280 13.39 -28.22 31.78
C PRO A 280 13.40 -26.71 32.00
N LEU A 281 14.38 -25.97 31.47
CA LEU A 281 14.46 -24.48 31.59
C LEU A 281 13.20 -23.86 30.96
N PHE A 282 12.66 -24.46 29.90
CA PHE A 282 11.43 -23.96 29.21
C PHE A 282 10.22 -24.20 30.14
N ASP A 283 10.16 -25.35 30.83
CA ASP A 283 9.10 -25.65 31.83
C ASP A 283 9.14 -24.59 32.93
N GLU A 284 10.36 -24.18 33.35
CA GLU A 284 10.63 -23.18 34.41
C GLU A 284 10.26 -21.76 33.94
N LEU A 285 9.85 -21.56 32.69
CA LEU A 285 9.52 -20.20 32.15
C LEU A 285 8.04 -20.12 31.69
N PHE A 286 7.34 -21.24 31.54
CA PHE A 286 6.02 -21.29 30.85
C PHE A 286 5.00 -22.18 31.57
N ASP A 287 5.24 -22.56 32.83
CA ASP A 287 4.32 -23.40 33.64
C ASP A 287 4.31 -24.85 33.10
N GLY A 288 5.30 -25.23 32.31
CA GLY A 288 5.28 -26.49 31.52
C GLY A 288 5.17 -27.73 32.38
N ASN A 289 4.30 -28.68 32.01
CA ASN A 289 4.18 -30.03 32.63
C ASN A 289 3.63 -30.99 31.57
N ASP A 290 3.21 -32.20 31.96
CA ASP A 290 2.82 -33.31 31.03
C ASP A 290 1.31 -33.31 30.75
N ASP A 291 0.62 -32.19 30.99
CA ASP A 291 -0.82 -32.11 30.67
C ASP A 291 -1.06 -30.69 30.17
N ASN A 292 0.03 -29.97 29.90
CA ASN A 292 -0.11 -28.56 29.48
C ASN A 292 0.74 -28.25 28.24
N ARG A 293 1.85 -28.96 28.04
CA ARG A 293 2.79 -28.59 26.93
C ARG A 293 2.17 -28.81 25.55
N GLN A 294 1.58 -29.98 25.31
CA GLN A 294 1.02 -30.27 23.97
C GLN A 294 -0.40 -29.71 23.92
N GLU A 295 -0.69 -28.76 24.80
CA GLU A 295 -2.04 -28.14 24.81
C GLU A 295 -2.01 -26.94 23.87
N PHE A 296 -3.16 -26.36 23.59
CA PHE A 296 -3.20 -25.32 22.53
C PHE A 296 -2.68 -23.98 23.09
N ASP A 297 -3.41 -23.36 24.03
CA ASP A 297 -3.16 -21.97 24.50
C ASP A 297 -1.70 -21.89 24.96
N PHE A 298 -1.20 -23.00 25.51
CA PHE A 298 0.23 -23.20 25.86
C PHE A 298 1.06 -23.02 24.58
N ARG A 299 0.84 -23.91 23.60
CA ARG A 299 1.56 -23.91 22.29
C ARG A 299 1.57 -22.48 21.73
N VAL A 300 0.46 -21.75 21.88
CA VAL A 300 0.29 -20.36 21.33
C VAL A 300 1.20 -19.38 22.10
N ARG A 301 1.24 -19.48 23.43
CA ARG A 301 1.96 -18.49 24.29
C ARG A 301 3.45 -18.61 23.98
N VAL A 302 3.95 -19.86 24.01
CA VAL A 302 5.36 -20.22 23.68
C VAL A 302 5.65 -19.66 22.30
N ALA A 303 4.89 -20.11 21.30
CA ALA A 303 5.04 -19.75 19.87
C ALA A 303 5.31 -18.26 19.73
N CYS A 304 4.45 -17.42 20.30
CA CYS A 304 4.55 -15.93 20.25
C CYS A 304 5.92 -15.53 20.77
N ALA A 305 6.32 -16.11 21.90
CA ALA A 305 7.60 -15.83 22.59
C ALA A 305 8.77 -16.14 21.63
N ALA A 306 8.80 -17.37 21.12
CA ALA A 306 9.84 -17.88 20.20
C ALA A 306 9.91 -16.98 18.96
N GLN A 307 8.75 -16.70 18.36
CA GLN A 307 8.59 -15.85 17.14
C GLN A 307 9.18 -14.47 17.40
N GLN A 308 8.89 -13.91 18.58
CA GLN A 308 9.40 -12.57 18.98
C GLN A 308 10.94 -12.61 19.14
N VAL A 309 11.48 -13.67 19.76
CA VAL A 309 12.97 -13.88 19.85
C VAL A 309 13.55 -13.78 18.44
N ILE A 310 13.01 -14.58 17.52
CA ILE A 310 13.40 -14.60 16.07
C ILE A 310 13.42 -13.16 15.54
N GLU A 311 12.28 -12.46 15.65
CA GLU A 311 12.08 -11.08 15.14
C GLU A 311 13.09 -10.14 15.82
N ALA A 312 13.32 -10.37 17.11
CA ALA A 312 14.11 -9.47 17.99
C ALA A 312 15.60 -9.59 17.66
N VAL A 313 16.11 -10.82 17.63
CA VAL A 313 17.56 -11.14 17.42
C VAL A 313 17.95 -10.72 15.99
N THR A 314 17.21 -11.17 14.97
CA THR A 314 17.55 -10.91 13.55
C THR A 314 17.51 -9.41 13.30
N ALA A 315 16.57 -8.70 13.95
CA ALA A 315 16.42 -7.23 13.85
C ALA A 315 17.72 -6.56 14.32
N HIS A 316 18.26 -7.01 15.46
CA HIS A 316 19.53 -6.53 16.05
C HIS A 316 20.66 -6.77 15.04
N GLN A 317 20.87 -8.02 14.65
CA GLN A 317 21.91 -8.42 13.65
C GLN A 317 21.94 -7.41 12.51
N LEU A 318 20.78 -7.05 11.98
CA LEU A 318 20.64 -6.27 10.71
C LEU A 318 20.86 -4.77 10.96
N ARG A 319 20.35 -4.27 12.09
CA ARG A 319 20.66 -2.92 12.62
C ARG A 319 22.18 -2.70 12.59
N ALA A 320 22.95 -3.53 13.31
CA ALA A 320 24.43 -3.56 13.29
C ALA A 320 24.93 -3.46 11.84
N LEU A 321 24.47 -4.37 10.96
CA LEU A 321 24.94 -4.47 9.55
C LEU A 321 24.62 -3.17 8.81
N ALA A 322 23.59 -2.44 9.27
CA ALA A 322 23.17 -1.11 8.74
C ALA A 322 24.33 -0.11 8.82
N GLU A 323 24.93 0.04 10.01
CA GLU A 323 26.09 0.94 10.26
C GLU A 323 27.34 0.37 9.59
N ALA A 324 27.55 -0.95 9.70
CA ALA A 324 28.70 -1.70 9.16
C ALA A 324 28.91 -1.42 7.66
N THR A 325 27.86 -1.09 6.91
CA THR A 325 27.96 -0.77 5.45
C THR A 325 26.89 0.24 5.03
N GLU A 326 27.08 0.86 3.86
CA GLU A 326 26.16 1.88 3.28
C GLU A 326 24.99 1.17 2.57
N LEU A 327 25.29 0.07 1.84
CA LEU A 327 24.38 -0.72 0.97
C LEU A 327 23.06 -1.03 1.68
N ARG A 328 21.94 -0.99 0.93
CA ARG A 328 20.56 -1.18 1.48
C ARG A 328 19.76 -2.21 0.65
N ASP A 329 20.42 -2.95 -0.25
CA ASP A 329 19.86 -4.15 -0.93
C ASP A 329 20.40 -5.39 -0.21
N LEU A 330 19.54 -6.16 0.48
CA LEU A 330 19.94 -7.26 1.41
C LEU A 330 19.68 -8.65 0.78
N ILE A 331 20.62 -9.60 0.96
CA ILE A 331 20.41 -11.05 0.71
C ILE A 331 20.28 -11.76 2.08
N PHE A 332 19.11 -12.30 2.38
CA PHE A 332 18.88 -13.11 3.60
C PHE A 332 18.74 -14.57 3.14
N GLU A 333 19.66 -15.42 3.55
CA GLU A 333 19.67 -16.88 3.22
C GLU A 333 19.93 -17.67 4.50
N GLY A 334 19.74 -18.99 4.41
CA GLY A 334 19.81 -19.89 5.57
C GLY A 334 18.41 -20.15 6.10
N GLY A 335 18.29 -21.10 7.01
CA GLY A 335 17.01 -21.70 7.39
C GLY A 335 16.12 -20.77 8.19
N LEU A 336 16.66 -19.74 8.82
CA LEU A 336 15.81 -18.80 9.60
C LEU A 336 15.08 -17.87 8.63
N ALA A 337 15.52 -17.79 7.37
CA ALA A 337 14.81 -17.08 6.28
C ALA A 337 13.60 -17.90 5.82
N LEU A 338 13.39 -19.08 6.40
CA LEU A 338 12.14 -19.86 6.23
C LEU A 338 11.00 -19.23 7.03
N ASN A 339 11.28 -18.35 8.00
CA ASN A 339 10.24 -17.64 8.79
C ASN A 339 9.73 -16.45 7.96
N CYS A 340 8.75 -16.70 7.10
CA CYS A 340 8.31 -15.75 6.05
C CYS A 340 7.66 -14.54 6.75
N VAL A 341 7.00 -14.76 7.91
CA VAL A 341 6.44 -13.67 8.76
C VAL A 341 7.57 -12.70 9.07
N ASN A 342 8.64 -13.22 9.65
CA ASN A 342 9.80 -12.43 10.11
C ASN A 342 10.41 -11.71 8.90
N ASN A 343 10.38 -12.32 7.71
CA ASN A 343 11.08 -11.76 6.51
C ASN A 343 10.44 -10.43 6.12
N THR A 344 9.12 -10.39 6.06
CA THR A 344 8.34 -9.15 5.78
C THR A 344 8.72 -8.08 6.81
N LYS A 345 8.77 -8.44 8.10
CA LYS A 345 9.01 -7.49 9.22
C LYS A 345 10.38 -6.81 9.08
N LEU A 346 11.43 -7.59 8.80
CA LEU A 346 12.81 -7.11 8.52
C LEU A 346 12.77 -6.06 7.41
N LEU A 347 12.09 -6.36 6.31
CA LEU A 347 11.96 -5.47 5.12
C LEU A 347 11.32 -4.14 5.54
N GLU A 348 10.14 -4.20 6.17
CA GLU A 348 9.27 -3.03 6.51
C GLU A 348 9.87 -2.23 7.69
N GLU A 349 10.31 -2.90 8.77
CA GLU A 349 10.66 -2.25 10.06
C GLU A 349 12.16 -1.87 10.11
N LEU A 350 12.98 -2.30 9.16
CA LEU A 350 14.44 -1.98 9.13
C LEU A 350 14.80 -1.21 7.86
N PRO A 351 16.03 -0.67 7.76
CA PRO A 351 16.35 0.28 6.70
C PRO A 351 16.66 -0.29 5.31
N PHE A 352 16.51 -1.60 5.08
CA PHE A 352 16.84 -2.22 3.78
C PHE A 352 15.64 -2.05 2.85
N THR A 353 15.85 -1.31 1.76
CA THR A 353 14.84 -1.01 0.72
C THR A 353 14.37 -2.35 0.11
N ARG A 354 15.32 -3.22 -0.27
CA ARG A 354 15.10 -4.54 -0.94
C ARG A 354 15.69 -5.68 -0.08
N VAL A 355 14.92 -6.75 0.16
CA VAL A 355 15.34 -7.95 0.94
C VAL A 355 14.94 -9.20 0.15
N GLU A 356 15.90 -9.98 -0.33
CA GLU A 356 15.68 -11.14 -1.25
C GLU A 356 16.00 -12.45 -0.53
N VAL A 357 14.94 -13.21 -0.19
CA VAL A 357 15.04 -14.61 0.29
C VAL A 357 14.57 -15.54 -0.84
N SER A 358 15.43 -16.49 -1.24
CA SER A 358 15.21 -17.41 -2.39
C SER A 358 14.41 -18.63 -1.92
N PHE A 359 13.97 -19.44 -2.89
CA PHE A 359 13.26 -20.70 -2.59
C PHE A 359 14.26 -21.73 -2.08
N GLY A 360 15.54 -21.38 -2.10
CA GLY A 360 16.60 -22.29 -1.62
C GLY A 360 17.35 -21.68 -0.46
N ALA A 361 16.64 -20.99 0.42
CA ALA A 361 17.26 -20.38 1.61
C ALA A 361 17.68 -21.51 2.54
N SER A 362 16.94 -22.60 2.51
CA SER A 362 17.23 -23.76 3.38
C SER A 362 18.37 -24.58 2.78
N ASP A 363 18.67 -25.70 3.41
CA ASP A 363 19.83 -26.51 2.97
C ASP A 363 19.60 -27.05 1.55
N PRO A 364 18.37 -27.31 1.07
CA PRO A 364 18.22 -27.73 -0.32
C PRO A 364 18.97 -26.77 -1.25
N GLY A 365 18.99 -25.49 -0.92
CA GLY A 365 19.63 -24.46 -1.76
C GLY A 365 21.16 -24.59 -1.80
N VAL A 366 21.79 -25.33 -0.87
CA VAL A 366 23.28 -25.31 -0.73
C VAL A 366 23.89 -26.18 -1.83
N SER A 367 23.10 -27.04 -2.47
CA SER A 367 23.56 -27.85 -3.62
C SER A 367 23.74 -26.94 -4.84
N ILE A 368 22.77 -26.06 -5.11
CA ILE A 368 22.86 -25.02 -6.19
C ILE A 368 24.02 -24.06 -5.89
N GLY A 369 24.04 -23.54 -4.66
CA GLY A 369 25.05 -22.58 -4.15
C GLY A 369 26.47 -23.13 -4.26
N ALA A 370 26.70 -24.34 -3.76
CA ALA A 370 28.03 -25.00 -3.83
C ALA A 370 28.61 -24.86 -5.24
N ALA A 371 27.81 -25.16 -6.26
CA ALA A 371 28.22 -25.13 -7.69
C ALA A 371 28.46 -23.69 -8.13
N ALA A 372 27.49 -22.81 -7.90
CA ALA A 372 27.55 -21.36 -8.19
C ALA A 372 28.82 -20.74 -7.58
N HIS A 373 29.12 -21.08 -6.32
CA HIS A 373 30.30 -20.53 -5.58
C HIS A 373 31.57 -20.83 -6.39
N VAL A 374 31.80 -22.10 -6.74
CA VAL A 374 32.99 -22.49 -7.54
C VAL A 374 32.98 -21.76 -8.88
N ALA A 375 31.85 -21.79 -9.58
CA ALA A 375 31.79 -21.20 -10.94
C ALA A 375 32.26 -19.75 -10.91
N ARG A 376 31.58 -18.90 -10.14
CA ARG A 376 31.94 -17.47 -10.08
C ARG A 376 33.44 -17.36 -9.83
N GLU A 377 33.96 -18.18 -8.93
CA GLU A 377 35.41 -18.13 -8.59
C GLU A 377 36.21 -18.47 -9.84
N LYS A 378 35.65 -19.28 -10.73
CA LYS A 378 36.37 -19.71 -11.95
C LYS A 378 36.12 -18.67 -13.05
N SER A 379 35.72 -17.46 -12.66
CA SER A 379 35.49 -16.34 -13.61
C SER A 379 34.42 -16.69 -14.66
N VAL A 380 33.59 -17.71 -14.38
CA VAL A 380 32.51 -18.21 -15.29
C VAL A 380 31.31 -17.26 -15.14
N ALA A 381 31.18 -16.26 -16.02
CA ALA A 381 30.05 -15.31 -16.08
C ALA A 381 28.73 -16.10 -16.03
N LEU A 382 27.95 -15.90 -14.97
CA LEU A 382 26.74 -16.72 -14.67
C LEU A 382 25.49 -16.05 -15.27
N THR A 383 24.81 -16.75 -16.19
CA THR A 383 23.58 -16.27 -16.86
C THR A 383 22.52 -16.01 -15.80
N PRO A 384 22.08 -14.74 -15.58
CA PRO A 384 21.07 -14.46 -14.56
C PRO A 384 19.83 -15.33 -14.82
N THR A 385 19.15 -15.77 -13.76
CA THR A 385 17.97 -16.66 -13.85
C THR A 385 17.13 -16.54 -12.55
N GLU A 386 15.81 -16.56 -12.69
CA GLU A 386 14.84 -16.40 -11.58
C GLU A 386 14.04 -17.69 -11.34
N SER A 387 14.28 -18.75 -12.13
CA SER A 387 13.37 -19.92 -12.24
C SER A 387 13.69 -20.98 -11.18
N PRO A 388 12.68 -21.38 -10.37
CA PRO A 388 12.76 -22.56 -9.51
C PRO A 388 12.36 -23.87 -10.20
N TYR A 389 11.83 -23.80 -11.41
CA TYR A 389 11.28 -24.97 -12.15
C TYR A 389 12.45 -25.68 -12.84
N LEU A 390 13.21 -26.47 -12.05
CA LEU A 390 14.55 -26.99 -12.43
C LEU A 390 14.56 -28.51 -12.45
N GLY A 391 13.47 -29.16 -12.03
CA GLY A 391 13.37 -30.62 -11.86
C GLY A 391 12.81 -31.32 -13.11
N PRO A 392 12.47 -32.62 -13.00
CA PRO A 392 12.01 -33.40 -14.15
C PRO A 392 10.66 -32.94 -14.72
N GLU A 393 10.66 -32.76 -16.04
CA GLU A 393 9.51 -32.55 -16.93
C GLU A 393 9.03 -33.92 -17.41
N PHE A 394 7.82 -33.99 -17.97
CA PHE A 394 7.21 -35.23 -18.52
C PHE A 394 6.41 -34.87 -19.77
N GLY A 395 6.58 -35.64 -20.84
CA GLY A 395 5.91 -35.44 -22.14
C GLY A 395 4.48 -35.95 -22.14
N GLU A 396 3.75 -35.64 -23.21
CA GLU A 396 2.35 -36.07 -23.41
C GLU A 396 2.31 -37.61 -23.47
N ASP A 397 3.35 -38.25 -24.03
CA ASP A 397 3.43 -39.73 -24.24
C ASP A 397 3.66 -40.47 -22.91
N GLU A 398 4.48 -39.89 -22.01
CA GLU A 398 4.84 -40.47 -20.69
C GLU A 398 3.63 -40.41 -19.74
N ILE A 399 2.80 -39.37 -19.81
CA ILE A 399 1.58 -39.21 -18.96
C ILE A 399 0.50 -40.21 -19.42
N ARG A 400 0.28 -40.30 -20.74
CA ARG A 400 -0.73 -41.19 -21.37
C ARG A 400 -0.39 -42.66 -21.08
N ALA A 401 0.89 -43.02 -21.09
CA ALA A 401 1.39 -44.37 -20.77
C ALA A 401 1.15 -44.68 -19.29
N THR A 402 1.29 -43.69 -18.39
CA THR A 402 1.10 -43.85 -16.91
C THR A 402 -0.40 -44.01 -16.60
N LEU A 403 -1.26 -43.17 -17.19
CA LEU A 403 -2.72 -43.20 -16.98
C LEU A 403 -3.29 -44.53 -17.47
N GLU A 404 -2.64 -45.16 -18.47
CA GLU A 404 -3.12 -46.46 -19.02
C GLU A 404 -2.78 -47.57 -18.02
N GLU A 405 -1.70 -47.38 -17.24
CA GLU A 405 -1.34 -48.28 -16.13
C GLU A 405 -2.38 -48.19 -15.01
N TYR A 406 -3.35 -47.28 -15.11
CA TYR A 406 -4.39 -47.08 -14.07
C TYR A 406 -5.80 -47.02 -14.66
N THR A 407 -6.02 -47.64 -15.84
CA THR A 407 -7.33 -47.68 -16.57
C THR A 407 -8.42 -48.19 -15.63
N SER A 408 -8.08 -49.09 -14.70
CA SER A 408 -8.98 -49.71 -13.70
C SER A 408 -9.47 -48.68 -12.66
N SER A 409 -8.70 -47.63 -12.38
CA SER A 409 -8.90 -46.72 -11.20
C SER A 409 -9.42 -45.34 -11.64
N VAL A 410 -8.90 -44.82 -12.77
CA VAL A 410 -9.21 -43.44 -13.25
C VAL A 410 -9.56 -43.45 -14.74
N THR A 411 -10.44 -42.54 -15.14
CA THR A 411 -10.71 -42.13 -16.55
C THR A 411 -10.00 -40.81 -16.79
N TRP A 412 -9.77 -40.46 -18.05
CA TRP A 412 -9.02 -39.24 -18.44
C TRP A 412 -9.39 -38.86 -19.87
N GLU A 413 -9.45 -37.56 -20.14
CA GLU A 413 -9.54 -37.01 -21.53
C GLU A 413 -8.34 -36.09 -21.76
N GLN A 414 -7.76 -36.14 -22.96
CA GLN A 414 -6.60 -35.30 -23.35
C GLN A 414 -7.15 -34.08 -24.10
N LEU A 415 -7.18 -32.94 -23.43
CA LEU A 415 -7.69 -31.66 -23.99
C LEU A 415 -6.66 -31.05 -24.93
N PRO A 416 -7.07 -30.22 -25.91
CA PRO A 416 -6.15 -29.36 -26.65
C PRO A 416 -5.35 -28.48 -25.68
N SER A 417 -4.03 -28.45 -25.86
CA SER A 417 -3.04 -27.76 -24.98
C SER A 417 -3.56 -26.42 -24.42
N ASP A 418 -4.08 -25.50 -25.25
CA ASP A 418 -4.39 -24.11 -24.84
C ASP A 418 -5.86 -23.95 -24.41
N GLU A 419 -6.61 -25.05 -24.31
CA GLU A 419 -7.99 -25.06 -23.76
C GLU A 419 -7.99 -25.60 -22.32
N VAL A 420 -6.91 -26.25 -21.91
CA VAL A 420 -6.80 -26.89 -20.55
C VAL A 420 -7.05 -25.81 -19.51
N VAL A 421 -6.32 -24.70 -19.63
CA VAL A 421 -6.35 -23.58 -18.65
C VAL A 421 -7.80 -23.16 -18.42
N GLY A 422 -8.59 -23.06 -19.49
CA GLY A 422 -9.99 -22.62 -19.44
C GLY A 422 -10.92 -23.68 -18.88
N LYS A 423 -10.63 -24.96 -19.12
CA LYS A 423 -11.47 -26.09 -18.63
C LYS A 423 -11.22 -26.25 -17.12
N THR A 424 -9.97 -26.15 -16.66
CA THR A 424 -9.58 -26.20 -15.22
C THR A 424 -10.22 -25.02 -14.48
N ALA A 425 -10.28 -23.84 -15.10
CA ALA A 425 -10.88 -22.62 -14.50
C ALA A 425 -12.37 -22.84 -14.21
N GLU A 426 -13.08 -23.46 -15.15
CA GLU A 426 -14.53 -23.79 -15.03
C GLU A 426 -14.74 -24.74 -13.85
N LEU A 427 -13.97 -25.82 -13.78
CA LEU A 427 -13.99 -26.73 -12.61
C LEU A 427 -13.79 -25.90 -11.33
N LEU A 428 -12.75 -25.07 -11.32
CA LEU A 428 -12.30 -24.27 -10.15
C LEU A 428 -13.33 -23.19 -9.79
N THR A 429 -14.36 -23.02 -10.60
CA THR A 429 -15.47 -22.09 -10.30
C THR A 429 -16.30 -22.69 -9.15
N GLY A 430 -16.22 -24.00 -8.96
CA GLY A 430 -16.97 -24.76 -7.94
C GLY A 430 -16.17 -25.02 -6.67
N LYS A 431 -16.81 -25.67 -5.69
CA LYS A 431 -16.16 -26.21 -4.46
C LYS A 431 -15.41 -27.47 -4.90
N THR A 432 -14.34 -27.29 -5.67
CA THR A 432 -13.54 -28.38 -6.27
C THR A 432 -12.06 -28.17 -5.90
N VAL A 433 -11.47 -29.21 -5.31
CA VAL A 433 -10.02 -29.30 -5.01
C VAL A 433 -9.37 -30.03 -6.17
N ILE A 434 -8.28 -29.47 -6.73
CA ILE A 434 -7.68 -29.94 -8.00
C ILE A 434 -6.22 -30.34 -7.74
N GLY A 435 -5.79 -31.42 -8.36
CA GLY A 435 -4.38 -31.73 -8.59
C GLY A 435 -3.90 -31.02 -9.83
N TRP A 436 -2.78 -30.30 -9.75
CA TRP A 436 -2.22 -29.49 -10.86
C TRP A 436 -0.78 -29.91 -11.09
N PHE A 437 -0.54 -30.71 -12.14
CA PHE A 437 0.80 -31.23 -12.49
C PHE A 437 1.15 -30.70 -13.88
N GLN A 438 2.13 -29.80 -13.95
CA GLN A 438 2.59 -29.12 -15.19
C GLN A 438 4.11 -28.86 -15.10
N GLY A 439 4.80 -28.77 -16.23
CA GLY A 439 6.17 -28.24 -16.34
C GLY A 439 7.19 -29.04 -15.54
N ARG A 440 8.35 -28.42 -15.29
CA ARG A 440 9.51 -29.01 -14.58
C ARG A 440 9.25 -28.90 -13.07
N THR A 441 9.63 -29.92 -12.30
CA THR A 441 9.44 -29.98 -10.82
C THR A 441 10.10 -28.77 -10.17
N GLU A 442 9.36 -28.05 -9.33
CA GLU A 442 9.89 -26.87 -8.61
C GLU A 442 10.84 -27.35 -7.51
N TYR A 443 11.83 -26.53 -7.20
CA TYR A 443 12.94 -26.80 -6.24
C TYR A 443 12.59 -26.17 -4.89
N GLY A 444 13.03 -26.78 -3.80
CA GLY A 444 12.86 -26.28 -2.42
C GLY A 444 11.58 -26.77 -1.75
N PRO A 445 11.31 -26.30 -0.52
CA PRO A 445 10.21 -26.81 0.30
C PRO A 445 8.79 -26.36 -0.09
N ARG A 446 8.61 -25.20 -0.72
CA ARG A 446 7.24 -24.72 -1.09
C ARG A 446 6.96 -25.07 -2.56
N ALA A 447 5.74 -25.57 -2.82
CA ALA A 447 5.16 -25.82 -4.16
C ALA A 447 4.70 -24.51 -4.79
N LEU A 448 5.22 -24.21 -5.98
CA LEU A 448 5.05 -22.90 -6.67
C LEU A 448 4.25 -23.07 -7.97
N GLY A 449 3.30 -24.02 -7.99
CA GLY A 449 2.31 -24.19 -9.07
C GLY A 449 2.72 -25.12 -10.21
N ASN A 450 3.62 -26.08 -9.98
CA ASN A 450 3.88 -27.13 -10.99
C ASN A 450 3.54 -28.48 -10.35
N ARG A 451 3.63 -28.60 -9.03
CA ARG A 451 3.16 -29.79 -8.31
C ARG A 451 2.33 -29.31 -7.12
N SER A 452 1.12 -28.85 -7.43
CA SER A 452 0.24 -28.07 -6.53
C SER A 452 -1.14 -28.72 -6.49
N ILE A 453 -1.82 -28.58 -5.35
CA ILE A 453 -3.29 -28.76 -5.20
C ILE A 453 -3.89 -27.35 -5.20
N LEU A 454 -4.86 -27.10 -6.09
CA LEU A 454 -5.50 -25.78 -6.30
C LEU A 454 -6.96 -25.85 -5.85
N ALA A 455 -7.55 -24.70 -5.55
CA ALA A 455 -8.94 -24.56 -5.02
C ALA A 455 -9.33 -23.09 -4.96
N ASN A 456 -10.63 -22.83 -5.04
CA ASN A 456 -11.24 -21.48 -5.08
C ASN A 456 -11.40 -20.93 -3.66
N PRO A 457 -10.65 -19.89 -3.26
CA PRO A 457 -10.64 -19.44 -1.86
C PRO A 457 -11.86 -18.63 -1.40
N SER A 458 -12.81 -18.38 -2.31
CA SER A 458 -13.92 -17.40 -2.17
C SER A 458 -15.02 -17.97 -1.27
N TYR A 459 -15.32 -19.26 -1.42
CA TYR A 459 -16.25 -20.02 -0.55
C TYR A 459 -15.68 -20.05 0.87
N ALA A 460 -16.51 -19.76 1.87
CA ALA A 460 -16.10 -19.59 3.29
C ALA A 460 -15.66 -20.94 3.88
N ASP A 461 -16.24 -22.06 3.42
CA ASP A 461 -16.02 -23.41 4.00
C ASP A 461 -14.84 -24.11 3.32
N MET A 462 -14.09 -23.43 2.47
CA MET A 462 -13.11 -24.05 1.53
C MET A 462 -11.91 -24.60 2.31
N LYS A 463 -11.46 -23.87 3.33
CA LYS A 463 -10.43 -24.32 4.31
C LYS A 463 -10.76 -25.74 4.76
N ASP A 464 -11.95 -25.88 5.34
CA ASP A 464 -12.47 -27.14 5.93
C ASP A 464 -12.58 -28.20 4.83
N VAL A 465 -12.98 -27.79 3.64
CA VAL A 465 -13.20 -28.70 2.46
C VAL A 465 -11.86 -29.22 1.92
N ILE A 466 -10.90 -28.34 1.67
CA ILE A 466 -9.56 -28.80 1.21
C ILE A 466 -9.05 -29.83 2.22
N ASN A 467 -9.00 -29.46 3.50
CA ASN A 467 -8.49 -30.36 4.56
C ASN A 467 -9.30 -31.64 4.58
N ASN A 468 -10.46 -31.65 3.92
CA ASN A 468 -11.33 -32.85 4.03
C ASN A 468 -11.24 -33.64 2.74
N ARG A 469 -11.12 -32.94 1.61
CA ARG A 469 -10.90 -33.64 0.34
C ARG A 469 -9.50 -34.26 0.38
N VAL A 470 -8.47 -33.50 0.77
CA VAL A 470 -7.12 -34.12 0.95
C VAL A 470 -6.92 -34.50 2.39
N LYS A 471 -7.56 -35.59 2.77
CA LYS A 471 -7.27 -36.13 4.11
C LYS A 471 -5.78 -36.40 4.05
N HIS A 472 -5.15 -36.63 5.20
CA HIS A 472 -3.68 -36.84 5.21
C HIS A 472 -3.00 -35.50 5.01
N ARG A 473 -3.70 -34.41 5.33
CA ARG A 473 -3.08 -33.06 5.27
C ARG A 473 -2.42 -32.81 6.63
N GLU A 474 -1.25 -32.18 6.65
CA GLU A 474 -0.52 -31.99 7.93
C GLU A 474 -1.11 -30.78 8.65
N PRO A 475 -1.64 -30.95 9.88
CA PRO A 475 -2.29 -29.85 10.58
C PRO A 475 -1.35 -28.68 10.93
N PHE A 476 -1.91 -27.58 11.45
CA PHE A 476 -1.20 -26.37 11.96
C PHE A 476 -0.54 -25.63 10.80
N ARG A 477 -1.03 -25.90 9.59
CA ARG A 477 -0.49 -25.36 8.31
C ARG A 477 -1.57 -24.48 7.70
N PRO A 478 -1.31 -23.17 7.52
CA PRO A 478 -2.18 -22.33 6.71
C PRO A 478 -2.00 -22.50 5.19
N PHE A 479 -3.06 -22.22 4.42
CA PHE A 479 -3.07 -22.23 2.95
C PHE A 479 -2.49 -20.92 2.41
N ALA A 480 -1.73 -21.01 1.33
CA ALA A 480 -1.10 -19.84 0.67
C ALA A 480 -1.79 -19.58 -0.66
N PRO A 481 -1.93 -18.31 -1.10
CA PRO A 481 -2.51 -17.99 -2.40
C PRO A 481 -1.46 -17.70 -3.48
N ILE A 482 -1.82 -18.04 -4.72
CA ILE A 482 -1.19 -17.49 -5.94
C ILE A 482 -2.03 -16.29 -6.38
N VAL A 483 -1.37 -15.30 -6.97
CA VAL A 483 -2.01 -14.07 -7.54
C VAL A 483 -1.13 -13.64 -8.71
N LEU A 484 -1.68 -12.92 -9.69
CA LEU A 484 -0.88 -12.28 -10.77
C LEU A 484 -0.13 -11.10 -10.17
N GLU A 485 1.11 -10.84 -10.59
CA GLU A 485 1.95 -9.72 -10.06
C GLU A 485 1.09 -8.44 -10.00
N GLU A 486 0.30 -8.18 -11.04
CA GLU A 486 -0.45 -6.90 -11.18
C GLU A 486 -1.51 -6.75 -10.08
N ASN A 487 -2.03 -7.84 -9.50
CA ASN A 487 -3.15 -7.75 -8.53
C ASN A 487 -2.65 -7.76 -7.07
N ALA A 488 -1.33 -7.87 -6.87
CA ALA A 488 -0.66 -8.06 -5.56
C ALA A 488 -0.93 -6.87 -4.66
N ALA A 489 -0.60 -5.65 -5.12
CA ALA A 489 -0.73 -4.38 -4.37
C ALA A 489 -2.21 -4.09 -4.10
N ARG A 490 -3.09 -4.51 -5.02
CA ARG A 490 -4.55 -4.28 -4.89
C ARG A 490 -5.10 -5.18 -3.77
N VAL A 491 -4.59 -6.41 -3.64
CA VAL A 491 -5.20 -7.48 -2.79
C VAL A 491 -4.44 -7.61 -1.46
N PHE A 492 -3.13 -7.34 -1.44
CA PHE A 492 -2.25 -7.47 -0.25
C PHE A 492 -1.57 -6.12 0.09
N GLU A 493 -1.20 -5.95 1.36
CA GLU A 493 -0.43 -4.76 1.85
C GLU A 493 1.05 -5.07 1.61
N MET A 494 1.61 -4.58 0.50
CA MET A 494 2.90 -5.05 -0.08
C MET A 494 4.08 -4.27 0.52
N GLY A 495 3.83 -3.05 1.01
CA GLY A 495 4.90 -2.12 1.41
C GLY A 495 5.97 -2.04 0.34
N ARG A 496 7.22 -2.36 0.69
CA ARG A 496 8.40 -2.05 -0.17
C ARG A 496 8.52 -3.09 -1.29
N LYS A 497 7.77 -4.20 -1.20
CA LYS A 497 7.80 -5.30 -2.22
C LYS A 497 6.88 -4.92 -3.37
N GLU A 498 7.25 -5.32 -4.59
CA GLU A 498 6.36 -5.25 -5.79
C GLU A 498 6.06 -6.68 -6.28
N ARG A 499 6.72 -7.71 -5.74
CA ARG A 499 6.53 -9.12 -6.17
C ARG A 499 7.20 -10.09 -5.19
N SER A 500 6.60 -11.29 -5.04
CA SER A 500 7.04 -12.41 -4.15
C SER A 500 6.75 -13.72 -4.87
N PRO A 501 7.56 -14.10 -5.89
CA PRO A 501 7.34 -15.34 -6.66
C PRO A 501 7.65 -16.71 -6.02
N TYR A 502 8.06 -16.76 -4.74
CA TYR A 502 8.61 -17.98 -4.10
C TYR A 502 7.93 -18.34 -2.78
N MET A 503 7.01 -17.52 -2.28
CA MET A 503 6.28 -17.79 -1.00
C MET A 503 7.27 -17.66 0.17
N THR A 504 8.17 -16.70 0.10
CA THR A 504 9.27 -16.42 1.07
C THR A 504 8.89 -15.27 2.00
N PHE A 505 7.95 -14.42 1.59
CA PHE A 505 7.37 -13.32 2.40
C PHE A 505 5.86 -13.50 2.59
N VAL A 506 5.38 -13.11 3.77
CA VAL A 506 3.95 -13.07 4.19
C VAL A 506 3.47 -11.61 4.11
N PHE A 507 2.19 -11.36 3.81
CA PHE A 507 1.64 -10.00 3.59
C PHE A 507 0.20 -9.91 4.10
N PRO A 508 -0.19 -8.80 4.77
CA PRO A 508 -1.54 -8.66 5.30
C PRO A 508 -2.52 -8.54 4.11
N VAL A 509 -3.71 -9.10 4.28
CA VAL A 509 -4.80 -9.10 3.28
C VAL A 509 -5.63 -7.84 3.52
N ARG A 510 -5.72 -6.94 2.52
CA ARG A 510 -6.54 -5.70 2.61
C ARG A 510 -7.99 -6.09 2.87
N PRO A 511 -8.75 -5.29 3.66
CA PRO A 511 -10.07 -5.70 4.13
C PRO A 511 -11.05 -5.95 2.97
N GLU A 512 -10.82 -5.30 1.82
CA GLU A 512 -11.73 -5.33 0.64
C GLU A 512 -11.62 -6.68 -0.09
N TYR A 513 -10.76 -7.62 0.33
CA TYR A 513 -10.62 -8.96 -0.29
C TYR A 513 -10.63 -10.10 0.74
N THR A 514 -10.91 -9.83 2.02
CA THR A 514 -10.74 -10.84 3.09
C THR A 514 -11.81 -11.93 2.97
N GLU A 515 -13.00 -11.58 2.49
CA GLU A 515 -14.11 -12.55 2.27
C GLU A 515 -13.84 -13.27 0.94
N LYS A 516 -13.21 -12.59 -0.01
CA LYS A 516 -12.95 -13.18 -1.35
C LYS A 516 -11.85 -14.25 -1.31
N ILE A 517 -10.76 -14.02 -0.56
CA ILE A 517 -9.60 -14.96 -0.56
C ILE A 517 -9.48 -15.62 0.82
N ALA A 518 -10.59 -15.84 1.50
CA ALA A 518 -10.55 -16.36 2.89
C ALA A 518 -9.63 -17.56 3.05
N ALA A 519 -9.90 -18.66 2.34
CA ALA A 519 -9.12 -19.91 2.55
C ALA A 519 -7.62 -19.68 2.42
N ALA A 520 -7.22 -18.69 1.64
CA ALA A 520 -5.77 -18.47 1.40
C ALA A 520 -5.23 -17.45 2.38
N THR A 521 -5.90 -17.28 3.52
CA THR A 521 -5.40 -16.33 4.54
C THR A 521 -5.33 -17.06 5.89
N HIS A 522 -4.44 -16.64 6.78
CA HIS A 522 -4.37 -17.10 8.18
C HIS A 522 -5.25 -16.19 9.04
N VAL A 523 -5.41 -16.56 10.31
CA VAL A 523 -6.17 -15.74 11.29
C VAL A 523 -5.41 -14.44 11.52
N ASP A 524 -4.09 -14.48 11.35
CA ASP A 524 -3.26 -13.26 11.47
C ASP A 524 -3.65 -12.32 10.34
N ALA A 525 -4.56 -12.76 9.48
CA ALA A 525 -4.91 -11.97 8.27
C ALA A 525 -3.66 -11.90 7.40
N THR A 526 -2.98 -13.03 7.24
CA THR A 526 -1.71 -13.01 6.49
C THR A 526 -1.72 -14.09 5.40
N SER A 527 -1.11 -13.80 4.25
CA SER A 527 -1.00 -14.77 3.13
C SER A 527 0.45 -14.85 2.65
N ARG A 528 1.04 -16.05 2.71
CA ARG A 528 2.39 -16.34 2.16
C ARG A 528 2.27 -16.50 0.65
N ILE A 529 2.22 -15.38 -0.07
CA ILE A 529 1.71 -15.36 -1.46
C ILE A 529 2.83 -15.68 -2.45
N GLN A 530 2.43 -16.20 -3.61
CA GLN A 530 3.29 -16.39 -4.82
C GLN A 530 2.73 -15.53 -5.96
N THR A 531 3.41 -14.43 -6.30
CA THR A 531 3.11 -13.62 -7.50
C THR A 531 3.49 -14.44 -8.73
N VAL A 532 2.77 -14.22 -9.83
CA VAL A 532 2.76 -15.08 -11.05
C VAL A 532 2.67 -14.17 -12.28
N THR A 533 3.52 -14.39 -13.27
CA THR A 533 3.52 -13.63 -14.54
C THR A 533 3.61 -14.63 -15.69
N GLU A 534 3.17 -14.22 -16.89
CA GLU A 534 3.34 -15.00 -18.15
C GLU A 534 4.81 -15.40 -18.30
N ASP A 535 5.74 -14.67 -17.69
CA ASP A 535 7.19 -14.96 -17.80
C ASP A 535 7.60 -16.07 -16.83
N SER A 536 7.16 -16.03 -15.58
CA SER A 536 7.64 -16.91 -14.49
C SER A 536 7.02 -18.32 -14.63
N ASN A 537 5.73 -18.37 -14.99
CA ASN A 537 4.90 -19.60 -15.13
C ASN A 537 3.73 -19.27 -16.04
N PRO A 538 3.94 -19.29 -17.38
CA PRO A 538 2.90 -18.93 -18.35
C PRO A 538 1.59 -19.73 -18.17
N ARG A 539 1.69 -21.03 -17.95
CA ARG A 539 0.47 -21.88 -17.80
C ARG A 539 -0.29 -21.47 -16.54
N LEU A 540 0.43 -21.15 -15.46
CA LEU A 540 -0.16 -20.77 -14.15
C LEU A 540 -0.76 -19.37 -14.26
N ALA A 541 -0.03 -18.45 -14.88
CA ALA A 541 -0.51 -17.08 -15.17
C ALA A 541 -1.84 -17.20 -15.91
N ALA A 542 -1.85 -18.00 -16.98
CA ALA A 542 -3.02 -18.20 -17.89
C ALA A 542 -4.21 -18.73 -17.09
N LEU A 543 -4.00 -19.70 -16.19
CA LEU A 543 -5.06 -20.31 -15.36
C LEU A 543 -5.78 -19.19 -14.61
N LEU A 544 -5.01 -18.27 -14.06
CA LEU A 544 -5.53 -17.20 -13.16
C LEU A 544 -6.47 -16.27 -13.94
N ARG A 545 -6.09 -15.87 -15.16
CA ARG A 545 -6.88 -14.96 -16.02
C ARG A 545 -8.23 -15.63 -16.32
N GLU A 546 -8.19 -16.92 -16.68
CA GLU A 546 -9.41 -17.70 -16.97
C GLU A 546 -10.24 -17.75 -15.69
N PHE A 547 -9.66 -18.19 -14.56
CA PHE A 547 -10.38 -18.34 -13.27
C PHE A 547 -10.98 -17.00 -12.82
N THR A 548 -10.20 -15.92 -12.90
CA THR A 548 -10.56 -14.58 -12.34
C THR A 548 -11.65 -13.92 -13.20
N SER A 549 -11.62 -14.07 -14.53
CA SER A 549 -12.66 -13.49 -15.42
C SER A 549 -14.01 -14.13 -15.12
N ARG A 550 -14.04 -15.40 -14.71
CA ARG A 550 -15.28 -16.17 -14.48
C ARG A 550 -15.86 -15.85 -13.09
N THR A 551 -15.00 -15.63 -12.09
CA THR A 551 -15.39 -15.56 -10.67
C THR A 551 -15.23 -14.14 -10.11
N ASP A 552 -14.40 -13.32 -10.78
CA ASP A 552 -13.93 -11.99 -10.27
C ASP A 552 -13.15 -12.19 -8.96
N VAL A 553 -12.51 -13.36 -8.79
CA VAL A 553 -11.66 -13.71 -7.62
C VAL A 553 -10.22 -13.69 -8.08
N PRO A 554 -9.33 -12.92 -7.40
CA PRO A 554 -7.95 -12.71 -7.87
C PRO A 554 -6.91 -13.79 -7.49
N CYS A 555 -7.28 -14.74 -6.65
CA CYS A 555 -6.36 -15.70 -6.00
C CYS A 555 -6.92 -17.12 -6.07
N LEU A 556 -6.05 -18.11 -6.23
CA LEU A 556 -6.34 -19.56 -6.01
C LEU A 556 -5.51 -20.04 -4.82
N VAL A 557 -6.07 -20.92 -3.98
CA VAL A 557 -5.24 -21.67 -3.00
C VAL A 557 -4.23 -22.51 -3.78
N ASN A 558 -2.95 -22.42 -3.38
CA ASN A 558 -1.81 -23.24 -3.87
C ASN A 558 -1.12 -23.87 -2.67
N THR A 559 -1.43 -25.15 -2.43
CA THR A 559 -0.86 -25.99 -1.35
C THR A 559 -0.08 -27.16 -1.97
N SER A 560 1.00 -27.57 -1.33
CA SER A 560 1.89 -28.67 -1.81
C SER A 560 1.05 -29.90 -2.18
N PHE A 561 1.29 -30.48 -3.36
CA PHE A 561 0.64 -31.72 -3.84
C PHE A 561 1.33 -32.94 -3.21
N ASN A 562 0.81 -33.40 -2.07
CA ASN A 562 1.33 -34.58 -1.33
C ASN A 562 0.41 -34.98 -0.16
N VAL A 563 0.52 -36.23 0.30
CA VAL A 563 -0.02 -36.70 1.63
C VAL A 563 0.93 -36.23 2.74
N ALA A 564 0.50 -36.39 4.00
CA ALA A 564 1.29 -36.07 5.23
C ALA A 564 2.66 -36.76 5.18
N GLY A 565 3.74 -36.02 5.44
CA GLY A 565 5.08 -36.57 5.70
C GLY A 565 5.74 -37.17 4.46
N GLU A 566 4.99 -37.30 3.36
CA GLU A 566 5.49 -37.60 2.00
C GLU A 566 5.99 -36.29 1.40
N PRO A 567 7.09 -36.30 0.61
CA PRO A 567 7.57 -35.10 -0.08
C PRO A 567 6.62 -34.75 -1.24
N ILE A 568 6.81 -33.58 -1.85
CA ILE A 568 6.04 -33.16 -3.05
C ILE A 568 6.22 -34.25 -4.12
N VAL A 569 5.13 -34.60 -4.80
CA VAL A 569 5.14 -35.56 -5.95
C VAL A 569 6.13 -35.05 -7.02
N CYS A 570 7.00 -35.90 -7.55
CA CYS A 570 7.90 -35.58 -8.69
C CYS A 570 7.32 -36.17 -9.98
N SER A 571 7.18 -37.49 -10.05
CA SER A 571 6.75 -38.27 -11.23
C SER A 571 5.23 -38.21 -11.40
N PRO A 572 4.70 -38.45 -12.62
CA PRO A 572 3.26 -38.67 -12.83
C PRO A 572 2.72 -39.89 -12.06
N LYS A 573 3.51 -40.97 -11.98
CA LYS A 573 3.28 -42.12 -11.08
C LYS A 573 2.94 -41.59 -9.69
N ASP A 574 3.80 -40.71 -9.16
CA ASP A 574 3.64 -40.06 -7.84
C ASP A 574 2.26 -39.37 -7.77
N ALA A 575 1.95 -38.58 -8.80
CA ALA A 575 0.75 -37.72 -8.84
C ALA A 575 -0.50 -38.61 -8.74
N VAL A 576 -0.58 -39.65 -9.57
CA VAL A 576 -1.81 -40.51 -9.64
C VAL A 576 -1.96 -41.25 -8.31
N GLU A 577 -0.87 -41.81 -7.78
CA GLU A 577 -0.86 -42.64 -6.54
C GLU A 577 -1.39 -41.79 -5.38
N CYS A 578 -1.05 -40.49 -5.38
CA CYS A 578 -1.48 -39.45 -4.40
C CYS A 578 -2.97 -39.11 -4.60
N PHE A 579 -3.38 -38.80 -5.82
CA PHE A 579 -4.78 -38.50 -6.26
C PHE A 579 -5.71 -39.61 -5.74
N LEU A 580 -5.28 -40.86 -5.85
CA LEU A 580 -6.09 -42.04 -5.45
C LEU A 580 -6.09 -42.18 -3.93
N GLY A 581 -4.97 -41.88 -3.27
CA GLY A 581 -4.84 -41.89 -1.79
C GLY A 581 -5.48 -40.68 -1.13
N THR A 582 -6.16 -39.83 -1.89
CA THR A 582 -6.89 -38.63 -1.40
C THR A 582 -8.32 -38.67 -1.94
N ASP A 583 -9.18 -37.77 -1.44
CA ASP A 583 -10.57 -37.57 -1.91
C ASP A 583 -10.59 -36.30 -2.77
N ILE A 584 -9.46 -35.96 -3.41
CA ILE A 584 -9.35 -34.85 -4.39
C ILE A 584 -10.27 -35.19 -5.56
N ASP A 585 -10.96 -34.17 -6.08
CA ASP A 585 -11.97 -34.32 -7.15
C ASP A 585 -11.28 -34.75 -8.43
N HIS A 586 -10.41 -33.91 -8.98
CA HIS A 586 -9.80 -34.09 -10.32
C HIS A 586 -8.30 -33.82 -10.26
N LEU A 587 -7.59 -34.37 -11.24
CA LEU A 587 -6.14 -34.20 -11.44
C LEU A 587 -5.92 -33.77 -12.89
N VAL A 588 -5.44 -32.54 -13.06
CA VAL A 588 -5.06 -31.96 -14.38
C VAL A 588 -3.54 -32.08 -14.53
N ILE A 589 -3.07 -33.08 -15.28
CA ILE A 589 -1.61 -33.42 -15.38
C ILE A 589 -1.16 -33.23 -16.84
N GLY A 590 -0.43 -32.13 -17.09
CA GLY A 590 -0.13 -31.67 -18.45
C GLY A 590 -1.41 -31.26 -19.17
N ASP A 591 -1.68 -31.86 -20.33
CA ASP A 591 -2.89 -31.57 -21.15
C ASP A 591 -4.02 -32.54 -20.81
N PHE A 592 -3.90 -33.39 -19.77
CA PHE A 592 -4.90 -34.41 -19.38
C PHE A 592 -5.71 -33.99 -18.15
N LEU A 593 -7.01 -34.31 -18.18
CA LEU A 593 -7.98 -34.07 -17.08
C LEU A 593 -8.45 -35.42 -16.53
N VAL A 594 -7.78 -35.93 -15.50
CA VAL A 594 -8.04 -37.26 -14.90
C VAL A 594 -9.21 -37.15 -13.93
N SER A 595 -10.14 -38.09 -13.99
CA SER A 595 -11.24 -38.29 -13.00
C SER A 595 -11.23 -39.74 -12.53
N LYS A 596 -11.87 -40.03 -11.39
CA LYS A 596 -11.89 -41.35 -10.71
C LYS A 596 -13.13 -42.17 -11.10
N ARG A 597 -12.99 -43.50 -11.19
CA ARG A 597 -14.11 -44.44 -11.46
C ARG A 597 -14.31 -45.33 -10.24
N MET B 1 -9.05 -7.75 46.17
CA MET B 1 -9.16 -8.95 47.07
C MET B 1 -9.41 -10.23 46.25
N ILE B 2 -8.37 -11.05 46.12
CA ILE B 2 -8.34 -12.29 45.28
C ILE B 2 -8.19 -13.51 46.18
N ILE B 3 -9.16 -14.43 46.15
CA ILE B 3 -9.20 -15.67 46.97
C ILE B 3 -9.28 -16.90 46.04
N LEU B 4 -8.37 -17.85 46.20
CA LEU B 4 -8.32 -19.11 45.41
C LEU B 4 -8.57 -20.28 46.35
N GLY B 5 -9.68 -20.99 46.13
CA GLY B 5 -10.04 -22.20 46.87
C GLY B 5 -9.45 -23.42 46.19
N TYR B 6 -8.82 -24.31 46.93
CA TYR B 6 -8.23 -25.55 46.36
C TYR B 6 -8.49 -26.73 47.29
N ASN B 7 -8.11 -27.92 46.83
CA ASN B 7 -8.30 -29.21 47.52
C ASN B 7 -7.46 -30.23 46.74
N GLY B 8 -6.64 -31.00 47.43
CA GLY B 8 -5.76 -32.03 46.84
C GLY B 8 -4.46 -32.18 47.60
N PHE B 9 -3.96 -33.40 47.71
CA PHE B 9 -2.60 -33.72 48.21
C PHE B 9 -1.93 -34.68 47.23
N SER B 10 -0.71 -34.39 46.80
CA SER B 10 -0.05 -35.15 45.70
C SER B 10 0.34 -36.56 46.19
N GLN B 11 0.60 -36.73 47.49
CA GLN B 11 1.16 -37.98 48.07
C GLN B 11 0.04 -38.86 48.65
N ILE B 12 -1.14 -38.31 48.96
CA ILE B 12 -2.22 -39.07 49.63
C ILE B 12 -2.51 -40.33 48.80
N ALA B 13 -2.61 -40.19 47.48
CA ALA B 13 -2.89 -41.29 46.54
C ALA B 13 -1.89 -42.41 46.81
N GLU B 14 -0.60 -42.07 46.77
CA GLU B 14 0.55 -42.98 47.01
C GLU B 14 0.46 -43.56 48.44
N LEU B 15 0.19 -42.70 49.42
CA LEU B 15 0.22 -43.05 50.87
C LEU B 15 -0.82 -44.14 51.18
N PHE B 16 -2.11 -43.89 50.91
CA PHE B 16 -3.23 -44.84 51.17
C PHE B 16 -3.04 -46.15 50.40
N GLY B 17 -2.47 -46.07 49.20
CA GLY B 17 -2.15 -47.28 48.40
C GLY B 17 -1.19 -48.19 49.13
N ARG B 18 -0.12 -47.63 49.69
CA ARG B 18 1.04 -48.37 50.26
C ARG B 18 0.75 -48.76 51.71
N LEU B 19 0.01 -47.94 52.45
CA LEU B 19 -0.08 -48.02 53.93
C LEU B 19 -1.34 -48.76 54.38
N TYR B 20 -2.48 -48.56 53.70
CA TYR B 20 -3.80 -49.15 54.08
C TYR B 20 -4.36 -50.03 52.96
N GLY B 21 -3.66 -50.15 51.83
CA GLY B 21 -4.00 -51.08 50.74
C GLY B 21 -4.91 -50.49 49.66
N TYR B 22 -5.31 -49.23 49.77
CA TYR B 22 -6.27 -48.58 48.84
C TYR B 22 -5.54 -48.15 47.55
N THR B 23 -5.25 -49.13 46.70
CA THR B 23 -4.53 -48.98 45.40
C THR B 23 -5.50 -48.44 44.34
N ALA B 24 -4.96 -47.94 43.22
CA ALA B 24 -5.72 -47.36 42.08
C ALA B 24 -6.36 -48.49 41.27
N ASP B 25 -6.08 -49.74 41.64
CA ASP B 25 -6.72 -50.99 41.11
C ASP B 25 -7.84 -51.43 42.06
N SER B 26 -7.79 -50.98 43.31
CA SER B 26 -8.70 -51.38 44.41
C SER B 26 -10.12 -50.82 44.14
N VAL B 27 -11.15 -51.58 44.53
CA VAL B 27 -12.56 -51.08 44.66
C VAL B 27 -12.56 -49.94 45.67
N ASP B 28 -11.53 -49.85 46.52
CA ASP B 28 -11.36 -48.76 47.52
C ASP B 28 -10.65 -47.55 46.89
N ARG B 29 -10.33 -47.59 45.59
CA ARG B 29 -9.48 -46.58 44.89
C ARG B 29 -9.92 -45.14 45.17
N HIS B 30 -11.20 -44.86 45.52
CA HIS B 30 -11.74 -43.49 45.76
C HIS B 30 -12.14 -43.29 47.24
N SER B 31 -11.71 -44.16 48.15
CA SER B 31 -12.08 -44.15 49.59
C SER B 31 -10.98 -43.46 50.42
N PHE B 32 -10.62 -42.22 50.10
CA PHE B 32 -9.70 -41.40 50.92
C PHE B 32 -9.81 -39.90 50.62
N LEU B 33 -9.37 -39.08 51.58
CA LEU B 33 -9.41 -37.59 51.54
C LEU B 33 -8.76 -37.11 50.25
N GLY B 34 -9.21 -35.95 49.76
CA GLY B 34 -8.52 -35.20 48.69
C GLY B 34 -9.03 -35.57 47.31
N HIS B 35 -10.01 -36.50 47.23
CA HIS B 35 -10.72 -36.85 45.97
C HIS B 35 -11.53 -35.64 45.52
N ASP B 36 -11.71 -35.49 44.21
CA ASP B 36 -12.38 -34.34 43.57
C ASP B 36 -11.53 -33.09 43.83
N ALA B 37 -10.21 -33.26 43.65
CA ALA B 37 -9.21 -32.17 43.66
C ALA B 37 -9.65 -31.11 42.64
N ALA B 38 -9.65 -29.84 43.05
CA ALA B 38 -10.17 -28.72 42.23
C ALA B 38 -9.56 -27.42 42.70
N ALA B 39 -9.66 -26.41 41.83
CA ALA B 39 -9.30 -25.00 42.07
C ALA B 39 -10.47 -24.13 41.61
N ALA B 40 -10.77 -23.07 42.38
CA ALA B 40 -11.82 -22.06 42.11
C ALA B 40 -11.31 -20.70 42.60
N LEU B 41 -11.60 -19.62 41.86
CA LEU B 41 -11.02 -18.26 42.07
C LEU B 41 -12.15 -17.25 42.27
N PHE B 42 -12.05 -16.42 43.32
CA PHE B 42 -12.91 -15.25 43.55
C PHE B 42 -12.08 -14.00 43.30
N VAL B 43 -12.68 -12.97 42.69
CA VAL B 43 -12.10 -11.59 42.56
C VAL B 43 -13.14 -10.58 43.03
N ASP B 44 -12.98 -10.03 44.23
CA ASP B 44 -13.88 -8.98 44.79
C ASP B 44 -15.31 -9.57 44.83
N GLY B 45 -15.43 -10.85 45.21
CA GLY B 45 -16.72 -11.51 45.51
C GLY B 45 -17.46 -11.99 44.28
N GLU B 46 -16.86 -11.87 43.08
CA GLU B 46 -17.40 -12.53 41.86
C GLU B 46 -16.63 -13.85 41.70
N LEU B 47 -17.34 -14.98 41.63
CA LEU B 47 -16.76 -16.32 41.32
C LEU B 47 -16.45 -16.38 39.82
N VAL B 48 -15.19 -16.16 39.48
CA VAL B 48 -14.68 -15.86 38.12
C VAL B 48 -14.32 -17.16 37.38
N ALA B 49 -13.85 -18.18 38.09
CA ALA B 49 -13.33 -19.40 37.43
C ALA B 49 -13.32 -20.58 38.41
N ALA B 50 -13.69 -21.76 37.93
CA ALA B 50 -13.74 -23.01 38.73
C ALA B 50 -13.73 -24.21 37.80
N VAL B 51 -12.70 -25.05 37.95
CA VAL B 51 -12.56 -26.30 37.17
C VAL B 51 -11.98 -27.37 38.10
N GLU B 52 -12.47 -28.60 37.98
CA GLU B 52 -12.01 -29.76 38.79
C GLU B 52 -10.76 -30.34 38.11
N GLU B 53 -9.76 -30.73 38.89
CA GLU B 53 -8.48 -31.23 38.33
C GLU B 53 -8.76 -32.50 37.52
N GLU B 54 -9.78 -33.27 37.91
CA GLU B 54 -10.15 -34.56 37.24
C GLU B 54 -10.31 -34.33 35.73
N ARG B 55 -10.74 -33.14 35.31
CA ARG B 55 -11.14 -32.82 33.92
C ARG B 55 -9.89 -32.53 33.06
N MET B 56 -8.83 -31.99 33.66
CA MET B 56 -7.62 -31.50 32.92
C MET B 56 -6.55 -32.61 32.89
N ASN B 57 -6.55 -33.47 33.89
CA ASN B 57 -5.55 -34.57 34.05
C ASN B 57 -6.18 -35.90 33.64
N ARG B 58 -7.50 -35.94 33.40
CA ARG B 58 -8.28 -37.08 32.87
C ARG B 58 -8.25 -38.31 33.80
N GLN B 59 -7.74 -38.17 35.03
CA GLN B 59 -7.86 -39.18 36.12
C GLN B 59 -9.17 -38.90 36.87
N LYS B 60 -10.06 -39.89 37.01
CA LYS B 60 -11.40 -39.69 37.62
C LYS B 60 -11.30 -39.45 39.13
N LYS B 61 -12.10 -38.53 39.67
CA LYS B 61 -12.16 -38.18 41.11
C LYS B 61 -10.73 -38.02 41.66
N THR B 62 -9.83 -37.52 40.81
CA THR B 62 -8.38 -37.45 41.11
C THR B 62 -8.20 -36.77 42.47
N THR B 63 -7.23 -37.27 43.24
CA THR B 63 -6.80 -36.75 44.57
C THR B 63 -5.53 -35.91 44.42
N ALA B 64 -5.04 -35.69 43.21
CA ALA B 64 -3.74 -35.01 42.92
C ALA B 64 -3.76 -33.56 43.45
N PHE B 65 -2.61 -32.89 43.51
CA PHE B 65 -2.55 -31.42 43.70
C PHE B 65 -3.16 -30.79 42.45
N PRO B 66 -4.14 -29.87 42.60
CA PRO B 66 -4.86 -29.31 41.45
C PRO B 66 -4.03 -28.27 40.68
N ALA B 67 -2.82 -28.65 40.28
CA ALA B 67 -1.84 -27.80 39.56
C ALA B 67 -2.49 -27.22 38.30
N ASN B 68 -2.90 -28.09 37.37
CA ASN B 68 -3.46 -27.70 36.06
C ASN B 68 -4.70 -26.83 36.26
N ALA B 69 -5.55 -27.18 37.23
CA ALA B 69 -6.81 -26.47 37.55
C ALA B 69 -6.51 -25.13 38.19
N MET B 70 -5.43 -25.03 38.98
CA MET B 70 -5.06 -23.76 39.65
C MET B 70 -4.55 -22.80 38.58
N ARG B 71 -3.62 -23.27 37.72
CA ARG B 71 -2.94 -22.42 36.70
C ARG B 71 -4.02 -21.82 35.80
N TRP B 72 -4.96 -22.64 35.32
CA TRP B 72 -6.05 -22.18 34.41
C TRP B 72 -6.87 -21.10 35.07
N CYS B 73 -7.05 -21.13 36.40
CA CYS B 73 -7.88 -20.14 37.14
C CYS B 73 -7.19 -18.78 37.17
N LEU B 74 -5.87 -18.80 37.34
CA LEU B 74 -5.00 -17.58 37.41
C LEU B 74 -4.89 -16.97 36.01
N GLU B 75 -4.84 -17.80 34.97
CA GLU B 75 -4.77 -17.36 33.55
C GLU B 75 -6.08 -16.66 33.17
N GLN B 76 -7.21 -17.06 33.77
CA GLN B 76 -8.57 -16.59 33.40
C GLN B 76 -8.84 -15.16 33.92
N ALA B 77 -8.03 -14.61 34.82
CA ALA B 77 -8.13 -13.19 35.24
C ALA B 77 -6.79 -12.48 35.00
N GLY B 78 -5.85 -13.12 34.29
CA GLY B 78 -4.50 -12.60 33.98
C GLY B 78 -3.73 -12.24 35.24
N ILE B 79 -3.65 -13.16 36.21
CA ILE B 79 -2.88 -12.99 37.48
C ILE B 79 -1.93 -14.18 37.62
N SER B 80 -0.86 -14.01 38.41
CA SER B 80 0.06 -15.09 38.83
C SER B 80 -0.19 -15.41 40.31
N TYR B 81 0.45 -16.46 40.82
CA TYR B 81 0.22 -17.00 42.18
C TYR B 81 0.48 -15.89 43.21
N GLU B 82 1.52 -15.06 43.00
CA GLU B 82 1.95 -13.96 43.92
C GLU B 82 0.80 -12.94 44.09
N ASP B 83 0.04 -12.68 43.03
CA ASP B 83 -1.04 -11.65 43.01
C ASP B 83 -2.20 -12.10 43.91
N VAL B 84 -2.33 -13.41 44.16
CA VAL B 84 -3.39 -14.02 45.03
C VAL B 84 -3.17 -13.58 46.49
N ASP B 85 -4.17 -12.96 47.10
CA ASP B 85 -4.09 -12.46 48.50
C ASP B 85 -4.07 -13.62 49.48
N TYR B 86 -5.03 -14.57 49.36
CA TYR B 86 -5.20 -15.73 50.27
C TYR B 86 -5.55 -16.99 49.49
N TYR B 87 -5.10 -18.15 49.99
CA TYR B 87 -5.34 -19.51 49.45
C TYR B 87 -6.11 -20.33 50.48
N ALA B 88 -7.39 -20.61 50.23
CA ALA B 88 -8.33 -21.30 51.15
C ALA B 88 -8.41 -22.78 50.78
N PHE B 89 -7.92 -23.68 51.66
CA PHE B 89 -7.96 -25.16 51.46
C PHE B 89 -9.24 -25.71 52.12
N GLY B 90 -9.79 -26.80 51.59
CA GLY B 90 -11.09 -27.34 52.02
C GLY B 90 -10.96 -28.42 53.09
N TRP B 91 -9.88 -28.37 53.88
CA TRP B 91 -9.72 -29.18 55.11
C TRP B 91 -8.92 -28.39 56.16
N ASN B 92 -9.36 -28.45 57.42
CA ASN B 92 -8.67 -27.84 58.58
C ASN B 92 -8.09 -28.93 59.47
N PHE B 93 -6.94 -29.49 59.08
CA PHE B 93 -6.26 -30.52 59.90
C PHE B 93 -5.30 -29.80 60.83
N THR B 94 -5.78 -29.52 62.05
CA THR B 94 -4.97 -28.79 63.04
C THR B 94 -4.25 -29.79 63.94
N ALA B 95 -3.13 -29.38 64.52
CA ALA B 95 -2.34 -30.26 65.40
C ALA B 95 -3.26 -30.82 66.48
N GLU B 96 -4.27 -30.06 66.86
CA GLU B 96 -5.24 -30.53 67.88
C GLU B 96 -5.92 -31.77 67.32
N PHE B 97 -6.21 -31.78 66.02
CA PHE B 97 -6.77 -32.99 65.38
C PHE B 97 -5.69 -34.06 65.39
N ALA B 98 -4.47 -33.65 65.07
CA ALA B 98 -3.33 -34.60 65.07
C ALA B 98 -3.09 -35.18 66.47
N ASP B 99 -3.12 -34.35 67.52
CA ASP B 99 -2.97 -34.80 68.94
C ASP B 99 -4.07 -35.84 69.20
N ALA B 100 -5.33 -35.40 69.16
CA ALA B 100 -6.54 -36.19 69.46
C ALA B 100 -6.49 -37.53 68.72
N ALA B 101 -5.94 -37.51 67.51
CA ALA B 101 -5.93 -38.64 66.54
C ALA B 101 -4.89 -39.70 66.94
N ILE B 102 -3.75 -39.30 67.54
CA ILE B 102 -2.72 -40.24 68.08
C ILE B 102 -3.31 -40.89 69.34
N THR B 103 -3.95 -40.09 70.19
CA THR B 103 -4.62 -40.52 71.46
C THR B 103 -5.73 -41.52 71.15
N GLY B 104 -6.54 -41.26 70.12
CA GLY B 104 -7.58 -42.18 69.64
C GLY B 104 -6.99 -43.54 69.30
N LEU B 105 -5.82 -43.55 68.66
CA LEU B 105 -5.12 -44.78 68.20
C LEU B 105 -4.42 -45.47 69.39
N ALA B 106 -3.89 -44.70 70.35
CA ALA B 106 -3.26 -45.23 71.58
C ALA B 106 -4.35 -45.79 72.53
N SER B 107 -5.57 -45.26 72.44
CA SER B 107 -6.77 -45.67 73.23
C SER B 107 -7.31 -47.00 72.71
N ALA B 108 -7.13 -47.28 71.42
CA ALA B 108 -7.73 -48.40 70.65
C ALA B 108 -7.52 -49.73 71.37
N PRO B 109 -8.57 -50.57 71.52
CA PRO B 109 -8.44 -51.83 72.28
C PRO B 109 -7.69 -52.92 71.49
N ILE B 110 -6.43 -52.67 71.09
CA ILE B 110 -5.66 -53.53 70.13
C ILE B 110 -4.26 -53.79 70.67
N PRO B 111 -3.66 -54.96 70.35
CA PRO B 111 -2.32 -55.29 70.82
C PRO B 111 -1.32 -54.24 70.38
N PRO B 112 -0.29 -53.91 71.20
CA PRO B 112 0.61 -52.80 70.95
C PRO B 112 1.26 -52.83 69.54
N GLU B 113 1.49 -54.03 69.01
CA GLU B 113 2.14 -54.21 67.68
C GLU B 113 1.38 -53.38 66.63
N TYR B 114 0.03 -53.35 66.67
CA TYR B 114 -0.83 -52.61 65.72
C TYR B 114 -0.93 -51.13 66.11
N LYS B 115 -1.02 -50.80 67.39
CA LYS B 115 -1.00 -49.38 67.87
C LYS B 115 0.21 -48.69 67.23
N PHE B 116 1.35 -49.37 67.15
CA PHE B 116 2.61 -48.85 66.57
C PHE B 116 2.46 -48.60 65.07
N GLN B 117 1.89 -49.58 64.34
CA GLN B 117 1.71 -49.55 62.86
C GLN B 117 0.65 -48.51 62.52
N ALA B 118 -0.52 -48.56 63.16
CA ALA B 118 -1.65 -47.62 63.04
C ALA B 118 -1.12 -46.18 63.14
N ILE B 119 -0.44 -45.89 64.25
CA ILE B 119 0.14 -44.55 64.59
C ILE B 119 1.26 -44.23 63.58
N GLY B 120 2.16 -45.18 63.33
CA GLY B 120 3.26 -45.01 62.36
C GLY B 120 2.72 -44.54 61.02
N SER B 121 1.74 -45.27 60.49
CA SER B 121 1.00 -44.96 59.24
C SER B 121 0.48 -43.52 59.31
N PHE B 122 -0.37 -43.22 60.30
CA PHE B 122 -1.10 -41.93 60.39
C PHE B 122 -0.08 -40.77 60.45
N GLY B 123 1.11 -41.01 60.99
CA GLY B 123 2.22 -40.03 61.03
C GLY B 123 2.78 -39.75 59.65
N GLU B 124 2.85 -40.80 58.82
CA GLU B 124 3.33 -40.72 57.41
C GLU B 124 2.31 -39.91 56.59
N LEU B 125 1.02 -40.02 56.92
CA LEU B 125 -0.08 -39.18 56.33
C LEU B 125 0.13 -37.71 56.69
N TRP B 126 0.34 -37.43 57.99
CA TRP B 126 0.47 -36.09 58.60
C TRP B 126 1.66 -35.36 58.02
N ASN B 127 2.79 -36.04 57.90
CA ASN B 127 4.05 -35.38 57.43
C ASN B 127 4.09 -35.28 55.91
N GLY B 128 3.66 -36.31 55.20
CA GLY B 128 3.61 -36.29 53.72
C GLY B 128 2.53 -35.36 53.20
N ALA B 129 1.37 -35.30 53.87
CA ALA B 129 0.29 -34.38 53.50
C ALA B 129 -0.52 -34.06 54.74
N LEU B 130 -1.71 -33.49 54.59
CA LEU B 130 -2.60 -33.21 55.75
C LEU B 130 -2.05 -32.02 56.54
N GLY B 131 -0.85 -32.17 57.08
CA GLY B 131 -0.27 -31.10 57.91
C GLY B 131 -0.10 -29.82 57.14
N ARG B 132 -0.15 -28.68 57.82
CA ARG B 132 0.09 -27.38 57.17
C ARG B 132 1.52 -27.36 56.65
N THR B 133 2.42 -28.10 57.30
CA THR B 133 3.80 -28.17 56.76
C THR B 133 3.73 -28.70 55.32
N ALA B 134 3.19 -29.91 55.17
CA ALA B 134 3.16 -30.64 53.88
C ALA B 134 2.41 -29.78 52.84
N LEU B 135 1.26 -29.20 53.22
CA LEU B 135 0.44 -28.36 52.30
C LEU B 135 1.36 -27.30 51.67
N ILE B 136 2.06 -26.53 52.49
CA ILE B 136 2.91 -25.38 52.05
C ILE B 136 3.97 -25.89 51.06
N GLU B 137 4.61 -27.04 51.35
CA GLU B 137 5.65 -27.65 50.47
C GLU B 137 4.96 -28.22 49.22
N ASP B 138 3.87 -28.98 49.39
CA ASP B 138 3.13 -29.59 48.26
C ASP B 138 2.87 -28.48 47.23
N PHE B 139 2.34 -27.35 47.71
CA PHE B 139 2.05 -26.14 46.91
C PHE B 139 3.32 -25.64 46.23
N THR B 140 4.35 -25.35 47.02
CA THR B 140 5.66 -24.80 46.58
C THR B 140 6.19 -25.64 45.41
N ARG B 141 6.14 -26.96 45.53
CA ARG B 141 6.77 -27.93 44.59
C ARG B 141 5.95 -28.03 43.31
N HIS B 142 4.65 -27.76 43.34
CA HIS B 142 3.72 -28.01 42.21
C HIS B 142 3.33 -26.72 41.49
N THR B 143 3.61 -25.54 42.05
CA THR B 143 3.21 -24.22 41.46
C THR B 143 4.44 -23.38 41.07
N GLY B 144 5.42 -23.31 41.98
CA GLY B 144 6.59 -22.44 41.76
C GLY B 144 6.56 -21.29 42.73
N TYR B 145 5.63 -21.31 43.68
CA TYR B 145 5.50 -20.20 44.66
C TYR B 145 5.36 -20.75 46.07
N ALA B 146 6.45 -20.77 46.84
CA ALA B 146 6.32 -21.19 48.25
C ALA B 146 5.32 -20.25 48.87
N LEU B 147 4.14 -20.76 49.19
CA LEU B 147 3.05 -19.92 49.71
C LEU B 147 3.39 -19.43 51.11
N PRO B 148 3.37 -18.10 51.34
CA PRO B 148 3.55 -17.59 52.69
C PRO B 148 2.50 -18.25 53.60
N ASP B 149 2.92 -18.73 54.77
CA ASP B 149 2.00 -19.39 55.72
C ASP B 149 0.84 -18.46 56.01
N GLU B 150 1.11 -17.17 56.12
CA GLU B 150 0.06 -16.18 56.50
C GLU B 150 -0.95 -15.99 55.37
N LYS B 151 -0.70 -16.53 54.17
CA LYS B 151 -1.63 -16.45 53.01
C LYS B 151 -2.59 -17.64 53.02
N LEU B 152 -2.09 -18.83 53.35
CA LEU B 152 -2.89 -20.08 53.47
C LEU B 152 -3.88 -19.97 54.62
N ILE B 153 -5.11 -20.44 54.42
CA ILE B 153 -6.13 -20.67 55.48
C ILE B 153 -6.73 -22.06 55.25
N THR B 154 -6.67 -22.93 56.26
CA THR B 154 -7.30 -24.26 56.22
C THR B 154 -8.71 -24.14 56.82
N VAL B 155 -9.76 -24.36 56.02
CA VAL B 155 -11.20 -24.21 56.41
C VAL B 155 -11.76 -25.56 56.81
N PRO B 156 -12.53 -25.64 57.92
CA PRO B 156 -13.14 -26.90 58.33
C PRO B 156 -14.02 -27.45 57.20
N HIS B 157 -13.80 -28.71 56.83
CA HIS B 157 -14.31 -29.33 55.59
C HIS B 157 -15.82 -29.09 55.49
N HIS B 158 -16.59 -29.42 56.53
CA HIS B 158 -18.06 -29.20 56.58
C HIS B 158 -18.38 -27.70 56.37
N ARG B 159 -17.51 -26.80 56.85
CA ARG B 159 -17.69 -25.33 56.71
C ARG B 159 -17.50 -24.91 55.25
N ALA B 160 -16.60 -25.58 54.52
CA ALA B 160 -16.38 -25.37 53.07
C ALA B 160 -17.66 -25.75 52.33
N HIS B 161 -18.21 -26.94 52.63
CA HIS B 161 -19.50 -27.42 52.06
C HIS B 161 -20.56 -26.31 52.22
N LEU B 162 -20.90 -25.92 53.45
CA LEU B 162 -21.92 -24.86 53.72
C LEU B 162 -21.64 -23.61 52.89
N ALA B 163 -20.38 -23.16 52.87
CA ALA B 163 -19.96 -21.92 52.19
C ALA B 163 -20.35 -22.00 50.72
N CYS B 164 -20.22 -23.20 50.12
CA CYS B 164 -20.59 -23.51 48.73
C CYS B 164 -22.11 -23.43 48.54
N GLY B 165 -22.88 -24.26 49.26
CA GLY B 165 -24.35 -24.19 49.25
C GLY B 165 -24.83 -22.75 49.25
N ARG B 166 -24.36 -21.98 50.24
CA ARG B 166 -24.74 -20.58 50.51
C ARG B 166 -24.52 -19.71 49.28
N THR B 167 -23.41 -19.94 48.58
CA THR B 167 -22.99 -19.12 47.41
C THR B 167 -24.03 -19.25 46.30
N PHE B 168 -24.64 -20.43 46.15
CA PHE B 168 -25.59 -20.77 45.06
C PHE B 168 -27.01 -21.00 45.58
N SER B 169 -27.22 -20.94 46.91
CA SER B 169 -28.49 -21.33 47.57
C SER B 169 -29.62 -20.42 47.08
N GLY B 170 -29.31 -19.15 46.78
CA GLY B 170 -30.31 -18.11 46.49
C GLY B 170 -31.02 -17.63 47.75
N LEU B 171 -30.74 -18.26 48.89
CA LEU B 171 -31.41 -18.00 50.20
C LEU B 171 -30.65 -16.91 50.95
N GLY B 172 -31.33 -16.20 51.86
CA GLY B 172 -30.71 -15.27 52.82
C GLY B 172 -30.47 -15.96 54.15
N ASP B 173 -31.41 -15.82 55.09
CA ASP B 173 -31.42 -16.61 56.35
C ASP B 173 -31.92 -18.02 56.02
N ALA B 174 -31.19 -19.03 56.47
CA ALA B 174 -31.55 -20.45 56.25
C ALA B 174 -30.97 -21.31 57.36
N ALA B 175 -31.72 -22.37 57.71
CA ALA B 175 -31.22 -23.56 58.45
C ALA B 175 -30.32 -24.37 57.51
N PHE B 176 -29.36 -25.12 58.04
CA PHE B 176 -28.46 -25.95 57.21
C PHE B 176 -28.22 -27.30 57.86
N LEU B 177 -27.98 -28.30 57.01
CA LEU B 177 -27.42 -29.63 57.34
C LEU B 177 -26.25 -29.92 56.39
N ILE B 178 -25.13 -30.35 56.95
CA ILE B 178 -24.04 -31.02 56.20
C ILE B 178 -24.08 -32.49 56.64
N ASN B 179 -24.21 -33.41 55.68
CA ASN B 179 -24.10 -34.87 55.99
C ASN B 179 -23.06 -35.41 55.02
N ASP B 180 -21.95 -35.90 55.54
CA ASP B 180 -20.78 -36.28 54.71
C ASP B 180 -20.19 -37.59 55.22
N GLY B 181 -19.26 -38.20 54.49
CA GLY B 181 -18.54 -39.40 54.91
C GLY B 181 -17.34 -39.04 55.73
N GLN B 182 -16.43 -38.26 55.15
CA GLN B 182 -15.18 -38.02 55.92
C GLN B 182 -14.89 -36.53 55.98
N ALA B 183 -14.95 -35.97 57.19
CA ALA B 183 -14.45 -34.61 57.56
C ALA B 183 -13.22 -34.79 58.43
N GLU B 184 -12.94 -33.82 59.29
CA GLU B 184 -11.76 -33.82 60.22
C GLU B 184 -12.05 -34.76 61.39
N ALA B 185 -13.23 -34.60 61.99
CA ALA B 185 -13.66 -35.35 63.19
C ALA B 185 -15.17 -35.64 63.08
N ASP B 186 -15.89 -34.83 62.30
CA ASP B 186 -17.37 -34.88 62.21
C ASP B 186 -17.78 -35.60 60.92
N SER B 187 -18.83 -36.40 60.97
CA SER B 187 -19.51 -36.98 59.78
C SER B 187 -20.61 -35.99 59.33
N ALA B 188 -21.40 -35.46 60.26
CA ALA B 188 -22.56 -34.58 59.99
C ALA B 188 -22.68 -33.46 61.06
N ILE B 189 -23.07 -32.25 60.65
CA ILE B 189 -23.37 -31.12 61.58
C ILE B 189 -24.61 -30.35 61.09
N MET B 190 -25.37 -29.76 62.01
CA MET B 190 -26.55 -28.93 61.66
C MET B 190 -26.46 -27.57 62.36
N GLY B 191 -27.16 -26.57 61.82
CA GLY B 191 -27.19 -25.21 62.36
C GLY B 191 -28.17 -24.33 61.61
N GLU B 192 -27.97 -23.00 61.69
CA GLU B 192 -28.76 -21.97 60.98
C GLU B 192 -27.84 -20.82 60.60
N VAL B 193 -28.29 -19.96 59.68
CA VAL B 193 -27.54 -18.74 59.25
C VAL B 193 -28.44 -17.53 59.48
N ARG B 194 -28.05 -16.64 60.38
CA ARG B 194 -28.79 -15.40 60.76
C ARG B 194 -27.90 -14.18 60.53
N ASP B 195 -28.46 -13.16 59.86
CA ASP B 195 -27.86 -11.84 59.53
C ASP B 195 -26.45 -12.09 58.97
N GLY B 196 -26.32 -13.13 58.12
CA GLY B 196 -25.07 -13.50 57.42
C GLY B 196 -24.10 -14.32 58.27
N LYS B 197 -24.40 -14.53 59.56
CA LYS B 197 -23.48 -15.17 60.55
C LYS B 197 -23.86 -16.63 60.71
N VAL B 198 -22.86 -17.52 60.78
CA VAL B 198 -23.03 -19.00 60.88
C VAL B 198 -23.02 -19.42 62.35
N GLU B 199 -24.07 -20.13 62.79
CA GLU B 199 -24.13 -20.74 64.14
C GLU B 199 -24.39 -22.25 63.95
N VAL B 200 -23.54 -23.07 64.56
CA VAL B 200 -23.75 -24.55 64.65
C VAL B 200 -24.56 -24.85 65.91
N PHE B 201 -25.26 -25.97 65.93
CA PHE B 201 -25.89 -26.55 67.14
C PHE B 201 -25.11 -27.84 67.47
N GLU B 202 -24.02 -27.68 68.22
CA GLU B 202 -23.01 -28.74 68.50
C GLU B 202 -23.74 -29.95 69.09
N ARG B 203 -24.92 -29.74 69.69
CA ARG B 203 -25.74 -30.84 70.27
C ARG B 203 -26.08 -31.86 69.18
N PHE B 204 -25.96 -31.49 67.89
CA PHE B 204 -26.37 -32.30 66.72
C PHE B 204 -25.17 -33.01 66.07
N THR B 205 -23.99 -32.40 66.12
CA THR B 205 -22.73 -32.94 65.53
C THR B 205 -22.66 -34.47 65.71
N ILE B 206 -22.36 -35.20 64.63
CA ILE B 206 -22.07 -36.67 64.64
C ILE B 206 -20.59 -36.88 64.32
N ASP B 207 -19.89 -37.69 65.13
CA ASP B 207 -18.46 -38.04 64.98
C ASP B 207 -18.28 -38.94 63.74
N ALA B 208 -17.05 -39.01 63.24
CA ALA B 208 -16.65 -39.78 62.04
C ALA B 208 -17.07 -41.25 62.15
N LYS B 209 -17.00 -41.82 63.36
CA LYS B 209 -17.22 -43.28 63.60
C LYS B 209 -18.65 -43.62 63.23
N ASN B 210 -19.56 -42.66 63.42
CA ASN B 210 -21.02 -42.86 63.22
C ASN B 210 -21.43 -42.23 61.88
N SER B 211 -20.51 -42.19 60.90
CA SER B 211 -20.75 -41.62 59.54
C SER B 211 -21.77 -42.50 58.81
N LEU B 212 -22.94 -41.93 58.54
CA LEU B 212 -24.02 -42.56 57.77
C LEU B 212 -23.58 -42.69 56.31
N ALA B 213 -22.94 -41.66 55.77
CA ALA B 213 -22.50 -41.63 54.36
C ALA B 213 -21.52 -42.80 54.14
N GLN B 214 -20.76 -43.18 55.16
CA GLN B 214 -19.79 -44.31 55.10
C GLN B 214 -20.56 -45.63 55.20
N LEU B 215 -21.68 -45.64 55.92
CA LEU B 215 -22.55 -46.84 56.04
C LEU B 215 -23.13 -47.15 54.65
N PHE B 216 -23.59 -46.13 53.93
CA PHE B 216 -24.12 -46.30 52.55
C PHE B 216 -22.97 -46.79 51.68
N ALA B 217 -21.77 -46.23 51.90
CA ALA B 217 -20.55 -46.57 51.15
C ALA B 217 -20.25 -48.05 51.38
N ASN B 218 -20.08 -48.43 52.64
CA ASN B 218 -19.89 -49.84 53.05
C ASN B 218 -20.90 -50.71 52.29
N ILE B 219 -22.21 -50.41 52.36
CA ILE B 219 -23.27 -51.16 51.61
C ILE B 219 -22.86 -51.24 50.14
N THR B 220 -22.53 -50.09 49.53
CA THR B 220 -22.16 -49.99 48.10
C THR B 220 -21.10 -51.04 47.78
N ARG B 221 -20.01 -51.06 48.55
CA ARG B 221 -18.86 -51.98 48.38
C ARG B 221 -19.33 -53.42 48.62
N TYR B 222 -20.04 -53.63 49.73
CA TYR B 222 -20.67 -54.92 50.11
C TYR B 222 -21.34 -55.57 48.89
N LEU B 223 -22.18 -54.81 48.17
CA LEU B 223 -23.00 -55.33 47.04
C LEU B 223 -22.14 -55.51 45.77
N GLY B 224 -20.83 -55.30 45.86
CA GLY B 224 -19.86 -55.64 44.79
C GLY B 224 -19.51 -54.48 43.86
N PHE B 225 -19.94 -53.26 44.16
CA PHE B 225 -19.62 -52.05 43.35
C PHE B 225 -18.47 -51.30 44.01
N THR B 226 -18.13 -50.13 43.47
CA THR B 226 -16.98 -49.33 43.97
C THR B 226 -17.48 -48.19 44.84
N PRO B 227 -17.18 -48.17 46.16
CA PRO B 227 -17.60 -47.07 47.00
C PRO B 227 -16.96 -45.70 46.72
N ASN B 228 -17.74 -44.62 46.80
CA ASN B 228 -17.19 -43.23 46.69
C ASN B 228 -17.05 -42.76 45.24
N ASN B 229 -17.29 -43.62 44.24
CA ASN B 229 -17.33 -43.18 42.81
C ASN B 229 -18.62 -43.82 42.29
N ASP B 230 -19.33 -44.70 43.05
CA ASP B 230 -20.52 -45.48 42.53
C ASP B 230 -21.59 -45.91 43.55
N GLU B 231 -22.33 -44.99 44.18
CA GLU B 231 -23.39 -45.24 45.20
C GLU B 231 -24.76 -45.08 44.58
N TYR B 232 -24.85 -44.39 43.46
CA TYR B 232 -26.14 -44.13 42.75
C TYR B 232 -26.76 -45.45 42.33
N LYS B 233 -25.93 -46.44 42.02
CA LYS B 233 -26.42 -47.78 41.63
C LYS B 233 -27.29 -48.33 42.74
N VAL B 234 -26.97 -48.01 43.99
CA VAL B 234 -27.75 -48.50 45.17
C VAL B 234 -29.06 -47.72 45.23
N MET B 235 -28.98 -46.39 45.03
CA MET B 235 -30.17 -45.49 44.97
C MET B 235 -31.09 -45.95 43.83
N GLY B 236 -30.53 -46.47 42.75
CA GLY B 236 -31.26 -46.94 41.56
C GLY B 236 -31.80 -48.35 41.76
N LEU B 237 -30.98 -49.25 42.30
CA LEU B 237 -31.43 -50.60 42.67
C LEU B 237 -32.69 -50.48 43.55
N ALA B 238 -32.74 -49.46 44.42
CA ALA B 238 -33.85 -49.21 45.37
C ALA B 238 -35.15 -49.03 44.58
N GLY B 239 -35.04 -48.45 43.38
CA GLY B 239 -36.14 -48.26 42.41
C GLY B 239 -36.93 -49.53 42.14
N PHE B 240 -36.27 -50.70 42.08
CA PHE B 240 -36.87 -51.97 41.59
C PHE B 240 -37.60 -52.76 42.70
N GLY B 241 -37.60 -52.24 43.93
CA GLY B 241 -38.06 -53.00 45.11
C GLY B 241 -39.04 -52.21 45.94
N LYS B 242 -39.53 -52.82 47.03
CA LYS B 242 -40.59 -52.26 47.91
C LYS B 242 -39.98 -52.02 49.30
N ALA B 243 -39.94 -50.75 49.74
CA ALA B 243 -39.53 -50.35 51.10
C ALA B 243 -40.17 -51.29 52.12
N PRO B 244 -39.40 -52.01 52.96
CA PRO B 244 -40.00 -52.82 54.02
C PRO B 244 -40.50 -51.85 55.08
N ASP B 245 -41.32 -52.30 56.04
CA ASP B 245 -41.73 -51.48 57.22
C ASP B 245 -40.45 -51.16 58.03
N GLU B 246 -40.28 -49.93 58.49
CA GLU B 246 -39.03 -49.50 59.20
C GLU B 246 -38.78 -50.45 60.38
N GLN B 247 -39.85 -50.86 61.06
CA GLN B 247 -39.85 -51.84 62.17
C GLN B 247 -39.14 -53.11 61.69
N ASP B 248 -39.19 -53.36 60.39
CA ASP B 248 -38.83 -54.64 59.71
C ASP B 248 -37.52 -54.50 58.93
N ASN B 249 -36.93 -53.30 58.89
CA ASN B 249 -35.69 -52.99 58.12
C ASN B 249 -34.50 -53.50 58.91
N PRO B 250 -33.77 -54.53 58.42
CA PRO B 250 -32.66 -55.10 59.17
C PRO B 250 -31.59 -54.09 59.62
N LEU B 251 -31.44 -52.98 58.89
CA LEU B 251 -30.40 -51.94 59.18
C LEU B 251 -30.92 -50.92 60.20
N LEU B 252 -32.24 -50.73 60.30
CA LEU B 252 -32.82 -49.77 61.28
C LEU B 252 -33.11 -50.47 62.61
N THR B 253 -33.01 -51.80 62.61
CA THR B 253 -33.24 -52.67 63.80
C THR B 253 -31.92 -52.96 64.49
N LYS B 254 -30.92 -53.46 63.77
CA LYS B 254 -29.70 -54.07 64.37
C LYS B 254 -28.42 -53.27 64.05
N VAL B 255 -28.46 -52.24 63.22
CA VAL B 255 -27.23 -51.45 62.85
C VAL B 255 -27.39 -49.99 63.27
N VAL B 256 -28.54 -49.37 62.99
CA VAL B 256 -28.78 -47.92 63.21
C VAL B 256 -29.79 -47.73 64.35
N THR B 257 -29.41 -46.97 65.37
CA THR B 257 -30.32 -46.58 66.48
C THR B 257 -30.42 -45.05 66.48
N LEU B 258 -31.65 -44.53 66.40
CA LEU B 258 -31.98 -43.07 66.48
C LEU B 258 -32.12 -42.65 67.95
N GLU B 259 -31.38 -41.61 68.33
CA GLU B 259 -31.32 -41.11 69.73
C GLU B 259 -31.96 -39.71 69.77
N GLU B 260 -32.23 -39.21 70.97
CA GLU B 260 -33.04 -37.99 71.20
C GLU B 260 -32.30 -36.79 70.60
N GLY B 261 -33.04 -35.73 70.26
CA GLY B 261 -32.51 -34.47 69.73
C GLY B 261 -31.89 -34.65 68.35
N GLY B 262 -32.43 -35.60 67.55
CA GLY B 262 -32.08 -35.81 66.13
C GLY B 262 -30.71 -36.44 65.93
N ARG B 263 -30.34 -37.36 66.81
CA ARG B 263 -29.01 -38.01 66.81
C ARG B 263 -29.19 -39.47 66.37
N TYR B 264 -28.08 -40.14 66.03
CA TYR B 264 -28.02 -41.55 65.55
C TYR B 264 -26.62 -42.09 65.82
N SER B 265 -26.52 -43.33 66.30
CA SER B 265 -25.25 -44.09 66.50
C SER B 265 -25.31 -45.38 65.68
N LEU B 266 -24.14 -45.97 65.42
CA LEU B 266 -24.07 -47.15 64.54
C LEU B 266 -23.28 -48.25 65.23
N ALA B 267 -23.77 -49.48 65.18
CA ALA B 267 -23.05 -50.61 65.79
C ALA B 267 -21.77 -50.87 65.00
N LEU B 268 -20.78 -51.48 65.63
CA LEU B 268 -19.49 -51.76 64.94
C LEU B 268 -18.78 -50.43 64.67
N ALA B 269 -19.20 -49.36 65.32
CA ALA B 269 -18.54 -48.04 65.16
C ALA B 269 -17.21 -48.07 65.90
N ASN B 270 -17.12 -48.89 66.94
CA ASN B 270 -15.89 -48.96 67.75
C ASN B 270 -15.21 -50.30 67.46
N ASP B 271 -15.64 -51.00 66.42
CA ASP B 271 -14.97 -52.25 66.01
C ASP B 271 -13.63 -51.86 65.42
N PRO B 272 -12.50 -52.29 66.01
CA PRO B 272 -11.18 -51.90 65.54
C PRO B 272 -10.76 -52.59 64.24
N ARG B 273 -11.57 -53.54 63.72
CA ARG B 273 -11.39 -54.13 62.35
C ARG B 273 -11.65 -53.02 61.33
N GLY B 274 -12.34 -51.96 61.74
CA GLY B 274 -12.69 -50.83 60.88
C GLY B 274 -13.93 -51.18 60.08
N PRO B 275 -14.17 -50.46 58.95
CA PRO B 275 -15.40 -50.59 58.15
C PRO B 275 -15.72 -52.01 57.64
N ARG B 276 -14.70 -52.83 57.38
CA ARG B 276 -14.87 -54.22 56.85
C ARG B 276 -15.56 -55.11 57.90
N ALA B 277 -15.69 -54.61 59.13
CA ALA B 277 -16.46 -55.22 60.24
C ALA B 277 -17.92 -55.42 59.82
N TYR B 278 -18.52 -54.40 59.20
CA TYR B 278 -19.95 -54.37 58.81
C TYR B 278 -20.24 -55.42 57.73
N ASP B 279 -19.24 -55.96 57.03
CA ASP B 279 -19.44 -56.98 55.96
C ASP B 279 -20.07 -58.25 56.55
N PRO B 280 -19.37 -59.08 57.36
CA PRO B 280 -19.98 -60.25 57.99
C PRO B 280 -21.37 -60.01 58.61
N LEU B 281 -21.59 -58.86 59.26
CA LEU B 281 -22.89 -58.47 59.87
C LEU B 281 -23.95 -58.30 58.77
N PHE B 282 -23.57 -57.84 57.58
CA PHE B 282 -24.50 -57.64 56.45
C PHE B 282 -25.02 -59.02 55.99
N ASP B 283 -24.12 -60.01 55.88
CA ASP B 283 -24.45 -61.42 55.56
C ASP B 283 -25.44 -61.97 56.61
N GLU B 284 -25.08 -61.88 57.89
CA GLU B 284 -25.92 -62.32 59.04
C GLU B 284 -27.32 -61.73 58.92
N LEU B 285 -27.45 -60.50 58.40
CA LEU B 285 -28.68 -59.66 58.45
C LEU B 285 -29.57 -59.89 57.22
N PHE B 286 -28.99 -60.18 56.05
CA PHE B 286 -29.72 -60.35 54.76
C PHE B 286 -29.45 -61.74 54.16
N ASP B 287 -29.09 -62.72 54.98
CA ASP B 287 -28.77 -64.12 54.54
C ASP B 287 -27.85 -64.05 53.31
N GLY B 288 -26.65 -63.49 53.48
CA GLY B 288 -25.68 -63.29 52.40
C GLY B 288 -24.63 -64.39 52.39
N ASN B 289 -24.23 -64.83 51.18
CA ASN B 289 -23.09 -65.76 50.91
C ASN B 289 -22.40 -65.31 49.62
N ASP B 290 -21.30 -65.96 49.24
CA ASP B 290 -20.50 -65.59 48.03
C ASP B 290 -21.26 -65.95 46.76
N ASP B 291 -22.42 -66.60 46.85
CA ASP B 291 -23.19 -67.12 45.69
C ASP B 291 -24.48 -66.31 45.48
N ASN B 292 -24.87 -65.44 46.43
CA ASN B 292 -26.13 -64.66 46.31
C ASN B 292 -25.84 -63.15 46.35
N ARG B 293 -24.62 -62.76 46.73
CA ARG B 293 -24.32 -61.36 47.13
C ARG B 293 -24.48 -60.42 45.92
N GLN B 294 -24.19 -60.92 44.71
CA GLN B 294 -24.24 -60.10 43.47
C GLN B 294 -25.49 -60.40 42.65
N GLU B 295 -26.38 -61.27 43.14
CA GLU B 295 -27.66 -61.59 42.45
C GLU B 295 -28.57 -60.34 42.48
N PHE B 296 -29.46 -60.20 41.50
CA PHE B 296 -30.29 -58.99 41.31
C PHE B 296 -31.31 -58.86 42.46
N ASP B 297 -32.12 -59.89 42.69
CA ASP B 297 -33.15 -59.94 43.77
C ASP B 297 -32.52 -59.56 45.13
N PHE B 298 -31.27 -59.94 45.39
CA PHE B 298 -30.53 -59.69 46.66
C PHE B 298 -30.17 -58.21 46.78
N ARG B 299 -29.43 -57.67 45.80
CA ARG B 299 -28.96 -56.26 45.77
C ARG B 299 -30.15 -55.30 46.01
N VAL B 300 -31.25 -55.52 45.30
CA VAL B 300 -32.47 -54.66 45.37
C VAL B 300 -32.99 -54.65 46.82
N ARG B 301 -33.07 -55.82 47.45
CA ARG B 301 -33.53 -55.99 48.87
C ARG B 301 -32.63 -55.14 49.78
N VAL B 302 -31.32 -55.39 49.71
CA VAL B 302 -30.26 -54.65 50.47
C VAL B 302 -30.35 -53.16 50.14
N ALA B 303 -30.50 -52.83 48.86
CA ALA B 303 -30.58 -51.44 48.36
C ALA B 303 -31.82 -50.76 48.96
N CYS B 304 -33.00 -51.38 48.79
CA CYS B 304 -34.28 -50.86 49.32
C CYS B 304 -34.11 -50.52 50.80
N ALA B 305 -33.59 -51.48 51.58
CA ALA B 305 -33.26 -51.32 53.02
C ALA B 305 -32.29 -50.15 53.20
N ALA B 306 -31.18 -50.16 52.47
CA ALA B 306 -30.07 -49.18 52.54
C ALA B 306 -30.62 -47.77 52.34
N GLN B 307 -31.37 -47.58 51.25
CA GLN B 307 -31.98 -46.28 50.81
C GLN B 307 -32.95 -45.80 51.89
N GLN B 308 -33.71 -46.71 52.52
CA GLN B 308 -34.70 -46.37 53.57
C GLN B 308 -33.98 -45.83 54.81
N VAL B 309 -32.78 -46.36 55.11
CA VAL B 309 -31.98 -45.92 56.29
C VAL B 309 -31.66 -44.43 56.10
N ILE B 310 -31.30 -44.01 54.88
CA ILE B 310 -30.95 -42.59 54.57
C ILE B 310 -32.19 -41.71 54.82
N GLU B 311 -33.32 -42.08 54.23
CA GLU B 311 -34.54 -41.25 54.22
C GLU B 311 -34.99 -41.00 55.66
N ALA B 312 -34.80 -42.00 56.54
CA ALA B 312 -35.35 -42.05 57.93
C ALA B 312 -34.46 -41.25 58.89
N VAL B 313 -33.14 -41.40 58.74
CA VAL B 313 -32.10 -40.70 59.55
C VAL B 313 -32.09 -39.23 59.16
N THR B 314 -32.10 -38.93 57.86
CA THR B 314 -32.13 -37.53 57.35
C THR B 314 -33.39 -36.87 57.91
N ALA B 315 -34.52 -37.61 57.89
CA ALA B 315 -35.82 -37.21 58.44
C ALA B 315 -35.67 -36.92 59.94
N HIS B 316 -35.14 -37.90 60.68
CA HIS B 316 -34.87 -37.79 62.12
C HIS B 316 -34.16 -36.47 62.40
N GLN B 317 -33.00 -36.27 61.75
CA GLN B 317 -32.13 -35.08 61.90
C GLN B 317 -32.91 -33.78 61.62
N LEU B 318 -33.66 -33.71 60.53
CA LEU B 318 -34.28 -32.44 60.06
C LEU B 318 -35.56 -32.12 60.86
N ARG B 319 -36.30 -33.15 61.34
CA ARG B 319 -37.47 -32.96 62.26
C ARG B 319 -36.99 -32.21 63.50
N ALA B 320 -35.90 -32.70 64.10
CA ALA B 320 -35.25 -32.17 65.32
C ALA B 320 -34.67 -30.76 65.08
N LEU B 321 -34.11 -30.51 63.90
CA LEU B 321 -33.57 -29.17 63.52
C LEU B 321 -34.73 -28.17 63.46
N ALA B 322 -35.87 -28.61 62.92
CA ALA B 322 -37.10 -27.81 62.75
C ALA B 322 -37.60 -27.36 64.13
N GLU B 323 -37.42 -28.19 65.18
CA GLU B 323 -37.80 -27.84 66.57
C GLU B 323 -36.77 -26.84 67.17
N ALA B 324 -35.63 -26.61 66.51
CA ALA B 324 -34.49 -25.84 67.03
C ALA B 324 -34.32 -24.51 66.30
N THR B 325 -35.21 -24.17 65.36
CA THR B 325 -35.18 -22.89 64.60
C THR B 325 -36.56 -22.65 63.97
N GLU B 326 -36.99 -21.39 63.88
CA GLU B 326 -38.27 -21.03 63.20
C GLU B 326 -38.04 -20.97 61.68
N LEU B 327 -36.78 -20.85 61.23
CA LEU B 327 -36.36 -20.77 59.79
C LEU B 327 -36.88 -21.99 59.04
N ARG B 328 -37.42 -21.79 57.82
CA ARG B 328 -38.01 -22.86 56.98
C ARG B 328 -37.28 -23.01 55.64
N ASP B 329 -36.19 -22.26 55.42
CA ASP B 329 -35.31 -22.38 54.23
C ASP B 329 -34.13 -23.27 54.60
N LEU B 330 -33.80 -24.27 53.77
CA LEU B 330 -32.80 -25.32 54.09
C LEU B 330 -31.68 -25.34 53.04
N ILE B 331 -30.42 -25.24 53.49
CA ILE B 331 -29.21 -25.60 52.71
C ILE B 331 -28.83 -27.04 53.12
N PHE B 332 -28.44 -27.86 52.17
CA PHE B 332 -28.08 -29.29 52.39
C PHE B 332 -26.96 -29.60 51.40
N GLU B 333 -25.74 -29.73 51.92
CA GLU B 333 -24.51 -30.04 51.14
C GLU B 333 -23.87 -31.28 51.79
N GLY B 334 -22.69 -31.70 51.33
CA GLY B 334 -22.09 -33.00 51.68
C GLY B 334 -22.58 -34.13 50.79
N GLY B 335 -21.80 -35.20 50.69
CA GLY B 335 -22.00 -36.29 49.73
C GLY B 335 -23.34 -36.99 49.85
N LEU B 336 -24.02 -36.89 51.00
CA LEU B 336 -25.33 -37.57 51.20
C LEU B 336 -26.42 -36.83 50.43
N ALA B 337 -26.12 -35.60 50.01
CA ALA B 337 -27.03 -34.78 49.18
C ALA B 337 -27.04 -35.31 47.75
N LEU B 338 -26.11 -36.19 47.42
CA LEU B 338 -26.07 -36.77 46.05
C LEU B 338 -27.24 -37.74 45.91
N ASN B 339 -27.98 -37.96 47.00
CA ASN B 339 -29.18 -38.82 46.93
C ASN B 339 -30.34 -37.97 46.46
N CYS B 340 -30.51 -37.88 45.15
CA CYS B 340 -31.62 -37.09 44.55
C CYS B 340 -32.95 -37.60 45.07
N VAL B 341 -33.11 -38.91 45.20
CA VAL B 341 -34.43 -39.49 45.61
C VAL B 341 -34.79 -38.94 46.99
N ASN B 342 -33.87 -39.03 47.94
CA ASN B 342 -34.09 -38.64 49.36
C ASN B 342 -34.24 -37.11 49.44
N ASN B 343 -33.64 -36.35 48.53
CA ASN B 343 -33.66 -34.86 48.55
C ASN B 343 -35.11 -34.37 48.33
N THR B 344 -35.87 -35.09 47.51
CA THR B 344 -37.26 -34.71 47.16
C THR B 344 -38.19 -35.20 48.28
N LYS B 345 -37.90 -36.31 48.96
CA LYS B 345 -38.61 -36.75 50.19
C LYS B 345 -38.51 -35.65 51.25
N LEU B 346 -37.30 -35.14 51.47
CA LEU B 346 -37.02 -34.14 52.55
C LEU B 346 -37.75 -32.84 52.21
N LEU B 347 -37.93 -32.54 50.91
CA LEU B 347 -38.70 -31.36 50.47
C LEU B 347 -40.21 -31.59 50.75
N GLU B 348 -40.75 -32.73 50.34
CA GLU B 348 -42.21 -32.96 50.34
C GLU B 348 -42.68 -33.31 51.75
N GLU B 349 -42.05 -34.31 52.39
CA GLU B 349 -42.55 -34.94 53.64
C GLU B 349 -42.17 -34.14 54.88
N LEU B 350 -41.13 -33.32 54.82
CA LEU B 350 -40.63 -32.59 56.01
C LEU B 350 -41.00 -31.13 55.91
N PRO B 351 -40.84 -30.35 56.99
CA PRO B 351 -41.49 -29.04 57.12
C PRO B 351 -40.69 -27.82 56.66
N PHE B 352 -39.66 -28.01 55.84
CA PHE B 352 -38.87 -26.92 55.21
C PHE B 352 -39.44 -26.63 53.82
N THR B 353 -39.83 -25.39 53.57
CA THR B 353 -40.68 -25.00 52.41
C THR B 353 -39.85 -24.96 51.13
N ARG B 354 -38.54 -24.71 51.23
CA ARG B 354 -37.58 -24.97 50.13
C ARG B 354 -36.30 -25.57 50.72
N VAL B 355 -35.61 -26.39 49.91
CA VAL B 355 -34.33 -27.08 50.22
C VAL B 355 -33.40 -26.89 49.02
N GLU B 356 -32.25 -26.26 49.22
CA GLU B 356 -31.31 -25.91 48.12
C GLU B 356 -30.08 -26.81 48.24
N VAL B 357 -29.98 -27.74 47.29
CA VAL B 357 -28.83 -28.68 47.11
C VAL B 357 -28.07 -28.26 45.85
N SER B 358 -26.88 -27.71 46.05
CA SER B 358 -25.96 -27.19 44.99
C SER B 358 -25.42 -28.31 44.10
N PHE B 359 -24.78 -27.94 42.99
CA PHE B 359 -23.93 -28.85 42.15
C PHE B 359 -22.60 -29.19 42.83
N GLY B 360 -22.21 -28.49 43.91
CA GLY B 360 -21.00 -28.74 44.73
C GLY B 360 -21.30 -29.33 46.10
N ALA B 361 -22.38 -30.11 46.21
CA ALA B 361 -22.80 -30.79 47.45
C ALA B 361 -21.75 -31.82 47.83
N SER B 362 -21.19 -32.53 46.83
CA SER B 362 -20.00 -33.42 46.95
C SER B 362 -18.73 -32.57 47.05
N ASP B 363 -17.58 -33.21 47.23
CA ASP B 363 -16.27 -32.56 47.56
C ASP B 363 -15.86 -31.53 46.51
N PRO B 364 -16.21 -31.69 45.21
CA PRO B 364 -15.88 -30.64 44.24
C PRO B 364 -16.14 -29.24 44.81
N GLY B 365 -17.24 -29.09 45.55
CA GLY B 365 -17.74 -27.78 46.04
C GLY B 365 -16.87 -27.19 47.14
N VAL B 366 -16.06 -27.99 47.83
CA VAL B 366 -15.26 -27.49 48.98
C VAL B 366 -14.16 -26.58 48.42
N SER B 367 -13.75 -26.78 47.18
CA SER B 367 -12.72 -25.94 46.52
C SER B 367 -13.36 -24.58 46.21
N ILE B 368 -14.67 -24.53 46.09
CA ILE B 368 -15.36 -23.23 45.86
C ILE B 368 -15.71 -22.66 47.24
N GLY B 369 -16.29 -23.48 48.10
CA GLY B 369 -16.71 -22.99 49.41
C GLY B 369 -15.56 -22.43 50.20
N ALA B 370 -14.47 -23.19 50.31
CA ALA B 370 -13.31 -22.76 51.11
C ALA B 370 -13.13 -21.25 50.90
N ALA B 371 -13.00 -20.85 49.65
CA ALA B 371 -12.77 -19.41 49.36
C ALA B 371 -13.97 -18.60 49.83
N ALA B 372 -15.17 -19.00 49.45
CA ALA B 372 -16.38 -18.19 49.79
C ALA B 372 -16.42 -18.01 51.30
N HIS B 373 -16.09 -19.07 52.03
CA HIS B 373 -16.03 -18.97 53.53
C HIS B 373 -15.03 -17.88 53.91
N VAL B 374 -13.87 -17.84 53.26
CA VAL B 374 -12.76 -16.89 53.57
C VAL B 374 -13.16 -15.51 53.04
N ALA B 375 -13.94 -15.44 51.97
CA ALA B 375 -14.46 -14.17 51.42
C ALA B 375 -15.44 -13.54 52.42
N ARG B 376 -16.29 -14.34 53.06
CA ARG B 376 -17.31 -13.85 54.02
C ARG B 376 -16.63 -13.44 55.34
N GLU B 377 -15.63 -14.19 55.83
CA GLU B 377 -14.80 -13.81 57.01
C GLU B 377 -14.03 -12.50 56.72
N LYS B 378 -13.71 -12.24 55.45
CA LYS B 378 -12.86 -11.11 54.98
C LYS B 378 -13.74 -9.92 54.53
N SER B 379 -15.01 -9.88 54.99
CA SER B 379 -16.02 -8.81 54.75
C SER B 379 -16.04 -8.37 53.28
N VAL B 380 -15.99 -9.32 52.34
CA VAL B 380 -16.22 -9.08 50.88
C VAL B 380 -17.64 -9.58 50.55
N ALA B 381 -18.56 -8.67 50.19
CA ALA B 381 -19.97 -9.00 49.84
C ALA B 381 -19.99 -9.77 48.53
N LEU B 382 -20.35 -11.05 48.57
CA LEU B 382 -20.34 -11.96 47.39
C LEU B 382 -21.50 -11.62 46.46
N THR B 383 -21.23 -11.64 45.15
CA THR B 383 -22.24 -11.46 44.07
C THR B 383 -23.16 -12.67 44.07
N PRO B 384 -24.49 -12.47 44.11
CA PRO B 384 -25.44 -13.54 43.81
C PRO B 384 -25.11 -14.20 42.46
N THR B 385 -24.95 -15.52 42.44
CA THR B 385 -24.54 -16.30 41.24
C THR B 385 -25.14 -17.70 41.31
N GLU B 386 -25.49 -18.25 40.15
CA GLU B 386 -26.14 -19.58 40.03
C GLU B 386 -25.40 -20.47 39.02
N SER B 387 -24.49 -19.91 38.22
CA SER B 387 -23.89 -20.61 37.05
C SER B 387 -22.99 -21.75 37.52
N PRO B 388 -23.21 -22.97 36.99
CA PRO B 388 -22.27 -24.08 37.13
C PRO B 388 -21.25 -24.16 36.00
N TYR B 389 -21.43 -23.33 34.97
CA TYR B 389 -20.57 -23.30 33.76
C TYR B 389 -19.40 -22.38 34.10
N LEU B 390 -18.42 -22.88 34.86
CA LEU B 390 -17.40 -22.05 35.54
C LEU B 390 -16.01 -22.31 34.96
N GLY B 391 -15.90 -23.20 33.98
CA GLY B 391 -14.61 -23.80 33.56
C GLY B 391 -14.21 -23.32 32.17
N PRO B 392 -13.16 -23.90 31.56
CA PRO B 392 -12.74 -23.56 30.20
C PRO B 392 -13.84 -23.56 29.11
N GLU B 393 -13.75 -22.60 28.18
CA GLU B 393 -14.53 -22.60 26.91
C GLU B 393 -13.56 -22.57 25.72
N PHE B 394 -14.06 -22.73 24.50
CA PHE B 394 -13.21 -22.90 23.29
C PHE B 394 -13.80 -22.13 22.11
N GLY B 395 -12.99 -21.25 21.50
CA GLY B 395 -13.34 -20.45 20.30
C GLY B 395 -13.25 -21.30 19.04
N GLU B 396 -13.65 -20.75 17.89
CA GLU B 396 -13.69 -21.52 16.62
C GLU B 396 -12.25 -21.89 16.19
N ASP B 397 -11.31 -20.95 16.29
CA ASP B 397 -9.87 -21.18 16.00
C ASP B 397 -9.40 -22.47 16.70
N GLU B 398 -9.46 -22.57 18.04
CA GLU B 398 -9.01 -23.80 18.77
C GLU B 398 -9.64 -25.03 18.13
N ILE B 399 -10.95 -24.97 17.90
CA ILE B 399 -11.75 -26.17 17.53
C ILE B 399 -11.27 -26.68 16.17
N ARG B 400 -11.23 -25.80 15.16
CA ARG B 400 -10.82 -26.15 13.78
C ARG B 400 -9.40 -26.73 13.83
N ALA B 401 -8.50 -26.05 14.54
CA ALA B 401 -7.11 -26.50 14.80
C ALA B 401 -7.16 -27.96 15.26
N THR B 402 -7.86 -28.24 16.35
CA THR B 402 -8.00 -29.60 16.95
C THR B 402 -8.59 -30.55 15.92
N LEU B 403 -9.78 -30.22 15.39
CA LEU B 403 -10.52 -31.03 14.39
C LEU B 403 -9.61 -31.41 13.23
N GLU B 404 -8.75 -30.49 12.77
CA GLU B 404 -7.91 -30.67 11.55
C GLU B 404 -6.64 -31.46 11.89
N GLU B 405 -6.50 -31.96 13.12
CA GLU B 405 -5.48 -32.99 13.48
C GLU B 405 -6.04 -34.38 13.22
N TYR B 406 -7.35 -34.52 13.00
CA TYR B 406 -8.06 -35.82 12.88
C TYR B 406 -8.75 -35.96 11.53
N THR B 407 -8.32 -35.18 10.52
CA THR B 407 -8.95 -35.13 9.17
C THR B 407 -9.12 -36.54 8.60
N SER B 408 -8.17 -37.43 8.89
CA SER B 408 -8.07 -38.83 8.40
C SER B 408 -9.25 -39.67 8.91
N SER B 409 -9.79 -39.31 10.08
CA SER B 409 -10.84 -40.05 10.83
C SER B 409 -12.20 -39.32 10.81
N VAL B 410 -12.23 -38.00 10.59
CA VAL B 410 -13.51 -37.24 10.62
C VAL B 410 -13.66 -36.32 9.41
N THR B 411 -14.90 -35.96 9.13
CA THR B 411 -15.32 -34.79 8.32
C THR B 411 -16.12 -33.85 9.22
N TRP B 412 -16.16 -32.56 8.89
CA TRP B 412 -16.79 -31.54 9.76
C TRP B 412 -17.21 -30.33 8.93
N GLU B 413 -17.83 -29.33 9.56
CA GLU B 413 -18.20 -28.07 8.89
C GLU B 413 -18.64 -27.06 9.94
N GLN B 414 -18.22 -25.80 9.81
CA GLN B 414 -18.69 -24.68 10.68
C GLN B 414 -20.02 -24.20 10.09
N LEU B 415 -21.13 -24.49 10.77
CA LEU B 415 -22.48 -23.97 10.43
C LEU B 415 -22.63 -22.56 10.99
N PRO B 416 -23.34 -21.65 10.28
CA PRO B 416 -23.67 -20.34 10.84
C PRO B 416 -24.26 -20.52 12.25
N SER B 417 -23.93 -19.61 13.18
CA SER B 417 -24.35 -19.70 14.61
C SER B 417 -25.84 -20.05 14.72
N ASP B 418 -26.68 -19.39 13.91
CA ASP B 418 -28.18 -19.41 14.01
C ASP B 418 -28.76 -20.76 13.54
N GLU B 419 -27.99 -21.57 12.81
CA GLU B 419 -28.46 -22.84 12.17
C GLU B 419 -28.11 -24.07 13.01
N VAL B 420 -27.01 -24.01 13.79
CA VAL B 420 -26.45 -25.14 14.61
C VAL B 420 -27.59 -25.83 15.37
N VAL B 421 -28.46 -25.03 16.02
CA VAL B 421 -29.61 -25.54 16.82
C VAL B 421 -30.47 -26.40 15.88
N GLY B 422 -30.84 -25.87 14.71
CA GLY B 422 -31.76 -26.51 13.75
C GLY B 422 -31.20 -27.81 13.20
N LYS B 423 -29.97 -27.83 12.68
CA LYS B 423 -29.31 -29.06 12.17
C LYS B 423 -29.29 -30.13 13.28
N THR B 424 -29.01 -29.74 14.51
CA THR B 424 -28.83 -30.66 15.67
C THR B 424 -30.19 -31.30 16.00
N ALA B 425 -31.22 -30.46 16.10
CA ALA B 425 -32.61 -30.86 16.40
C ALA B 425 -33.14 -31.76 15.27
N GLU B 426 -32.67 -31.58 14.04
CA GLU B 426 -32.98 -32.48 12.89
C GLU B 426 -32.38 -33.86 13.22
N LEU B 427 -31.09 -33.90 13.55
CA LEU B 427 -30.37 -35.17 13.82
C LEU B 427 -31.12 -35.95 14.91
N LEU B 428 -31.47 -35.27 16.00
CA LEU B 428 -32.06 -35.84 17.24
C LEU B 428 -33.44 -36.46 16.98
N THR B 429 -34.17 -35.97 15.97
CA THR B 429 -35.48 -36.52 15.57
C THR B 429 -35.31 -37.99 15.23
N GLY B 430 -34.15 -38.34 14.65
CA GLY B 430 -33.73 -39.71 14.34
C GLY B 430 -33.23 -40.40 15.58
N LYS B 431 -32.99 -41.71 15.49
CA LYS B 431 -32.48 -42.53 16.61
C LYS B 431 -30.98 -42.26 16.76
N THR B 432 -30.62 -41.00 16.98
CA THR B 432 -29.23 -40.49 17.02
C THR B 432 -28.81 -40.24 18.48
N VAL B 433 -27.58 -40.64 18.83
CA VAL B 433 -26.84 -40.28 20.07
C VAL B 433 -25.72 -39.30 19.69
N ILE B 434 -25.69 -38.14 20.34
CA ILE B 434 -24.93 -36.95 19.87
C ILE B 434 -24.06 -36.41 21.00
N GLY B 435 -22.79 -36.14 20.69
CA GLY B 435 -21.91 -35.31 21.53
C GLY B 435 -22.30 -33.84 21.40
N TRP B 436 -22.57 -33.18 22.51
CA TRP B 436 -22.94 -31.74 22.56
C TRP B 436 -21.95 -31.01 23.47
N PHE B 437 -20.99 -30.32 22.86
CA PHE B 437 -19.90 -29.60 23.56
C PHE B 437 -20.08 -28.10 23.30
N GLN B 438 -20.39 -27.34 24.36
CA GLN B 438 -20.73 -25.89 24.31
C GLN B 438 -20.20 -25.17 25.57
N GLY B 439 -19.62 -23.98 25.35
CA GLY B 439 -19.34 -22.95 26.35
C GLY B 439 -18.40 -23.41 27.44
N ARG B 440 -18.64 -22.94 28.67
CA ARG B 440 -17.74 -23.10 29.84
C ARG B 440 -18.03 -24.48 30.45
N THR B 441 -16.99 -25.22 30.84
CA THR B 441 -17.10 -26.58 31.42
C THR B 441 -17.82 -26.50 32.77
N GLU B 442 -18.93 -27.23 32.86
CA GLU B 442 -19.74 -27.36 34.09
C GLU B 442 -18.88 -27.93 35.22
N TYR B 443 -18.93 -27.27 36.37
CA TYR B 443 -18.51 -27.78 37.70
C TYR B 443 -19.53 -28.79 38.20
N GLY B 444 -19.06 -29.76 38.98
CA GLY B 444 -19.92 -30.76 39.64
C GLY B 444 -19.79 -32.14 39.00
N PRO B 445 -20.33 -33.17 39.66
CA PRO B 445 -20.32 -34.52 39.11
C PRO B 445 -21.15 -34.68 37.84
N ARG B 446 -22.29 -33.98 37.74
CA ARG B 446 -23.36 -34.21 36.73
C ARG B 446 -23.16 -33.24 35.56
N ALA B 447 -23.07 -33.78 34.34
CA ALA B 447 -23.10 -33.00 33.09
C ALA B 447 -24.43 -32.23 33.03
N LEU B 448 -24.38 -30.94 32.69
CA LEU B 448 -25.54 -30.01 32.69
C LEU B 448 -25.69 -29.31 31.34
N GLY B 449 -25.45 -30.01 30.23
CA GLY B 449 -25.82 -29.58 28.86
C GLY B 449 -24.76 -28.75 28.17
N ASN B 450 -23.54 -28.67 28.70
CA ASN B 450 -22.40 -27.96 28.07
C ASN B 450 -21.26 -28.95 27.77
N ARG B 451 -21.35 -30.17 28.30
CA ARG B 451 -20.41 -31.28 28.01
C ARG B 451 -21.21 -32.58 28.14
N SER B 452 -22.24 -32.73 27.31
CA SER B 452 -23.28 -33.78 27.44
C SER B 452 -23.33 -34.61 26.17
N ILE B 453 -23.91 -35.80 26.29
CA ILE B 453 -24.40 -36.61 25.14
C ILE B 453 -25.93 -36.57 25.19
N LEU B 454 -26.54 -36.15 24.08
CA LEU B 454 -27.99 -35.87 23.94
C LEU B 454 -28.61 -36.95 23.05
N ALA B 455 -29.84 -37.35 23.35
CA ALA B 455 -30.63 -38.27 22.51
C ALA B 455 -32.13 -38.08 22.81
N ASN B 456 -32.96 -38.54 21.87
CA ASN B 456 -34.44 -38.42 21.92
C ASN B 456 -34.95 -39.56 22.81
N PRO B 457 -35.68 -39.25 23.89
CA PRO B 457 -36.17 -40.29 24.81
C PRO B 457 -37.50 -40.93 24.43
N SER B 458 -38.08 -40.56 23.29
CA SER B 458 -39.36 -41.09 22.74
C SER B 458 -39.17 -42.50 22.14
N TYR B 459 -37.99 -42.81 21.58
CA TYR B 459 -37.67 -44.16 21.05
C TYR B 459 -37.74 -45.18 22.21
N ALA B 460 -38.42 -46.30 21.99
CA ALA B 460 -38.68 -47.33 23.03
C ALA B 460 -37.35 -47.97 23.50
N ASP B 461 -36.40 -48.14 22.59
CA ASP B 461 -35.15 -48.90 22.87
C ASP B 461 -33.97 -47.95 23.15
N MET B 462 -34.20 -46.64 23.31
CA MET B 462 -33.10 -45.64 23.40
C MET B 462 -32.18 -45.98 24.58
N LYS B 463 -32.75 -46.37 25.73
CA LYS B 463 -31.98 -46.79 26.92
C LYS B 463 -30.88 -47.76 26.49
N ASP B 464 -31.20 -48.73 25.62
CA ASP B 464 -30.24 -49.75 25.12
C ASP B 464 -29.27 -49.11 24.12
N VAL B 465 -29.78 -48.29 23.22
CA VAL B 465 -28.94 -47.77 22.11
C VAL B 465 -27.82 -46.95 22.73
N ILE B 466 -28.11 -46.15 23.76
CA ILE B 466 -27.08 -45.32 24.46
C ILE B 466 -26.04 -46.26 25.07
N ASN B 467 -26.44 -47.20 25.92
CA ASN B 467 -25.52 -48.16 26.59
C ASN B 467 -24.70 -48.92 25.53
N ASN B 468 -25.29 -49.29 24.40
CA ASN B 468 -24.56 -50.01 23.31
C ASN B 468 -23.54 -49.05 22.69
N ARG B 469 -23.89 -47.79 22.51
CA ARG B 469 -23.00 -46.86 21.76
C ARG B 469 -22.02 -46.04 22.61
N VAL B 470 -22.43 -45.47 23.74
CA VAL B 470 -21.51 -44.59 24.53
C VAL B 470 -21.11 -45.30 25.81
N LYS B 471 -22.00 -45.38 26.80
CA LYS B 471 -21.61 -45.92 28.14
C LYS B 471 -22.20 -47.30 28.41
N HIS B 472 -21.36 -48.33 28.37
CA HIS B 472 -21.81 -49.72 28.61
C HIS B 472 -22.06 -49.84 30.11
N ARG B 473 -23.24 -49.44 30.55
CA ARG B 473 -23.60 -49.35 32.00
C ARG B 473 -24.58 -50.46 32.32
N GLU B 474 -24.64 -50.87 33.58
CA GLU B 474 -25.61 -51.87 34.11
C GLU B 474 -27.01 -51.32 33.81
N PRO B 475 -27.97 -52.16 33.39
CA PRO B 475 -29.32 -51.70 33.07
C PRO B 475 -30.25 -51.56 34.30
N PHE B 476 -29.71 -51.09 35.43
CA PHE B 476 -30.48 -50.63 36.62
C PHE B 476 -30.03 -49.21 37.01
N ARG B 477 -29.43 -48.49 36.06
CA ARG B 477 -28.96 -47.09 36.25
C ARG B 477 -29.66 -46.24 35.21
N PRO B 478 -30.58 -45.34 35.60
CA PRO B 478 -31.39 -44.61 34.63
C PRO B 478 -30.68 -43.37 34.07
N PHE B 479 -31.15 -42.88 32.92
CA PHE B 479 -30.73 -41.60 32.29
C PHE B 479 -31.67 -40.47 32.74
N ALA B 480 -31.18 -39.24 32.65
CA ALA B 480 -31.86 -38.05 33.18
C ALA B 480 -32.27 -37.15 32.01
N PRO B 481 -33.44 -36.51 32.04
CA PRO B 481 -33.80 -35.56 30.99
C PRO B 481 -33.45 -34.09 31.25
N ILE B 482 -33.38 -33.33 30.17
CA ILE B 482 -33.49 -31.85 30.20
C ILE B 482 -34.91 -31.49 29.77
N VAL B 483 -35.42 -30.38 30.28
CA VAL B 483 -36.77 -29.83 30.02
C VAL B 483 -36.67 -28.30 30.16
N LEU B 484 -37.42 -27.54 29.38
CA LEU B 484 -37.57 -26.08 29.64
C LEU B 484 -38.24 -25.94 31.01
N GLU B 485 -37.79 -25.02 31.85
CA GLU B 485 -38.46 -24.72 33.15
C GLU B 485 -39.96 -24.63 32.90
N GLU B 486 -40.33 -23.82 31.89
CA GLU B 486 -41.73 -23.47 31.49
C GLU B 486 -42.57 -24.72 31.17
N ASN B 487 -41.97 -25.90 31.04
CA ASN B 487 -42.65 -27.18 30.69
C ASN B 487 -42.49 -28.24 31.80
N ALA B 488 -41.87 -27.89 32.93
CA ALA B 488 -41.54 -28.85 34.01
C ALA B 488 -42.83 -29.28 34.73
N ALA B 489 -43.69 -28.31 35.11
CA ALA B 489 -44.87 -28.56 35.96
C ALA B 489 -45.91 -29.37 35.20
N ARG B 490 -45.82 -29.38 33.86
CA ARG B 490 -46.67 -30.18 32.93
C ARG B 490 -46.17 -31.64 32.87
N VAL B 491 -44.86 -31.85 32.71
CA VAL B 491 -44.34 -33.24 32.52
C VAL B 491 -44.09 -33.92 33.86
N PHE B 492 -43.71 -33.17 34.88
CA PHE B 492 -43.33 -33.82 36.16
C PHE B 492 -44.11 -33.26 37.33
N GLU B 493 -44.28 -34.07 38.38
CA GLU B 493 -44.91 -33.56 39.62
C GLU B 493 -43.82 -32.80 40.35
N MET B 494 -43.72 -31.49 40.12
CA MET B 494 -42.60 -30.70 40.69
C MET B 494 -42.80 -30.44 42.18
N GLY B 495 -44.03 -30.57 42.67
CA GLY B 495 -44.32 -30.35 44.09
C GLY B 495 -43.94 -28.95 44.54
N ARG B 496 -43.21 -28.86 45.66
CA ARG B 496 -42.85 -27.53 46.20
C ARG B 496 -41.72 -26.85 45.39
N LYS B 497 -41.29 -27.44 44.26
CA LYS B 497 -40.18 -26.92 43.42
C LYS B 497 -40.77 -26.18 42.21
N GLU B 498 -40.16 -25.05 41.84
CA GLU B 498 -40.49 -24.30 40.60
C GLU B 498 -39.43 -24.61 39.54
N ARG B 499 -38.18 -24.83 39.94
CA ARG B 499 -37.01 -25.13 39.06
C ARG B 499 -36.14 -26.19 39.72
N SER B 500 -35.28 -26.86 38.93
CA SER B 500 -34.27 -27.85 39.38
C SER B 500 -33.19 -27.94 38.31
N PRO B 501 -32.31 -26.92 38.19
CA PRO B 501 -31.34 -26.85 37.09
C PRO B 501 -29.98 -27.53 37.32
N TYR B 502 -29.80 -28.26 38.43
CA TYR B 502 -28.51 -28.87 38.86
C TYR B 502 -28.57 -30.41 38.90
N MET B 503 -29.70 -31.00 38.51
CA MET B 503 -30.02 -32.44 38.62
C MET B 503 -29.74 -32.95 40.04
N THR B 504 -30.05 -32.15 41.07
CA THR B 504 -29.84 -32.55 42.49
C THR B 504 -31.13 -33.06 43.11
N PHE B 505 -32.28 -32.80 42.47
CA PHE B 505 -33.59 -33.35 42.88
C PHE B 505 -34.17 -34.21 41.75
N VAL B 506 -34.83 -35.30 42.17
CA VAL B 506 -35.59 -36.23 41.30
C VAL B 506 -37.08 -35.91 41.45
N PHE B 507 -37.88 -36.11 40.40
CA PHE B 507 -39.34 -35.87 40.43
C PHE B 507 -40.09 -36.99 39.71
N PRO B 508 -41.34 -37.31 40.15
CA PRO B 508 -42.14 -38.33 39.46
C PRO B 508 -42.70 -37.73 38.17
N VAL B 509 -42.81 -38.55 37.12
CA VAL B 509 -43.30 -38.13 35.78
C VAL B 509 -44.82 -38.27 35.80
N ARG B 510 -45.56 -37.27 35.29
CA ARG B 510 -47.03 -37.35 35.12
C ARG B 510 -47.31 -38.40 34.04
N PRO B 511 -48.12 -39.44 34.32
CA PRO B 511 -48.28 -40.57 33.40
C PRO B 511 -48.40 -40.18 31.92
N GLU B 512 -49.16 -39.12 31.61
CA GLU B 512 -49.44 -38.67 30.22
C GLU B 512 -48.16 -38.55 29.38
N TYR B 513 -47.03 -38.12 29.98
CA TYR B 513 -45.75 -37.88 29.25
C TYR B 513 -44.76 -39.04 29.44
N THR B 514 -45.18 -40.17 30.01
CA THR B 514 -44.29 -41.30 30.38
C THR B 514 -43.67 -41.91 29.13
N GLU B 515 -44.46 -42.10 28.06
CA GLU B 515 -44.01 -42.85 26.87
C GLU B 515 -42.95 -42.05 26.10
N LYS B 516 -43.21 -40.76 25.89
CA LYS B 516 -42.43 -39.92 24.96
C LYS B 516 -41.10 -39.50 25.60
N ILE B 517 -40.89 -39.78 26.90
CA ILE B 517 -39.63 -39.42 27.61
C ILE B 517 -39.11 -40.63 28.40
N ALA B 518 -39.58 -41.84 28.09
CA ALA B 518 -39.41 -43.05 28.94
C ALA B 518 -37.92 -43.33 29.19
N ALA B 519 -37.05 -43.09 28.20
CA ALA B 519 -35.61 -43.37 28.32
C ALA B 519 -34.99 -42.53 29.46
N ALA B 520 -35.45 -41.30 29.66
CA ALA B 520 -35.01 -40.41 30.76
C ALA B 520 -35.93 -40.57 31.98
N THR B 521 -36.40 -41.79 32.21
CA THR B 521 -37.28 -42.20 33.33
C THR B 521 -36.72 -43.48 33.93
N HIS B 522 -36.72 -43.59 35.26
CA HIS B 522 -36.40 -44.84 36.01
C HIS B 522 -37.63 -45.76 36.05
N VAL B 523 -37.44 -47.01 36.48
CA VAL B 523 -38.55 -48.00 36.63
C VAL B 523 -39.58 -47.47 37.64
N ASP B 524 -39.18 -46.68 38.64
CA ASP B 524 -40.10 -46.18 39.71
C ASP B 524 -40.81 -44.90 39.23
N ALA B 525 -40.75 -44.62 37.92
CA ALA B 525 -41.46 -43.52 37.22
C ALA B 525 -40.92 -42.15 37.65
N THR B 526 -39.61 -42.05 37.92
CA THR B 526 -38.97 -40.82 38.46
C THR B 526 -37.88 -40.36 37.48
N SER B 527 -37.73 -39.04 37.33
CA SER B 527 -36.66 -38.38 36.52
C SER B 527 -35.79 -37.50 37.41
N ARG B 528 -34.46 -37.59 37.24
CA ARG B 528 -33.47 -36.63 37.81
C ARG B 528 -33.32 -35.47 36.82
N ILE B 529 -34.39 -34.70 36.66
CA ILE B 529 -34.56 -33.73 35.54
C ILE B 529 -33.56 -32.59 35.68
N GLN B 530 -33.24 -31.94 34.57
CA GLN B 530 -32.57 -30.61 34.55
C GLN B 530 -33.47 -29.56 33.90
N THR B 531 -33.99 -28.60 34.69
CA THR B 531 -34.71 -27.42 34.16
C THR B 531 -33.69 -26.53 33.45
N VAL B 532 -34.16 -25.88 32.38
CA VAL B 532 -33.35 -25.04 31.46
C VAL B 532 -34.15 -23.76 31.21
N THR B 533 -33.46 -22.64 30.98
CA THR B 533 -34.05 -21.33 30.62
C THR B 533 -33.14 -20.68 29.56
N GLU B 534 -33.61 -19.60 28.92
CA GLU B 534 -32.80 -18.75 28.00
C GLU B 534 -31.67 -18.13 28.84
N ASP B 535 -31.95 -17.78 30.10
CA ASP B 535 -30.98 -17.13 31.03
C ASP B 535 -29.89 -18.15 31.39
N SER B 536 -30.28 -19.33 31.87
CA SER B 536 -29.38 -20.37 32.45
C SER B 536 -28.45 -20.93 31.36
N ASN B 537 -28.96 -21.18 30.15
CA ASN B 537 -28.19 -21.81 29.04
C ASN B 537 -28.89 -21.51 27.72
N PRO B 538 -28.67 -20.32 27.09
CA PRO B 538 -29.45 -19.93 25.91
C PRO B 538 -29.39 -20.97 24.77
N ARG B 539 -28.18 -21.42 24.39
CA ARG B 539 -27.99 -22.36 23.26
C ARG B 539 -28.81 -23.63 23.53
N LEU B 540 -28.80 -24.14 24.76
CA LEU B 540 -29.54 -25.37 25.15
C LEU B 540 -31.04 -25.09 25.16
N ALA B 541 -31.43 -23.89 25.58
CA ALA B 541 -32.83 -23.42 25.64
C ALA B 541 -33.42 -23.42 24.23
N ALA B 542 -32.63 -22.93 23.26
CA ALA B 542 -33.00 -22.88 21.82
C ALA B 542 -33.14 -24.31 21.30
N LEU B 543 -32.24 -25.21 21.73
CA LEU B 543 -32.15 -26.62 21.27
C LEU B 543 -33.41 -27.38 21.71
N LEU B 544 -33.85 -27.16 22.94
CA LEU B 544 -35.05 -27.83 23.48
C LEU B 544 -36.29 -27.31 22.75
N ARG B 545 -36.45 -25.98 22.64
CA ARG B 545 -37.62 -25.36 21.96
C ARG B 545 -37.70 -25.92 20.53
N GLU B 546 -36.58 -25.93 19.80
CA GLU B 546 -36.55 -26.30 18.37
C GLU B 546 -36.79 -27.80 18.21
N PHE B 547 -36.16 -28.66 19.02
CA PHE B 547 -36.34 -30.13 19.02
C PHE B 547 -37.82 -30.45 19.31
N THR B 548 -38.38 -29.82 20.35
CA THR B 548 -39.77 -30.07 20.82
C THR B 548 -40.74 -29.67 19.72
N SER B 549 -40.43 -28.60 18.97
CA SER B 549 -41.37 -28.05 17.93
C SER B 549 -41.51 -29.09 16.80
N ARG B 550 -40.55 -30.00 16.68
CA ARG B 550 -40.51 -30.98 15.57
C ARG B 550 -41.13 -32.32 16.01
N THR B 551 -40.83 -32.74 17.24
CA THR B 551 -41.18 -34.09 17.75
C THR B 551 -42.34 -34.02 18.75
N ASP B 552 -42.68 -32.84 19.24
CA ASP B 552 -43.71 -32.69 20.31
C ASP B 552 -43.23 -33.55 21.48
N VAL B 553 -41.91 -33.70 21.62
CA VAL B 553 -41.27 -34.42 22.75
C VAL B 553 -40.61 -33.40 23.65
N PRO B 554 -41.12 -33.19 24.89
CA PRO B 554 -40.70 -32.07 25.74
C PRO B 554 -39.33 -32.17 26.41
N CYS B 555 -38.69 -33.33 26.33
CA CYS B 555 -37.42 -33.65 27.04
C CYS B 555 -36.41 -34.28 26.07
N LEU B 556 -35.13 -33.94 26.27
CA LEU B 556 -33.98 -34.65 25.67
C LEU B 556 -33.26 -35.38 26.80
N VAL B 557 -32.77 -36.59 26.52
CA VAL B 557 -31.81 -37.31 27.41
C VAL B 557 -30.56 -36.46 27.48
N ASN B 558 -30.19 -36.02 28.68
CA ASN B 558 -28.89 -35.38 28.96
C ASN B 558 -28.07 -36.31 29.84
N THR B 559 -26.98 -36.84 29.28
CA THR B 559 -26.08 -37.79 29.98
C THR B 559 -24.63 -37.32 29.84
N SER B 560 -23.73 -37.88 30.65
CA SER B 560 -22.30 -37.46 30.77
C SER B 560 -21.53 -37.77 29.49
N PHE B 561 -20.91 -36.76 28.88
CA PHE B 561 -19.98 -36.91 27.74
C PHE B 561 -18.64 -37.44 28.26
N ASN B 562 -18.51 -38.76 28.25
CA ASN B 562 -17.28 -39.46 28.68
C ASN B 562 -17.39 -40.94 28.27
N VAL B 563 -16.26 -41.62 28.17
CA VAL B 563 -16.19 -43.10 28.15
C VAL B 563 -16.44 -43.58 29.58
N ALA B 564 -17.07 -44.74 29.74
CA ALA B 564 -17.29 -45.37 31.07
C ALA B 564 -15.96 -45.35 31.83
N GLY B 565 -15.94 -44.74 33.01
CA GLY B 565 -14.77 -44.76 33.90
C GLY B 565 -13.96 -43.48 33.83
N GLU B 566 -13.81 -42.88 32.65
CA GLU B 566 -13.11 -41.59 32.51
C GLU B 566 -14.07 -40.46 32.89
N PRO B 567 -13.53 -39.30 33.34
CA PRO B 567 -14.34 -38.16 33.71
C PRO B 567 -15.02 -37.45 32.52
N ILE B 568 -16.03 -36.63 32.80
CA ILE B 568 -16.69 -35.72 31.80
C ILE B 568 -15.59 -34.95 31.06
N VAL B 569 -15.72 -34.85 29.72
CA VAL B 569 -14.68 -34.26 28.83
C VAL B 569 -14.56 -32.77 29.10
N CYS B 570 -13.40 -32.19 28.76
CA CYS B 570 -13.06 -30.77 29.05
C CYS B 570 -12.65 -30.06 27.76
N SER B 571 -11.49 -30.43 27.21
CA SER B 571 -10.94 -29.83 25.96
C SER B 571 -11.67 -30.40 24.76
N PRO B 572 -11.61 -29.75 23.58
CA PRO B 572 -12.21 -30.30 22.38
C PRO B 572 -11.60 -31.67 22.01
N LYS B 573 -10.29 -31.84 22.21
CA LYS B 573 -9.61 -33.12 21.90
C LYS B 573 -10.21 -34.24 22.74
N ASP B 574 -10.36 -34.00 24.04
CA ASP B 574 -10.97 -34.99 24.94
C ASP B 574 -12.30 -35.42 24.32
N ALA B 575 -12.97 -34.52 23.62
CA ALA B 575 -14.29 -34.81 23.03
C ALA B 575 -14.14 -35.61 21.74
N VAL B 576 -13.22 -35.20 20.86
CA VAL B 576 -12.97 -35.94 19.61
C VAL B 576 -12.45 -37.33 19.98
N GLU B 577 -11.61 -37.40 21.01
CA GLU B 577 -11.07 -38.71 21.48
C GLU B 577 -12.24 -39.62 21.86
N CYS B 578 -13.15 -39.13 22.72
CA CYS B 578 -14.33 -39.89 23.22
C CYS B 578 -15.24 -40.24 22.05
N PHE B 579 -15.51 -39.28 21.17
CA PHE B 579 -16.31 -39.45 19.93
C PHE B 579 -15.76 -40.63 19.12
N LEU B 580 -14.46 -40.61 18.79
CA LEU B 580 -13.81 -41.65 17.93
C LEU B 580 -13.66 -43.00 18.66
N GLY B 581 -13.81 -43.02 20.00
CA GLY B 581 -13.63 -44.22 20.85
C GLY B 581 -14.95 -44.79 21.33
N THR B 582 -16.07 -44.31 20.79
CA THR B 582 -17.43 -44.81 21.06
C THR B 582 -18.14 -44.96 19.72
N ASP B 583 -19.43 -45.32 19.72
CA ASP B 583 -20.28 -45.38 18.50
C ASP B 583 -21.29 -44.23 18.54
N ILE B 584 -20.93 -43.12 19.18
CA ILE B 584 -21.64 -41.81 19.11
C ILE B 584 -21.76 -41.47 17.63
N ASP B 585 -22.96 -41.13 17.17
CA ASP B 585 -23.30 -40.94 15.73
C ASP B 585 -22.68 -39.63 15.24
N HIS B 586 -22.74 -38.56 16.04
CA HIS B 586 -22.31 -37.19 15.67
C HIS B 586 -21.82 -36.42 16.89
N LEU B 587 -20.89 -35.49 16.66
CA LEU B 587 -20.36 -34.55 17.67
C LEU B 587 -20.63 -33.11 17.20
N VAL B 588 -21.40 -32.34 17.98
CA VAL B 588 -21.59 -30.87 17.80
C VAL B 588 -20.75 -30.15 18.87
N ILE B 589 -19.68 -29.47 18.45
CA ILE B 589 -18.76 -28.74 19.36
C ILE B 589 -18.67 -27.29 18.89
N GLY B 590 -19.14 -26.35 19.71
CA GLY B 590 -19.30 -24.95 19.30
C GLY B 590 -20.28 -24.86 18.15
N ASP B 591 -19.82 -24.37 17.00
CA ASP B 591 -20.66 -24.24 15.78
C ASP B 591 -20.28 -25.33 14.76
N PHE B 592 -19.39 -26.25 15.13
CA PHE B 592 -18.88 -27.33 14.24
C PHE B 592 -19.70 -28.61 14.39
N LEU B 593 -20.31 -29.07 13.30
CA LEU B 593 -20.99 -30.39 13.22
C LEU B 593 -19.99 -31.37 12.61
N VAL B 594 -19.52 -32.34 13.42
CA VAL B 594 -18.44 -33.31 13.08
C VAL B 594 -19.05 -34.68 12.88
N SER B 595 -18.58 -35.41 11.85
CA SER B 595 -19.11 -36.71 11.41
C SER B 595 -17.94 -37.66 11.13
N LYS B 596 -18.11 -38.95 11.43
CA LYS B 596 -17.07 -40.00 11.25
C LYS B 596 -16.97 -40.39 9.77
N ARG B 597 -15.77 -40.71 9.29
CA ARG B 597 -15.58 -41.32 7.94
C ARG B 597 -15.67 -42.84 8.10
N MET C 1 4.86 4.94 -43.85
CA MET C 1 3.70 5.78 -44.29
C MET C 1 3.15 6.61 -43.13
N ILE C 2 2.94 7.89 -43.38
CA ILE C 2 2.48 8.87 -42.34
C ILE C 2 1.25 9.60 -42.87
N ILE C 3 0.08 9.32 -42.28
CA ILE C 3 -1.23 9.95 -42.63
C ILE C 3 -1.60 10.98 -41.55
N LEU C 4 -1.93 12.21 -41.94
CA LEU C 4 -2.41 13.24 -40.98
C LEU C 4 -3.86 13.59 -41.30
N GLY C 5 -4.77 13.23 -40.38
CA GLY C 5 -6.20 13.61 -40.42
C GLY C 5 -6.40 14.96 -39.77
N TYR C 6 -7.26 15.81 -40.34
CA TYR C 6 -7.42 17.22 -39.94
C TYR C 6 -8.83 17.69 -40.32
N ASN C 7 -9.31 18.70 -39.57
CA ASN C 7 -10.65 19.33 -39.70
C ASN C 7 -10.45 20.84 -39.46
N GLY C 8 -11.11 21.70 -40.25
CA GLY C 8 -11.05 23.15 -40.08
C GLY C 8 -11.10 23.92 -41.40
N PHE C 9 -11.70 25.11 -41.34
CA PHE C 9 -11.74 26.14 -42.41
C PHE C 9 -11.54 27.53 -41.79
N SER C 10 -10.43 28.19 -42.12
CA SER C 10 -10.04 29.48 -41.50
C SER C 10 -11.13 30.54 -41.71
N GLN C 11 -11.75 30.60 -42.89
CA GLN C 11 -12.65 31.71 -43.29
C GLN C 11 -14.09 31.41 -42.87
N ILE C 12 -14.45 30.13 -42.72
CA ILE C 12 -15.85 29.66 -42.47
C ILE C 12 -16.50 30.50 -41.38
N ALA C 13 -15.72 30.92 -40.36
CA ALA C 13 -16.17 31.73 -39.21
C ALA C 13 -16.71 33.07 -39.71
N GLU C 14 -15.84 33.91 -40.29
CA GLU C 14 -16.21 35.24 -40.84
C GLU C 14 -17.37 35.06 -41.83
N LEU C 15 -17.28 34.06 -42.70
CA LEU C 15 -18.28 33.77 -43.76
C LEU C 15 -19.68 33.68 -43.13
N PHE C 16 -19.90 32.71 -42.24
CA PHE C 16 -21.21 32.43 -41.58
C PHE C 16 -21.61 33.64 -40.73
N GLY C 17 -20.63 34.47 -40.33
CA GLY C 17 -20.83 35.77 -39.64
C GLY C 17 -21.60 36.75 -40.51
N ARG C 18 -20.94 37.28 -41.55
CA ARG C 18 -21.51 38.20 -42.58
C ARG C 18 -22.76 37.63 -43.23
N LEU C 19 -22.69 36.38 -43.69
CA LEU C 19 -23.61 35.82 -44.71
C LEU C 19 -24.90 35.36 -44.06
N TYR C 20 -24.84 34.58 -42.99
CA TYR C 20 -26.04 33.93 -42.38
C TYR C 20 -26.31 34.51 -40.98
N GLY C 21 -25.46 35.41 -40.49
CA GLY C 21 -25.59 36.04 -39.16
C GLY C 21 -25.37 35.04 -38.03
N TYR C 22 -24.56 34.00 -38.26
CA TYR C 22 -24.16 33.00 -37.24
C TYR C 22 -22.91 33.58 -36.59
N THR C 23 -23.07 34.72 -35.93
CA THR C 23 -21.98 35.62 -35.46
C THR C 23 -21.43 35.04 -34.14
N ALA C 24 -20.29 35.55 -33.65
CA ALA C 24 -19.53 35.00 -32.48
C ALA C 24 -20.33 35.21 -31.19
N ASP C 25 -21.07 36.32 -31.08
CA ASP C 25 -21.91 36.72 -29.91
C ASP C 25 -23.29 36.08 -30.02
N SER C 26 -23.45 35.01 -30.81
CA SER C 26 -24.74 34.51 -31.30
C SER C 26 -24.99 33.12 -30.72
N VAL C 27 -26.20 32.83 -30.25
CA VAL C 27 -26.63 31.46 -29.85
C VAL C 27 -26.29 30.47 -31.00
N ASP C 28 -26.26 30.95 -32.24
CA ASP C 28 -25.96 30.12 -33.44
C ASP C 28 -24.44 29.94 -33.62
N ARG C 29 -23.61 30.34 -32.65
CA ARG C 29 -22.15 30.53 -32.84
C ARG C 29 -21.43 29.21 -33.13
N HIS C 30 -22.04 28.05 -32.82
CA HIS C 30 -21.44 26.71 -33.04
C HIS C 30 -22.28 25.86 -34.03
N SER C 31 -23.17 26.50 -34.80
CA SER C 31 -24.22 25.85 -35.64
C SER C 31 -23.81 25.82 -37.12
N PHE C 32 -22.53 26.09 -37.43
CA PHE C 32 -21.95 25.87 -38.78
C PHE C 32 -20.81 24.87 -38.67
N LEU C 33 -20.67 24.04 -39.71
CA LEU C 33 -19.67 22.94 -39.80
C LEU C 33 -18.25 23.47 -39.63
N GLY C 34 -17.30 22.55 -39.49
CA GLY C 34 -15.85 22.82 -39.35
C GLY C 34 -15.47 23.08 -37.90
N HIS C 35 -16.45 22.98 -37.00
CA HIS C 35 -16.26 23.13 -35.54
C HIS C 35 -15.58 21.85 -35.06
N ASP C 36 -14.89 21.90 -33.91
CA ASP C 36 -14.14 20.75 -33.35
C ASP C 36 -12.97 20.44 -34.27
N ALA C 37 -12.39 21.51 -34.82
CA ALA C 37 -11.14 21.48 -35.62
C ALA C 37 -10.07 20.75 -34.81
N ALA C 38 -9.24 19.95 -35.46
CA ALA C 38 -8.23 19.09 -34.82
C ALA C 38 -7.24 18.58 -35.86
N ALA C 39 -6.21 17.89 -35.36
CA ALA C 39 -5.19 17.22 -36.16
C ALA C 39 -4.78 15.96 -35.40
N ALA C 40 -4.83 14.82 -36.08
CA ALA C 40 -4.43 13.50 -35.57
C ALA C 40 -3.35 12.96 -36.49
N LEU C 41 -2.31 12.33 -35.92
CA LEU C 41 -1.20 11.77 -36.73
C LEU C 41 -1.13 10.26 -36.56
N PHE C 42 -1.22 9.56 -37.69
CA PHE C 42 -0.95 8.11 -37.86
C PHE C 42 0.41 7.90 -38.54
N VAL C 43 1.29 7.22 -37.81
CA VAL C 43 2.62 6.74 -38.30
C VAL C 43 2.56 5.22 -38.38
N ASP C 44 2.52 4.68 -39.60
CA ASP C 44 2.67 3.22 -39.84
C ASP C 44 1.63 2.47 -39.01
N GLY C 45 0.40 3.00 -38.94
CA GLY C 45 -0.71 2.32 -38.25
C GLY C 45 -0.62 2.38 -36.73
N GLU C 46 0.01 3.44 -36.21
CA GLU C 46 -0.08 3.82 -34.78
C GLU C 46 -0.54 5.28 -34.70
N LEU C 47 -1.57 5.55 -33.88
CA LEU C 47 -2.02 6.92 -33.52
C LEU C 47 -1.01 7.51 -32.53
N VAL C 48 0.00 8.23 -33.04
CA VAL C 48 1.15 8.71 -32.22
C VAL C 48 0.72 9.96 -31.46
N ALA C 49 -0.25 10.72 -31.98
CA ALA C 49 -0.66 12.00 -31.37
C ALA C 49 -2.00 12.49 -31.95
N ALA C 50 -2.84 13.11 -31.14
CA ALA C 50 -4.00 13.89 -31.62
C ALA C 50 -4.35 15.00 -30.62
N VAL C 51 -4.67 16.19 -31.12
CA VAL C 51 -5.13 17.31 -30.27
C VAL C 51 -6.11 18.17 -31.06
N GLU C 52 -7.10 18.72 -30.36
CA GLU C 52 -8.07 19.68 -30.93
C GLU C 52 -7.45 21.08 -30.88
N GLU C 53 -7.69 21.88 -31.91
CA GLU C 53 -7.18 23.28 -31.99
C GLU C 53 -7.80 24.10 -30.86
N GLU C 54 -9.02 23.73 -30.42
CA GLU C 54 -9.78 24.45 -29.36
C GLU C 54 -8.90 24.53 -28.11
N ARG C 55 -7.99 23.58 -27.93
CA ARG C 55 -7.14 23.45 -26.71
C ARG C 55 -5.91 24.35 -26.88
N MET C 56 -5.43 24.55 -28.11
CA MET C 56 -4.25 25.37 -28.45
C MET C 56 -4.61 26.87 -28.47
N ASN C 57 -5.80 27.22 -28.98
CA ASN C 57 -6.22 28.63 -29.25
C ASN C 57 -7.32 29.04 -28.26
N ARG C 58 -7.62 28.20 -27.26
CA ARG C 58 -8.49 28.51 -26.08
C ARG C 58 -9.88 29.05 -26.48
N GLN C 59 -10.38 28.76 -27.69
CA GLN C 59 -11.72 29.22 -28.18
C GLN C 59 -12.60 27.99 -28.43
N LYS C 60 -13.71 27.85 -27.69
CA LYS C 60 -14.46 26.57 -27.63
C LYS C 60 -15.01 26.22 -29.01
N LYS C 61 -14.82 24.97 -29.45
CA LYS C 61 -15.40 24.41 -30.70
C LYS C 61 -14.93 25.24 -31.90
N THR C 62 -13.68 25.71 -31.87
CA THR C 62 -13.05 26.52 -32.94
C THR C 62 -13.20 25.83 -34.31
N THR C 63 -13.38 26.64 -35.36
CA THR C 63 -13.47 26.24 -36.78
C THR C 63 -12.17 26.57 -37.50
N ALA C 64 -11.27 27.29 -36.83
CA ALA C 64 -9.96 27.73 -37.37
C ALA C 64 -9.22 26.56 -38.04
N PHE C 65 -8.37 26.87 -39.01
CA PHE C 65 -7.37 25.90 -39.51
C PHE C 65 -6.65 25.39 -38.27
N PRO C 66 -6.56 24.06 -38.07
CA PRO C 66 -5.96 23.48 -36.87
C PRO C 66 -4.43 23.43 -36.95
N ALA C 67 -3.83 24.62 -37.15
CA ALA C 67 -2.41 24.86 -37.48
C ALA C 67 -1.52 24.49 -36.28
N ASN C 68 -1.91 24.92 -35.09
CA ASN C 68 -1.16 24.65 -33.84
C ASN C 68 -1.17 23.14 -33.58
N ALA C 69 -2.38 22.55 -33.52
CA ALA C 69 -2.60 21.09 -33.34
C ALA C 69 -1.82 20.31 -34.41
N MET C 70 -1.83 20.79 -35.65
CA MET C 70 -1.16 20.07 -36.76
C MET C 70 0.34 20.01 -36.50
N ARG C 71 0.99 21.16 -36.29
CA ARG C 71 2.46 21.23 -36.12
C ARG C 71 2.88 20.47 -34.85
N TRP C 72 2.09 20.57 -33.77
CA TRP C 72 2.39 19.85 -32.50
C TRP C 72 2.43 18.35 -32.78
N CYS C 73 1.51 17.85 -33.60
CA CYS C 73 1.46 16.42 -34.00
C CYS C 73 2.73 16.07 -34.78
N LEU C 74 3.26 17.01 -35.57
CA LEU C 74 4.46 16.77 -36.41
C LEU C 74 5.75 16.78 -35.60
N GLU C 75 5.84 17.58 -34.52
CA GLU C 75 6.99 17.60 -33.56
C GLU C 75 7.02 16.28 -32.77
N GLN C 76 5.87 15.85 -32.27
CA GLN C 76 5.73 14.60 -31.49
C GLN C 76 6.30 13.43 -32.31
N ALA C 77 6.09 13.44 -33.63
CA ALA C 77 6.52 12.38 -34.57
C ALA C 77 8.00 12.56 -34.95
N GLY C 78 8.52 13.78 -34.82
CA GLY C 78 9.90 14.16 -35.19
C GLY C 78 9.98 14.52 -36.67
N ILE C 79 8.84 14.87 -37.26
CA ILE C 79 8.58 14.92 -38.73
C ILE C 79 8.53 16.38 -39.19
N SER C 80 8.50 16.56 -40.52
CA SER C 80 8.32 17.83 -41.28
C SER C 80 7.04 17.73 -42.15
N TYR C 81 6.38 18.86 -42.45
CA TYR C 81 5.15 18.93 -43.27
C TYR C 81 5.28 18.03 -44.50
N GLU C 82 6.45 18.06 -45.15
CA GLU C 82 6.76 17.31 -46.40
C GLU C 82 6.77 15.80 -46.12
N ASP C 83 7.33 15.37 -44.99
CA ASP C 83 7.57 13.93 -44.68
C ASP C 83 6.24 13.15 -44.60
N VAL C 84 5.10 13.84 -44.54
CA VAL C 84 3.73 13.23 -44.50
C VAL C 84 3.32 12.75 -45.91
N ASP C 85 2.76 11.55 -46.02
CA ASP C 85 2.41 10.91 -47.32
C ASP C 85 1.07 11.44 -47.85
N TYR C 86 0.03 11.40 -47.01
CA TYR C 86 -1.34 11.88 -47.32
C TYR C 86 -1.93 12.63 -46.12
N TYR C 87 -2.68 13.69 -46.39
CA TYR C 87 -3.47 14.49 -45.41
C TYR C 87 -4.95 14.25 -45.67
N ALA C 88 -5.61 13.53 -44.76
CA ALA C 88 -7.06 13.26 -44.77
C ALA C 88 -7.84 14.44 -44.17
N PHE C 89 -8.87 14.92 -44.85
CA PHE C 89 -9.81 15.93 -44.32
C PHE C 89 -11.09 15.20 -43.92
N GLY C 90 -11.83 15.73 -42.97
CA GLY C 90 -13.03 15.09 -42.39
C GLY C 90 -14.28 15.43 -43.16
N TRP C 91 -14.12 16.01 -44.37
CA TRP C 91 -15.22 16.40 -45.29
C TRP C 91 -14.82 16.11 -46.75
N ASN C 92 -15.79 15.65 -47.55
CA ASN C 92 -15.62 15.31 -49.00
C ASN C 92 -16.51 16.21 -49.86
N PHE C 93 -16.13 17.48 -50.02
CA PHE C 93 -16.92 18.51 -50.73
C PHE C 93 -16.47 18.53 -52.19
N THR C 94 -17.10 17.66 -52.99
CA THR C 94 -16.87 17.48 -54.45
C THR C 94 -17.68 18.49 -55.25
N ALA C 95 -17.34 18.64 -56.54
CA ALA C 95 -18.04 19.50 -57.52
C ALA C 95 -19.46 18.97 -57.76
N GLU C 96 -19.65 17.65 -57.69
CA GLU C 96 -20.99 17.01 -57.77
C GLU C 96 -21.85 17.52 -56.62
N PHE C 97 -21.25 17.90 -55.50
CA PHE C 97 -22.03 18.39 -54.34
C PHE C 97 -22.49 19.82 -54.60
N ALA C 98 -21.57 20.66 -55.07
CA ALA C 98 -21.92 22.06 -55.34
C ALA C 98 -22.99 22.11 -56.43
N ASP C 99 -22.75 21.43 -57.53
CA ASP C 99 -23.72 21.43 -58.66
C ASP C 99 -25.10 21.15 -58.09
N ALA C 100 -25.22 20.11 -57.27
CA ALA C 100 -26.53 19.71 -56.73
C ALA C 100 -27.10 20.80 -55.83
N ALA C 101 -26.25 21.43 -55.03
CA ALA C 101 -26.74 22.45 -54.07
C ALA C 101 -27.30 23.64 -54.85
N ILE C 102 -26.57 24.09 -55.85
CA ILE C 102 -27.07 25.22 -56.68
C ILE C 102 -28.44 24.83 -57.21
N THR C 103 -28.57 23.60 -57.68
CA THR C 103 -29.87 23.11 -58.20
C THR C 103 -30.93 23.18 -57.09
N GLY C 104 -30.63 22.68 -55.89
CA GLY C 104 -31.53 22.72 -54.73
C GLY C 104 -32.06 24.12 -54.47
N LEU C 105 -31.17 25.12 -54.52
CA LEU C 105 -31.48 26.57 -54.29
C LEU C 105 -32.32 27.12 -55.45
N ALA C 106 -31.89 26.87 -56.69
CA ALA C 106 -32.58 27.30 -57.94
C ALA C 106 -33.92 26.56 -58.10
N SER C 107 -34.07 25.40 -57.44
CA SER C 107 -35.31 24.60 -57.36
C SER C 107 -36.19 25.10 -56.21
N ALA C 108 -35.68 26.02 -55.40
CA ALA C 108 -36.38 26.51 -54.18
C ALA C 108 -37.70 27.16 -54.58
N PRO C 109 -38.74 27.07 -53.71
CA PRO C 109 -40.02 27.74 -53.97
C PRO C 109 -40.06 29.18 -53.43
N ILE C 110 -39.03 29.98 -53.76
CA ILE C 110 -38.80 31.35 -53.20
C ILE C 110 -38.70 32.38 -54.34
N PRO C 111 -38.98 33.68 -54.07
CA PRO C 111 -38.75 34.75 -55.03
C PRO C 111 -37.33 34.71 -55.61
N PRO C 112 -37.17 35.01 -56.92
CA PRO C 112 -35.85 34.95 -57.56
C PRO C 112 -34.79 35.90 -56.98
N GLU C 113 -35.20 37.00 -56.34
CA GLU C 113 -34.28 38.00 -55.71
C GLU C 113 -33.52 37.34 -54.56
N TYR C 114 -34.20 36.46 -53.83
CA TYR C 114 -33.67 35.65 -52.70
C TYR C 114 -32.75 34.52 -53.21
N LYS C 115 -33.07 33.90 -54.35
CA LYS C 115 -32.23 32.85 -54.99
C LYS C 115 -30.85 33.44 -55.31
N PHE C 116 -30.76 34.66 -55.82
CA PHE C 116 -29.48 35.30 -56.22
C PHE C 116 -28.55 35.39 -55.00
N GLN C 117 -29.07 36.02 -53.94
CA GLN C 117 -28.41 36.21 -52.61
C GLN C 117 -27.87 34.86 -52.11
N ALA C 118 -28.76 33.85 -52.04
CA ALA C 118 -28.47 32.49 -51.53
C ALA C 118 -27.29 31.88 -52.30
N ILE C 119 -27.43 31.75 -53.61
CA ILE C 119 -26.45 31.04 -54.48
C ILE C 119 -25.10 31.76 -54.39
N GLY C 120 -25.10 33.09 -54.51
CA GLY C 120 -23.88 33.92 -54.40
C GLY C 120 -23.17 33.69 -53.07
N SER C 121 -23.95 33.57 -51.99
CA SER C 121 -23.46 33.27 -50.61
C SER C 121 -22.85 31.87 -50.59
N PHE C 122 -23.63 30.86 -50.97
CA PHE C 122 -23.12 29.46 -51.07
C PHE C 122 -21.82 29.51 -51.86
N GLY C 123 -21.82 30.25 -52.96
CA GLY C 123 -20.64 30.49 -53.83
C GLY C 123 -19.47 30.99 -53.01
N GLU C 124 -19.72 31.97 -52.15
CA GLU C 124 -18.67 32.59 -51.28
C GLU C 124 -18.14 31.55 -50.30
N LEU C 125 -18.97 30.60 -49.83
CA LEU C 125 -18.52 29.46 -48.97
C LEU C 125 -17.63 28.57 -49.83
N TRP C 126 -18.14 28.18 -51.00
CA TRP C 126 -17.51 27.21 -51.91
C TRP C 126 -16.08 27.66 -52.23
N ASN C 127 -15.97 28.84 -52.82
CA ASN C 127 -14.66 29.34 -53.32
C ASN C 127 -13.84 29.92 -52.16
N GLY C 128 -14.48 30.09 -51.00
CA GLY C 128 -13.80 30.72 -49.85
C GLY C 128 -13.27 29.75 -48.82
N ALA C 129 -14.08 28.83 -48.32
CA ALA C 129 -13.62 27.95 -47.21
C ALA C 129 -13.76 26.46 -47.62
N LEU C 130 -14.76 26.07 -48.42
CA LEU C 130 -15.07 24.61 -48.66
C LEU C 130 -14.31 23.91 -49.78
N GLY C 131 -14.39 24.39 -51.02
CA GLY C 131 -13.76 23.75 -52.20
C GLY C 131 -12.32 23.27 -52.07
N ARG C 132 -12.00 22.13 -52.68
CA ARG C 132 -10.60 21.61 -52.72
C ARG C 132 -9.61 22.72 -53.10
N THR C 133 -9.99 23.62 -54.00
CA THR C 133 -9.13 24.77 -54.40
C THR C 133 -8.82 25.59 -53.14
N ALA C 134 -9.86 25.93 -52.36
CA ALA C 134 -9.75 26.71 -51.11
C ALA C 134 -9.03 25.89 -50.04
N LEU C 135 -9.33 24.59 -49.91
CA LEU C 135 -8.71 23.70 -48.89
C LEU C 135 -7.19 23.72 -49.04
N ILE C 136 -6.69 23.59 -50.27
CA ILE C 136 -5.24 23.56 -50.61
C ILE C 136 -4.65 24.95 -50.31
N GLU C 137 -5.37 26.01 -50.72
CA GLU C 137 -4.99 27.43 -50.51
C GLU C 137 -5.03 27.76 -49.01
N ASP C 138 -6.14 27.42 -48.33
CA ASP C 138 -6.35 27.64 -46.88
C ASP C 138 -5.25 26.91 -46.10
N PHE C 139 -4.87 25.70 -46.55
CA PHE C 139 -3.76 24.90 -45.98
C PHE C 139 -2.44 25.59 -46.29
N THR C 140 -2.18 25.84 -47.57
CA THR C 140 -0.88 26.34 -48.08
C THR C 140 -0.47 27.57 -47.26
N ARG C 141 -1.41 28.50 -47.06
CA ARG C 141 -1.17 29.82 -46.42
C ARG C 141 -0.83 29.65 -44.92
N HIS C 142 -1.41 28.66 -44.23
CA HIS C 142 -1.30 28.47 -42.75
C HIS C 142 -0.08 27.61 -42.37
N THR C 143 0.29 26.62 -43.20
CA THR C 143 1.47 25.73 -42.96
C THR C 143 2.73 26.29 -43.61
N GLY C 144 2.61 26.96 -44.76
CA GLY C 144 3.77 27.31 -45.61
C GLY C 144 4.15 26.16 -46.56
N TYR C 145 3.73 24.93 -46.27
CA TYR C 145 3.85 23.77 -47.18
C TYR C 145 2.83 23.93 -48.32
N ALA C 146 3.31 23.91 -49.57
CA ALA C 146 2.48 23.96 -50.80
C ALA C 146 1.93 22.56 -51.08
N LEU C 147 0.83 22.21 -50.41
CA LEU C 147 0.27 20.84 -50.35
C LEU C 147 -0.02 20.33 -51.77
N PRO C 148 0.73 19.33 -52.26
CA PRO C 148 0.42 18.72 -53.56
C PRO C 148 -1.01 18.16 -53.56
N ASP C 149 -1.76 18.32 -54.65
CA ASP C 149 -3.17 17.86 -54.74
C ASP C 149 -3.25 16.34 -54.56
N GLU C 150 -2.19 15.63 -54.99
CA GLU C 150 -2.08 14.15 -54.95
C GLU C 150 -1.92 13.67 -53.50
N LYS C 151 -1.69 14.59 -52.56
CA LYS C 151 -1.57 14.29 -51.11
C LYS C 151 -2.94 14.47 -50.44
N LEU C 152 -3.74 15.46 -50.84
CA LEU C 152 -5.02 15.78 -50.15
C LEU C 152 -6.08 14.76 -50.57
N ILE C 153 -6.53 13.96 -49.61
CA ILE C 153 -7.70 13.05 -49.76
C ILE C 153 -8.85 13.61 -48.93
N THR C 154 -9.93 14.04 -49.59
CA THR C 154 -11.22 14.34 -48.92
C THR C 154 -11.86 13.02 -48.49
N VAL C 155 -12.40 12.96 -47.28
CA VAL C 155 -13.01 11.71 -46.74
C VAL C 155 -14.46 12.00 -46.39
N PRO C 156 -15.41 11.22 -46.93
CA PRO C 156 -16.82 11.39 -46.57
C PRO C 156 -16.93 11.48 -45.05
N HIS C 157 -17.65 12.49 -44.56
CA HIS C 157 -17.68 12.90 -43.13
C HIS C 157 -18.19 11.76 -42.25
N HIS C 158 -19.33 11.17 -42.59
CA HIS C 158 -19.92 10.01 -41.86
C HIS C 158 -18.95 8.82 -41.90
N ARG C 159 -18.11 8.72 -42.93
CA ARG C 159 -17.11 7.63 -43.05
C ARG C 159 -15.93 7.91 -42.12
N ALA C 160 -15.57 9.18 -41.94
CA ALA C 160 -14.55 9.61 -40.96
C ALA C 160 -15.05 9.24 -39.56
N HIS C 161 -16.30 9.55 -39.24
CA HIS C 161 -16.99 9.14 -37.98
C HIS C 161 -16.85 7.63 -37.72
N LEU C 162 -17.04 6.80 -38.76
CA LEU C 162 -16.97 5.32 -38.65
C LEU C 162 -15.51 4.88 -38.45
N ALA C 163 -14.63 5.36 -39.34
CA ALA C 163 -13.16 5.18 -39.24
C ALA C 163 -12.69 5.32 -37.79
N CYS C 164 -13.07 6.43 -37.13
CA CYS C 164 -12.70 6.78 -35.73
C CYS C 164 -13.31 5.75 -34.78
N GLY C 165 -14.62 5.55 -34.87
CA GLY C 165 -15.35 4.53 -34.08
C GLY C 165 -14.61 3.21 -34.07
N ARG C 166 -14.15 2.77 -35.25
CA ARG C 166 -13.47 1.46 -35.48
C ARG C 166 -12.10 1.42 -34.79
N THR C 167 -11.35 2.53 -34.86
CA THR C 167 -10.00 2.60 -34.28
C THR C 167 -10.04 2.13 -32.82
N PHE C 168 -11.09 2.50 -32.07
CA PHE C 168 -11.19 2.34 -30.60
C PHE C 168 -12.30 1.37 -30.16
N SER C 169 -13.06 0.78 -31.08
CA SER C 169 -14.26 -0.03 -30.72
C SER C 169 -13.83 -1.32 -30.00
N GLY C 170 -12.68 -1.88 -30.38
CA GLY C 170 -12.18 -3.20 -29.92
C GLY C 170 -12.76 -4.33 -30.76
N LEU C 171 -13.95 -4.10 -31.33
CA LEU C 171 -14.62 -5.01 -32.28
C LEU C 171 -13.81 -5.06 -33.58
N GLY C 172 -13.82 -6.20 -34.25
CA GLY C 172 -13.37 -6.31 -35.65
C GLY C 172 -14.56 -6.20 -36.60
N ASP C 173 -15.61 -6.98 -36.35
CA ASP C 173 -16.80 -7.11 -37.23
C ASP C 173 -18.04 -6.68 -36.45
N ALA C 174 -18.76 -5.68 -36.96
CA ALA C 174 -19.89 -5.04 -36.26
C ALA C 174 -20.81 -4.29 -37.24
N ALA C 175 -22.12 -4.35 -36.99
CA ALA C 175 -23.12 -3.40 -37.53
C ALA C 175 -22.69 -1.99 -37.11
N PHE C 176 -23.14 -0.94 -37.80
CA PHE C 176 -22.74 0.46 -37.49
C PHE C 176 -23.85 1.45 -37.86
N LEU C 177 -24.04 2.44 -36.99
CA LEU C 177 -25.00 3.54 -37.26
C LEU C 177 -24.26 4.85 -37.06
N ILE C 178 -24.53 5.84 -37.92
CA ILE C 178 -23.92 7.20 -37.76
C ILE C 178 -25.03 8.24 -37.87
N ASN C 179 -25.57 8.67 -36.73
CA ASN C 179 -26.62 9.70 -36.73
C ASN C 179 -25.95 10.97 -36.24
N ASP C 180 -25.74 11.91 -37.14
CA ASP C 180 -24.97 13.12 -36.77
C ASP C 180 -25.65 14.33 -37.40
N GLY C 181 -25.15 15.52 -37.11
CA GLY C 181 -25.81 16.71 -37.64
C GLY C 181 -25.24 17.09 -38.99
N GLN C 182 -24.60 18.25 -39.02
CA GLN C 182 -24.02 18.76 -40.29
C GLN C 182 -23.26 17.63 -40.96
N ALA C 183 -23.47 17.46 -42.26
CA ALA C 183 -22.73 16.44 -43.04
C ALA C 183 -22.81 16.85 -44.51
N GLU C 184 -22.21 16.04 -45.39
CA GLU C 184 -22.17 16.42 -46.82
C GLU C 184 -23.60 16.52 -47.33
N ALA C 185 -24.34 15.41 -47.37
CA ALA C 185 -25.69 15.44 -47.93
C ALA C 185 -26.56 14.46 -47.18
N ASP C 186 -25.95 13.74 -46.24
CA ASP C 186 -26.70 12.75 -45.44
C ASP C 186 -26.66 13.19 -43.97
N SER C 187 -27.62 12.75 -43.18
CA SER C 187 -27.70 13.12 -41.74
C SER C 187 -27.44 11.86 -40.93
N ALA C 188 -27.83 10.74 -41.50
CA ALA C 188 -27.66 9.41 -40.85
C ALA C 188 -27.48 8.33 -41.91
N ILE C 189 -26.47 7.46 -41.76
CA ILE C 189 -26.30 6.23 -42.59
C ILE C 189 -26.24 5.05 -41.62
N MET C 190 -26.39 3.84 -42.13
CA MET C 190 -26.32 2.58 -41.35
C MET C 190 -25.75 1.50 -42.27
N GLY C 191 -24.89 0.63 -41.73
CA GLY C 191 -24.27 -0.46 -42.50
C GLY C 191 -23.63 -1.51 -41.62
N GLU C 192 -22.65 -2.23 -42.17
CA GLU C 192 -21.86 -3.22 -41.40
C GLU C 192 -20.38 -3.12 -41.81
N VAL C 193 -19.52 -3.65 -40.91
CA VAL C 193 -18.07 -3.95 -41.17
C VAL C 193 -17.95 -5.47 -41.18
N ARG C 194 -17.54 -6.03 -42.33
CA ARG C 194 -17.37 -7.50 -42.53
C ARG C 194 -16.04 -7.75 -43.25
N ASP C 195 -15.18 -8.60 -42.66
CA ASP C 195 -13.83 -8.96 -43.17
C ASP C 195 -13.01 -7.68 -43.38
N GLY C 196 -13.32 -6.62 -42.61
CA GLY C 196 -12.69 -5.29 -42.73
C GLY C 196 -13.20 -4.50 -43.92
N LYS C 197 -14.20 -5.03 -44.64
CA LYS C 197 -14.91 -4.34 -45.74
C LYS C 197 -16.16 -3.66 -45.18
N VAL C 198 -16.33 -2.35 -45.46
CA VAL C 198 -17.49 -1.52 -45.03
C VAL C 198 -18.52 -1.52 -46.16
N GLU C 199 -19.77 -1.87 -45.88
CA GLU C 199 -20.90 -1.63 -46.81
C GLU C 199 -21.89 -0.67 -46.14
N VAL C 200 -22.20 0.42 -46.82
CA VAL C 200 -23.19 1.40 -46.28
C VAL C 200 -24.51 1.03 -46.92
N PHE C 201 -25.48 0.71 -46.08
CA PHE C 201 -26.78 0.29 -46.61
C PHE C 201 -27.67 1.49 -46.90
N GLU C 202 -27.74 1.88 -48.17
CA GLU C 202 -28.41 3.13 -48.58
C GLU C 202 -29.86 3.22 -48.15
N ARG C 203 -30.54 2.10 -48.03
CA ARG C 203 -31.99 2.19 -47.76
C ARG C 203 -32.29 2.86 -46.44
N PHE C 204 -31.31 2.91 -45.55
CA PHE C 204 -31.56 3.50 -44.22
C PHE C 204 -31.06 4.93 -44.25
N THR C 205 -30.37 5.29 -45.33
CA THR C 205 -29.76 6.64 -45.38
C THR C 205 -30.84 7.71 -45.23
N ILE C 206 -30.55 8.78 -44.49
CA ILE C 206 -31.50 9.91 -44.22
C ILE C 206 -30.86 11.23 -44.66
N ASP C 207 -31.54 11.98 -45.54
CA ASP C 207 -30.96 13.18 -46.22
C ASP C 207 -30.80 14.30 -45.17
N ALA C 208 -30.07 15.36 -45.55
CA ALA C 208 -29.59 16.43 -44.65
C ALA C 208 -30.75 17.25 -44.09
N LYS C 209 -31.93 17.16 -44.69
CA LYS C 209 -33.10 18.02 -44.37
C LYS C 209 -33.99 17.31 -43.36
N ASN C 210 -33.77 16.00 -43.15
CA ASN C 210 -34.51 15.16 -42.16
C ASN C 210 -33.58 14.84 -40.96
N SER C 211 -32.60 15.72 -40.71
CA SER C 211 -31.56 15.60 -39.65
C SER C 211 -32.21 15.56 -38.26
N LEU C 212 -32.19 14.39 -37.63
CA LEU C 212 -32.74 14.17 -36.26
C LEU C 212 -31.95 15.04 -35.28
N ALA C 213 -30.64 15.13 -35.48
CA ALA C 213 -29.75 15.97 -34.66
C ALA C 213 -30.18 17.44 -34.78
N GLN C 214 -30.57 17.90 -35.98
CA GLN C 214 -30.97 19.31 -36.21
C GLN C 214 -32.27 19.59 -35.46
N LEU C 215 -33.12 18.58 -35.27
CA LEU C 215 -34.38 18.71 -34.51
C LEU C 215 -34.02 18.94 -33.03
N PHE C 216 -33.34 17.96 -32.42
CA PHE C 216 -32.85 18.05 -31.02
C PHE C 216 -32.12 19.38 -30.83
N ALA C 217 -31.41 19.86 -31.86
CA ALA C 217 -30.64 21.13 -31.84
C ALA C 217 -31.58 22.34 -31.92
N ASN C 218 -32.69 22.24 -32.68
CA ASN C 218 -33.67 23.36 -32.81
C ASN C 218 -34.38 23.52 -31.47
N ILE C 219 -34.68 22.40 -30.80
CA ILE C 219 -35.32 22.36 -29.45
C ILE C 219 -34.40 23.06 -28.47
N THR C 220 -33.10 22.78 -28.56
CA THR C 220 -32.03 23.35 -27.69
C THR C 220 -31.98 24.86 -27.91
N ARG C 221 -32.09 25.32 -29.17
CA ARG C 221 -32.26 26.75 -29.54
C ARG C 221 -33.52 27.27 -28.85
N TYR C 222 -34.65 26.62 -29.18
CA TYR C 222 -36.05 26.93 -28.75
C TYR C 222 -36.12 27.26 -27.26
N LEU C 223 -35.51 26.42 -26.41
CA LEU C 223 -35.65 26.52 -24.94
C LEU C 223 -34.65 27.53 -24.39
N GLY C 224 -33.97 28.30 -25.24
CA GLY C 224 -33.15 29.45 -24.83
C GLY C 224 -31.70 29.10 -24.53
N PHE C 225 -31.28 27.84 -24.75
CA PHE C 225 -29.85 27.40 -24.69
C PHE C 225 -29.16 27.66 -26.05
N THR C 226 -27.91 27.24 -26.18
CA THR C 226 -27.06 27.39 -27.39
C THR C 226 -27.03 26.07 -28.16
N PRO C 227 -27.52 26.01 -29.42
CA PRO C 227 -27.51 24.77 -30.21
C PRO C 227 -26.10 24.34 -30.62
N ASN C 228 -25.85 23.03 -30.61
CA ASN C 228 -24.54 22.48 -31.05
C ASN C 228 -23.41 22.71 -30.03
N ASN C 229 -23.67 23.30 -28.85
CA ASN C 229 -22.65 23.44 -27.77
C ASN C 229 -23.33 22.96 -26.48
N ASP C 230 -24.65 23.18 -26.33
CA ASP C 230 -25.35 22.90 -25.03
C ASP C 230 -26.60 22.02 -25.18
N GLU C 231 -26.51 20.89 -25.86
CA GLU C 231 -27.66 19.97 -26.06
C GLU C 231 -27.82 19.05 -24.85
N TYR C 232 -26.85 19.01 -23.96
CA TYR C 232 -26.87 18.11 -22.79
C TYR C 232 -27.89 18.61 -21.78
N LYS C 233 -28.05 19.93 -21.70
CA LYS C 233 -29.01 20.57 -20.78
C LYS C 233 -30.40 19.97 -21.02
N VAL C 234 -30.72 19.67 -22.28
CA VAL C 234 -32.06 19.10 -22.63
C VAL C 234 -32.08 17.64 -22.17
N MET C 235 -31.00 16.91 -22.39
CA MET C 235 -30.85 15.53 -21.87
C MET C 235 -31.08 15.59 -20.35
N GLY C 236 -30.32 16.45 -19.67
CA GLY C 236 -30.38 16.64 -18.21
C GLY C 236 -31.79 16.98 -17.77
N LEU C 237 -32.37 18.03 -18.38
CA LEU C 237 -33.75 18.52 -18.07
C LEU C 237 -34.73 17.34 -18.09
N ALA C 238 -34.49 16.33 -18.94
CA ALA C 238 -35.39 15.18 -19.15
C ALA C 238 -35.52 14.36 -17.85
N GLY C 239 -34.46 14.30 -17.04
CA GLY C 239 -34.42 13.55 -15.76
C GLY C 239 -35.47 14.00 -14.75
N PHE C 240 -35.98 15.23 -14.85
CA PHE C 240 -36.92 15.85 -13.87
C PHE C 240 -38.38 15.52 -14.19
N GLY C 241 -38.67 15.11 -15.43
CA GLY C 241 -40.04 14.83 -15.87
C GLY C 241 -40.28 13.34 -16.06
N LYS C 242 -41.51 12.97 -16.37
CA LYS C 242 -41.90 11.58 -16.72
C LYS C 242 -42.04 11.50 -18.25
N ALA C 243 -41.58 10.41 -18.84
CA ALA C 243 -41.74 10.09 -20.28
C ALA C 243 -43.23 10.08 -20.60
N PRO C 244 -43.75 10.97 -21.49
CA PRO C 244 -45.14 10.92 -21.89
C PRO C 244 -45.34 9.59 -22.63
N ASP C 245 -46.59 9.27 -22.97
CA ASP C 245 -46.92 8.11 -23.85
C ASP C 245 -46.57 8.52 -25.29
N GLU C 246 -46.05 7.57 -26.09
CA GLU C 246 -45.62 7.83 -27.49
C GLU C 246 -46.74 8.59 -28.21
N GLN C 247 -48.00 8.23 -27.93
CA GLN C 247 -49.26 8.80 -28.50
C GLN C 247 -49.44 10.27 -28.10
N ASP C 248 -49.19 10.60 -26.82
CA ASP C 248 -49.42 11.96 -26.25
C ASP C 248 -48.26 12.89 -26.63
N ASN C 249 -47.12 12.32 -27.05
CA ASN C 249 -45.89 13.07 -27.46
C ASN C 249 -46.20 13.82 -28.74
N PRO C 250 -46.29 15.17 -28.72
CA PRO C 250 -46.67 15.93 -29.91
C PRO C 250 -45.60 15.94 -31.02
N LEU C 251 -44.32 15.74 -30.69
CA LEU C 251 -43.24 15.67 -31.72
C LEU C 251 -43.43 14.40 -32.56
N LEU C 252 -43.77 13.27 -31.91
CA LEU C 252 -43.99 11.95 -32.59
C LEU C 252 -45.38 11.92 -33.25
N THR C 253 -46.12 13.02 -33.23
CA THR C 253 -47.49 13.15 -33.81
C THR C 253 -47.43 14.03 -35.06
N LYS C 254 -47.00 15.29 -34.89
CA LYS C 254 -47.09 16.37 -35.93
C LYS C 254 -45.71 16.94 -36.28
N VAL C 255 -44.61 16.24 -35.97
CA VAL C 255 -43.25 16.62 -36.48
C VAL C 255 -42.59 15.37 -37.10
N VAL C 256 -42.17 14.43 -36.26
CA VAL C 256 -41.48 13.20 -36.74
C VAL C 256 -42.54 12.20 -37.16
N THR C 257 -42.28 11.50 -38.26
CA THR C 257 -43.12 10.43 -38.80
C THR C 257 -42.19 9.24 -39.12
N LEU C 258 -42.28 8.18 -38.32
CA LEU C 258 -41.48 6.93 -38.52
C LEU C 258 -41.97 6.26 -39.81
N GLU C 259 -41.10 6.18 -40.83
CA GLU C 259 -41.40 5.53 -42.14
C GLU C 259 -40.92 4.07 -42.06
N GLU C 260 -41.57 3.16 -42.80
CA GLU C 260 -41.27 1.71 -42.73
C GLU C 260 -39.83 1.45 -43.22
N GLY C 261 -39.25 0.33 -42.75
CA GLY C 261 -37.87 -0.08 -42.99
C GLY C 261 -36.88 0.78 -42.23
N GLY C 262 -37.20 1.13 -40.98
CA GLY C 262 -36.34 1.92 -40.08
C GLY C 262 -35.93 3.25 -40.69
N ARG C 263 -36.83 3.87 -41.45
CA ARG C 263 -36.64 5.22 -42.06
C ARG C 263 -37.49 6.21 -41.25
N TYR C 264 -37.37 7.51 -41.54
CA TYR C 264 -38.13 8.57 -40.84
C TYR C 264 -38.06 9.86 -41.66
N SER C 265 -38.94 10.82 -41.33
CA SER C 265 -38.92 12.19 -41.91
C SER C 265 -39.59 13.17 -40.94
N LEU C 266 -39.32 14.44 -41.16
CA LEU C 266 -39.88 15.56 -40.37
C LEU C 266 -40.71 16.42 -41.31
N ALA C 267 -41.87 16.91 -40.86
CA ALA C 267 -42.56 18.06 -41.49
C ALA C 267 -41.57 19.22 -41.58
N LEU C 268 -41.84 20.24 -42.38
CA LEU C 268 -40.99 21.46 -42.45
C LEU C 268 -39.61 21.14 -43.05
N ALA C 269 -39.36 19.88 -43.40
CA ALA C 269 -38.11 19.42 -44.05
C ALA C 269 -37.92 20.08 -45.42
N ASN C 270 -38.90 20.86 -45.91
CA ASN C 270 -38.80 21.58 -47.20
C ASN C 270 -39.11 23.08 -47.06
N ASP C 271 -39.44 23.53 -45.84
CA ASP C 271 -39.87 24.94 -45.58
C ASP C 271 -38.69 25.87 -45.82
N PRO C 272 -38.78 26.78 -46.82
CA PRO C 272 -37.62 27.55 -47.25
C PRO C 272 -37.20 28.67 -46.29
N ARG C 273 -37.96 28.93 -45.21
CA ARG C 273 -37.59 29.87 -44.12
C ARG C 273 -36.24 29.46 -43.51
N GLY C 274 -36.00 28.15 -43.41
CA GLY C 274 -34.83 27.55 -42.75
C GLY C 274 -35.27 26.57 -41.68
N PRO C 275 -34.40 26.25 -40.68
CA PRO C 275 -34.80 25.48 -39.49
C PRO C 275 -35.68 26.26 -38.48
N ARG C 276 -35.66 27.60 -38.53
CA ARG C 276 -36.47 28.50 -37.65
C ARG C 276 -37.94 28.35 -38.02
N ALA C 277 -38.24 27.65 -39.11
CA ALA C 277 -39.55 27.07 -39.46
C ALA C 277 -40.17 26.38 -38.25
N TYR C 278 -39.34 25.67 -37.46
CA TYR C 278 -39.83 24.78 -36.37
C TYR C 278 -40.31 25.60 -35.16
N ASP C 279 -39.79 26.82 -34.97
CA ASP C 279 -40.08 27.64 -33.76
C ASP C 279 -41.60 27.74 -33.53
N PRO C 280 -42.38 28.35 -34.45
CA PRO C 280 -43.80 28.55 -34.21
C PRO C 280 -44.59 27.22 -34.11
N LEU C 281 -44.13 26.17 -34.79
CA LEU C 281 -44.76 24.82 -34.70
C LEU C 281 -44.60 24.28 -33.27
N PHE C 282 -43.49 24.56 -32.60
CA PHE C 282 -43.22 24.13 -31.20
C PHE C 282 -44.15 24.89 -30.25
N ASP C 283 -44.22 26.22 -30.33
CA ASP C 283 -45.22 27.04 -29.57
C ASP C 283 -46.61 26.43 -29.76
N GLU C 284 -46.97 26.12 -31.01
CA GLU C 284 -48.28 25.53 -31.38
C GLU C 284 -48.40 24.19 -30.65
N LEU C 285 -47.35 23.37 -30.63
CA LEU C 285 -47.40 21.96 -30.16
C LEU C 285 -47.43 21.86 -28.64
N PHE C 286 -46.67 22.69 -27.92
CA PHE C 286 -46.42 22.58 -26.46
C PHE C 286 -47.13 23.70 -25.67
N ASP C 287 -47.78 24.64 -26.37
CA ASP C 287 -48.35 25.89 -25.77
C ASP C 287 -47.18 26.72 -25.22
N GLY C 288 -46.35 27.24 -26.13
CA GLY C 288 -45.22 28.14 -25.80
C GLY C 288 -45.62 29.60 -25.98
N ASN C 289 -44.81 30.53 -25.47
CA ASN C 289 -44.99 32.00 -25.59
C ASN C 289 -43.75 32.71 -25.02
N ASP C 290 -43.65 34.02 -25.21
CA ASP C 290 -42.48 34.83 -24.79
C ASP C 290 -42.28 34.83 -23.27
N ASP C 291 -43.26 34.33 -22.48
CA ASP C 291 -43.20 34.44 -20.99
C ASP C 291 -43.29 33.06 -20.32
N ASN C 292 -43.39 31.96 -21.06
CA ASN C 292 -43.42 30.59 -20.46
C ASN C 292 -42.40 29.64 -21.13
N ARG C 293 -41.60 30.11 -22.09
CA ARG C 293 -40.66 29.27 -22.88
C ARG C 293 -39.47 28.84 -22.03
N GLN C 294 -39.04 29.64 -21.04
CA GLN C 294 -37.83 29.37 -20.21
C GLN C 294 -38.20 29.14 -18.74
N GLU C 295 -39.50 29.01 -18.40
CA GLU C 295 -39.97 28.51 -17.09
C GLU C 295 -39.59 27.02 -16.97
N PHE C 296 -39.19 26.59 -15.78
CA PHE C 296 -38.53 25.28 -15.56
C PHE C 296 -39.47 24.14 -15.96
N ASP C 297 -40.67 24.08 -15.37
CA ASP C 297 -41.64 22.96 -15.57
C ASP C 297 -41.90 22.78 -17.07
N PHE C 298 -41.94 23.88 -17.83
CA PHE C 298 -42.18 23.91 -19.29
C PHE C 298 -41.03 23.21 -20.00
N ARG C 299 -39.82 23.69 -19.74
CA ARG C 299 -38.55 23.16 -20.30
C ARG C 299 -38.52 21.64 -20.14
N VAL C 300 -38.89 21.15 -18.96
CA VAL C 300 -38.83 19.69 -18.62
C VAL C 300 -39.82 18.92 -19.49
N ARG C 301 -41.03 19.45 -19.71
CA ARG C 301 -42.10 18.79 -20.53
C ARG C 301 -41.57 18.60 -21.96
N VAL C 302 -41.05 19.67 -22.56
CA VAL C 302 -40.42 19.69 -23.93
C VAL C 302 -39.24 18.71 -23.95
N ALA C 303 -38.26 18.95 -23.07
CA ALA C 303 -37.02 18.16 -22.93
C ALA C 303 -37.37 16.67 -22.92
N CYS C 304 -38.34 16.27 -22.08
CA CYS C 304 -38.82 14.86 -21.94
C CYS C 304 -39.27 14.32 -23.28
N ALA C 305 -40.09 15.09 -23.99
CA ALA C 305 -40.67 14.73 -25.30
C ALA C 305 -39.55 14.67 -26.35
N ALA C 306 -38.71 15.71 -26.41
CA ALA C 306 -37.54 15.81 -27.30
C ALA C 306 -36.61 14.62 -27.07
N GLN C 307 -36.38 14.27 -25.80
CA GLN C 307 -35.51 13.12 -25.43
C GLN C 307 -36.15 11.83 -25.96
N GLN C 308 -37.47 11.68 -25.85
CA GLN C 308 -38.18 10.41 -26.20
C GLN C 308 -38.08 10.21 -27.71
N VAL C 309 -38.26 11.30 -28.46
CA VAL C 309 -38.13 11.32 -29.94
C VAL C 309 -36.85 10.55 -30.28
N ILE C 310 -35.72 11.04 -29.78
CA ILE C 310 -34.33 10.51 -30.00
C ILE C 310 -34.29 9.02 -29.64
N GLU C 311 -34.86 8.65 -28.49
CA GLU C 311 -34.81 7.29 -27.90
C GLU C 311 -35.59 6.33 -28.80
N ALA C 312 -36.70 6.80 -29.36
CA ALA C 312 -37.64 6.01 -30.20
C ALA C 312 -37.11 5.88 -31.63
N VAL C 313 -36.79 7.02 -32.27
CA VAL C 313 -36.27 7.09 -33.67
C VAL C 313 -35.02 6.21 -33.81
N THR C 314 -34.04 6.34 -32.92
CA THR C 314 -32.82 5.49 -32.93
C THR C 314 -33.22 4.02 -32.78
N ALA C 315 -34.23 3.74 -31.94
CA ALA C 315 -34.68 2.35 -31.70
C ALA C 315 -35.30 1.82 -32.99
N HIS C 316 -36.10 2.64 -33.67
CA HIS C 316 -36.74 2.32 -34.98
C HIS C 316 -35.64 1.97 -35.99
N GLN C 317 -34.58 2.78 -36.05
CA GLN C 317 -33.37 2.58 -36.90
C GLN C 317 -32.69 1.25 -36.55
N LEU C 318 -32.32 1.05 -35.28
CA LEU C 318 -31.52 -0.14 -34.86
C LEU C 318 -32.40 -1.39 -34.96
N ARG C 319 -33.71 -1.29 -34.78
CA ARG C 319 -34.66 -2.43 -34.89
C ARG C 319 -34.66 -2.98 -36.32
N ALA C 320 -34.57 -2.11 -37.32
CA ALA C 320 -34.47 -2.48 -38.75
C ALA C 320 -33.11 -3.15 -39.02
N LEU C 321 -32.01 -2.47 -38.68
CA LEU C 321 -30.62 -2.96 -38.92
C LEU C 321 -30.46 -4.38 -38.35
N ALA C 322 -31.20 -4.72 -37.29
CA ALA C 322 -31.21 -6.08 -36.69
C ALA C 322 -31.86 -7.09 -37.64
N GLU C 323 -32.78 -6.64 -38.50
CA GLU C 323 -33.30 -7.42 -39.65
C GLU C 323 -32.19 -7.53 -40.70
N ALA C 324 -31.47 -6.42 -40.95
CA ALA C 324 -30.57 -6.19 -42.09
C ALA C 324 -29.27 -7.02 -42.00
N THR C 325 -28.68 -7.13 -40.81
CA THR C 325 -27.46 -7.95 -40.55
C THR C 325 -27.73 -8.84 -39.33
N GLU C 326 -26.92 -9.88 -39.17
CA GLU C 326 -27.00 -10.85 -38.05
C GLU C 326 -25.95 -10.47 -37.00
N LEU C 327 -25.02 -9.56 -37.36
CA LEU C 327 -23.98 -9.00 -36.45
C LEU C 327 -24.68 -8.32 -35.27
N ARG C 328 -24.24 -8.58 -34.04
CA ARG C 328 -24.93 -8.11 -32.81
C ARG C 328 -24.05 -7.19 -31.98
N ASP C 329 -22.77 -7.03 -32.34
CA ASP C 329 -21.88 -5.94 -31.84
C ASP C 329 -22.12 -4.71 -32.72
N LEU C 330 -22.28 -3.52 -32.11
CA LEU C 330 -22.71 -2.29 -32.84
C LEU C 330 -21.76 -1.12 -32.58
N ILE C 331 -21.18 -0.54 -33.64
CA ILE C 331 -20.41 0.75 -33.59
C ILE C 331 -21.38 1.89 -33.88
N PHE C 332 -21.39 2.90 -33.01
CA PHE C 332 -22.38 4.02 -33.00
C PHE C 332 -21.65 5.34 -32.78
N GLU C 333 -21.69 6.21 -33.78
CA GLU C 333 -20.84 7.44 -33.88
C GLU C 333 -21.73 8.56 -34.45
N GLY C 334 -21.15 9.76 -34.59
CA GLY C 334 -21.90 10.99 -34.89
C GLY C 334 -22.41 11.63 -33.62
N GLY C 335 -22.70 12.93 -33.70
CA GLY C 335 -22.98 13.80 -32.54
C GLY C 335 -24.17 13.37 -31.71
N LEU C 336 -25.01 12.46 -32.21
CA LEU C 336 -26.23 12.04 -31.48
C LEU C 336 -25.83 11.02 -30.42
N ALA C 337 -24.56 10.61 -30.44
CA ALA C 337 -23.99 9.62 -29.48
C ALA C 337 -23.42 10.38 -28.28
N LEU C 338 -23.53 11.71 -28.29
CA LEU C 338 -23.30 12.53 -27.08
C LEU C 338 -24.47 12.37 -26.11
N ASN C 339 -25.59 11.81 -26.60
CA ASN C 339 -26.73 11.38 -25.76
C ASN C 339 -26.41 9.99 -25.19
N CYS C 340 -25.76 10.00 -24.01
CA CYS C 340 -25.27 8.82 -23.25
C CYS C 340 -26.43 8.21 -22.44
N VAL C 341 -27.46 9.00 -22.18
CA VAL C 341 -28.74 8.50 -21.59
C VAL C 341 -29.35 7.50 -22.59
N ASN C 342 -29.37 7.90 -23.88
CA ASN C 342 -29.95 7.11 -25.01
C ASN C 342 -29.02 5.95 -25.33
N ASN C 343 -27.71 6.16 -25.32
CA ASN C 343 -26.74 5.08 -25.60
C ASN C 343 -27.11 3.88 -24.72
N THR C 344 -27.03 4.02 -23.39
CA THR C 344 -27.32 2.94 -22.40
C THR C 344 -28.67 2.33 -22.77
N LYS C 345 -29.66 3.17 -23.06
CA LYS C 345 -31.03 2.69 -23.36
C LYS C 345 -30.94 1.69 -24.52
N LEU C 346 -30.22 2.04 -25.60
CA LEU C 346 -30.13 1.21 -26.84
C LEU C 346 -29.44 -0.13 -26.52
N LEU C 347 -28.45 -0.12 -25.65
CA LEU C 347 -27.65 -1.33 -25.30
C LEU C 347 -28.56 -2.33 -24.60
N GLU C 348 -29.42 -1.85 -23.71
CA GLU C 348 -30.19 -2.69 -22.77
C GLU C 348 -31.48 -3.16 -23.44
N GLU C 349 -32.25 -2.23 -24.02
CA GLU C 349 -33.60 -2.50 -24.59
C GLU C 349 -33.47 -3.35 -25.87
N LEU C 350 -32.56 -2.97 -26.75
CA LEU C 350 -32.49 -3.50 -28.15
C LEU C 350 -31.66 -4.77 -28.17
N PRO C 351 -31.53 -5.40 -29.37
CA PRO C 351 -30.93 -6.73 -29.47
C PRO C 351 -29.40 -6.82 -29.64
N PHE C 352 -28.70 -5.70 -29.79
CA PHE C 352 -27.21 -5.68 -29.89
C PHE C 352 -26.61 -5.88 -28.49
N THR C 353 -25.75 -6.90 -28.37
CA THR C 353 -25.15 -7.38 -27.10
C THR C 353 -24.03 -6.40 -26.68
N ARG C 354 -23.30 -5.84 -27.63
CA ARG C 354 -22.34 -4.72 -27.39
C ARG C 354 -22.82 -3.48 -28.13
N VAL C 355 -22.55 -2.30 -27.57
CA VAL C 355 -22.62 -0.99 -28.26
C VAL C 355 -21.39 -0.20 -27.84
N GLU C 356 -20.55 0.23 -28.79
CA GLU C 356 -19.32 1.01 -28.49
C GLU C 356 -19.45 2.42 -29.08
N VAL C 357 -19.26 3.42 -28.21
CA VAL C 357 -19.34 4.87 -28.50
C VAL C 357 -18.02 5.49 -28.04
N SER C 358 -17.15 5.86 -28.98
CA SER C 358 -15.81 6.45 -28.69
C SER C 358 -15.94 7.85 -28.04
N PHE C 359 -14.82 8.38 -27.57
CA PHE C 359 -14.62 9.78 -27.15
C PHE C 359 -14.77 10.70 -28.37
N GLY C 360 -14.36 10.21 -29.55
CA GLY C 360 -14.42 10.98 -30.82
C GLY C 360 -15.73 10.78 -31.58
N ALA C 361 -16.84 10.48 -30.89
CA ALA C 361 -18.14 10.16 -31.53
C ALA C 361 -18.77 11.43 -32.10
N SER C 362 -18.45 12.57 -31.47
CA SER C 362 -18.67 13.96 -31.95
C SER C 362 -17.61 14.32 -33.03
N ASP C 363 -17.74 15.52 -33.62
CA ASP C 363 -16.91 16.03 -34.76
C ASP C 363 -15.41 16.06 -34.45
N PRO C 364 -14.96 16.05 -33.18
CA PRO C 364 -13.54 15.89 -32.88
C PRO C 364 -12.98 14.57 -33.46
N GLY C 365 -13.80 13.52 -33.52
CA GLY C 365 -13.39 12.17 -33.95
C GLY C 365 -13.14 12.05 -35.44
N VAL C 366 -13.69 12.95 -36.27
CA VAL C 366 -13.58 12.79 -37.76
C VAL C 366 -12.14 13.15 -38.13
N SER C 367 -11.50 13.99 -37.35
CA SER C 367 -10.07 14.39 -37.57
C SER C 367 -9.18 13.15 -37.38
N ILE C 368 -9.49 12.26 -36.44
CA ILE C 368 -8.77 10.96 -36.24
C ILE C 368 -9.19 9.99 -37.36
N GLY C 369 -10.49 9.74 -37.47
CA GLY C 369 -11.06 8.77 -38.42
C GLY C 369 -10.65 9.06 -39.85
N ALA C 370 -10.60 10.34 -40.25
CA ALA C 370 -10.15 10.77 -41.60
C ALA C 370 -8.77 10.15 -41.88
N ALA C 371 -7.89 10.12 -40.88
CA ALA C 371 -6.57 9.45 -41.00
C ALA C 371 -6.74 7.92 -41.10
N ALA C 372 -7.56 7.32 -40.23
CA ALA C 372 -7.77 5.86 -40.16
C ALA C 372 -8.34 5.37 -41.49
N HIS C 373 -9.42 5.99 -41.95
CA HIS C 373 -10.14 5.63 -43.20
C HIS C 373 -9.13 5.46 -44.33
N VAL C 374 -8.15 6.38 -44.38
CA VAL C 374 -7.09 6.43 -45.44
C VAL C 374 -6.08 5.32 -45.14
N ALA C 375 -5.52 5.31 -43.94
CA ALA C 375 -4.60 4.26 -43.47
C ALA C 375 -5.18 2.90 -43.88
N ARG C 376 -6.47 2.64 -43.63
CA ARG C 376 -7.13 1.36 -44.02
C ARG C 376 -7.09 1.21 -45.56
N GLU C 377 -7.63 2.19 -46.30
CA GLU C 377 -7.71 2.21 -47.79
C GLU C 377 -6.30 2.25 -48.40
N LYS C 378 -5.27 2.34 -47.55
CA LYS C 378 -3.84 2.25 -47.92
C LYS C 378 -3.22 1.00 -47.27
N SER C 379 -4.05 0.00 -46.98
CA SER C 379 -3.64 -1.36 -46.48
C SER C 379 -2.74 -1.28 -45.23
N VAL C 380 -2.61 -0.13 -44.57
CA VAL C 380 -1.87 -0.01 -43.27
C VAL C 380 -2.65 -0.82 -42.23
N ALA C 381 -1.95 -1.61 -41.40
CA ALA C 381 -2.53 -2.46 -40.34
C ALA C 381 -2.64 -1.67 -39.03
N LEU C 382 -3.82 -1.08 -38.76
CA LEU C 382 -4.05 -0.17 -37.60
C LEU C 382 -3.91 -0.98 -36.30
N THR C 383 -2.93 -0.65 -35.45
CA THR C 383 -2.76 -1.23 -34.10
C THR C 383 -4.02 -0.99 -33.28
N PRO C 384 -4.58 -2.02 -32.59
CA PRO C 384 -5.65 -1.77 -31.62
C PRO C 384 -5.11 -0.85 -30.51
N THR C 385 -5.94 0.10 -30.08
CA THR C 385 -5.64 1.11 -29.05
C THR C 385 -6.96 1.62 -28.46
N GLU C 386 -6.95 2.04 -27.20
CA GLU C 386 -8.13 2.61 -26.52
C GLU C 386 -7.81 4.03 -26.02
N SER C 387 -6.54 4.44 -25.98
CA SER C 387 -6.08 5.64 -25.23
C SER C 387 -6.72 6.90 -25.80
N PRO C 388 -7.47 7.65 -24.95
CA PRO C 388 -7.88 9.01 -25.29
C PRO C 388 -6.80 10.07 -24.99
N TYR C 389 -5.70 9.65 -24.36
CA TYR C 389 -4.62 10.53 -23.85
C TYR C 389 -3.58 10.72 -24.97
N LEU C 390 -3.98 11.44 -26.02
CA LEU C 390 -3.18 11.55 -27.27
C LEU C 390 -2.47 12.90 -27.31
N GLY C 391 -2.84 13.81 -26.41
CA GLY C 391 -2.45 15.24 -26.49
C GLY C 391 -1.10 15.53 -25.84
N PRO C 392 -0.72 16.83 -25.77
CA PRO C 392 0.49 17.25 -25.08
C PRO C 392 0.64 16.78 -23.62
N GLU C 393 1.90 16.72 -23.18
CA GLU C 393 2.34 16.33 -21.83
C GLU C 393 3.45 17.31 -21.40
N PHE C 394 3.76 17.37 -20.10
CA PHE C 394 4.65 18.43 -19.52
C PHE C 394 5.52 17.90 -18.37
N GLY C 395 6.83 18.10 -18.50
CA GLY C 395 7.85 17.71 -17.50
C GLY C 395 7.98 18.72 -16.36
N GLU C 396 8.52 18.28 -15.21
CA GLU C 396 8.69 19.10 -13.98
C GLU C 396 9.35 20.45 -14.31
N ASP C 397 10.30 20.46 -15.26
CA ASP C 397 11.10 21.65 -15.64
C ASP C 397 10.20 22.70 -16.27
N GLU C 398 9.16 22.32 -17.03
CA GLU C 398 8.18 23.28 -17.62
C GLU C 398 7.21 23.73 -16.53
N ILE C 399 6.70 22.80 -15.71
CA ILE C 399 5.67 23.11 -14.66
C ILE C 399 6.25 24.21 -13.77
N ARG C 400 7.45 23.96 -13.21
CA ARG C 400 8.17 24.92 -12.32
C ARG C 400 8.38 26.23 -13.07
N ALA C 401 9.03 26.16 -14.23
CA ALA C 401 9.36 27.33 -15.08
C ALA C 401 8.10 28.15 -15.30
N THR C 402 6.94 27.49 -15.35
CA THR C 402 5.61 28.14 -15.51
C THR C 402 5.18 28.74 -14.16
N LEU C 403 5.25 27.95 -13.08
CA LEU C 403 4.85 28.37 -11.71
C LEU C 403 5.73 29.53 -11.26
N GLU C 404 7.03 29.49 -11.57
CA GLU C 404 7.98 30.60 -11.28
C GLU C 404 7.36 31.92 -11.77
N GLU C 405 6.71 31.93 -12.95
CA GLU C 405 6.09 33.14 -13.53
C GLU C 405 4.91 33.68 -12.69
N TYR C 406 4.51 33.00 -11.61
CA TYR C 406 3.24 33.26 -10.87
C TYR C 406 3.46 33.32 -9.35
N THR C 407 4.71 33.40 -8.88
CA THR C 407 5.09 33.23 -7.45
C THR C 407 4.33 34.20 -6.54
N SER C 408 3.80 35.32 -7.07
CA SER C 408 3.18 36.41 -6.26
C SER C 408 1.69 36.13 -5.99
N SER C 409 1.14 35.05 -6.56
CA SER C 409 -0.28 34.61 -6.38
C SER C 409 -0.33 33.20 -5.76
N VAL C 410 0.67 32.34 -6.03
CA VAL C 410 0.67 30.90 -5.59
C VAL C 410 2.04 30.54 -4.99
N THR C 411 2.00 29.69 -3.96
CA THR C 411 3.12 28.87 -3.42
C THR C 411 2.94 27.46 -3.95
N TRP C 412 4.00 26.67 -4.00
CA TRP C 412 3.93 25.24 -4.45
C TRP C 412 5.11 24.44 -3.88
N GLU C 413 4.94 23.14 -3.66
CA GLU C 413 6.08 22.22 -3.40
C GLU C 413 5.99 21.04 -4.36
N GLN C 414 7.15 20.61 -4.87
CA GLN C 414 7.32 19.40 -5.71
C GLN C 414 7.45 18.22 -4.76
N LEU C 415 6.39 17.42 -4.63
CA LEU C 415 6.38 16.18 -3.80
C LEU C 415 7.05 15.06 -4.58
N PRO C 416 7.66 14.08 -3.90
CA PRO C 416 8.11 12.85 -4.54
C PRO C 416 6.92 12.11 -5.17
N SER C 417 7.13 11.48 -6.33
CA SER C 417 6.10 10.77 -7.15
C SER C 417 5.20 9.90 -6.27
N ASP C 418 5.79 9.15 -5.33
CA ASP C 418 5.06 8.23 -4.40
C ASP C 418 4.03 9.01 -3.57
N GLU C 419 4.42 10.20 -3.09
CA GLU C 419 3.69 10.95 -2.04
C GLU C 419 2.59 11.84 -2.62
N VAL C 420 2.47 11.97 -3.96
CA VAL C 420 1.55 12.97 -4.62
C VAL C 420 0.12 12.44 -4.60
N VAL C 421 -0.06 11.12 -4.61
CA VAL C 421 -1.40 10.48 -4.48
C VAL C 421 -1.82 10.61 -3.02
N GLY C 422 -0.93 10.26 -2.10
CA GLY C 422 -1.21 10.33 -0.65
C GLY C 422 -1.76 11.69 -0.28
N LYS C 423 -0.96 12.73 -0.48
CA LYS C 423 -1.25 14.14 -0.09
C LYS C 423 -2.54 14.61 -0.79
N THR C 424 -2.79 14.15 -2.02
CA THR C 424 -3.97 14.56 -2.83
C THR C 424 -5.23 13.88 -2.27
N ALA C 425 -5.13 12.59 -1.97
CA ALA C 425 -6.19 11.79 -1.33
C ALA C 425 -6.57 12.47 -0.01
N GLU C 426 -5.58 12.96 0.75
CA GLU C 426 -5.78 13.64 2.06
C GLU C 426 -6.62 14.88 1.83
N LEU C 427 -6.19 15.75 0.91
CA LEU C 427 -6.90 17.00 0.51
C LEU C 427 -8.37 16.68 0.17
N LEU C 428 -8.61 15.57 -0.53
CA LEU C 428 -9.97 15.23 -1.06
C LEU C 428 -10.87 14.68 0.07
N THR C 429 -10.27 14.29 1.18
CA THR C 429 -11.04 13.80 2.35
C THR C 429 -11.99 14.91 2.78
N GLY C 430 -11.74 16.14 2.33
CA GLY C 430 -12.55 17.27 2.79
C GLY C 430 -13.26 17.98 1.66
N LYS C 431 -13.92 19.09 1.97
CA LYS C 431 -14.66 19.85 0.94
C LYS C 431 -13.68 20.67 0.16
N THR C 432 -12.92 19.99 -0.69
CA THR C 432 -11.88 20.68 -1.45
C THR C 432 -12.16 20.47 -2.93
N VAL C 433 -12.21 21.55 -3.70
CA VAL C 433 -12.31 21.39 -5.18
C VAL C 433 -10.86 21.45 -5.64
N ILE C 434 -10.37 20.37 -6.25
CA ILE C 434 -8.93 20.26 -6.62
C ILE C 434 -8.81 20.14 -8.13
N GLY C 435 -8.06 21.05 -8.75
CA GLY C 435 -7.58 20.88 -10.13
C GLY C 435 -6.54 19.78 -10.14
N TRP C 436 -6.62 18.89 -11.13
CA TRP C 436 -5.71 17.71 -11.30
C TRP C 436 -5.20 17.69 -12.73
N PHE C 437 -3.87 17.77 -12.90
CA PHE C 437 -3.20 17.95 -14.21
C PHE C 437 -2.11 16.88 -14.32
N GLN C 438 -2.37 15.86 -15.14
CA GLN C 438 -1.48 14.67 -15.26
C GLN C 438 -1.45 14.19 -16.71
N GLY C 439 -0.26 13.79 -17.16
CA GLY C 439 0.00 13.10 -18.42
C GLY C 439 -0.63 13.79 -19.61
N ARG C 440 -0.81 13.02 -20.68
CA ARG C 440 -1.15 13.58 -22.01
C ARG C 440 -2.61 14.09 -21.98
N THR C 441 -2.86 15.18 -22.70
CA THR C 441 -4.17 15.86 -22.77
C THR C 441 -5.17 14.88 -23.39
N GLU C 442 -6.32 14.66 -22.75
CA GLU C 442 -7.38 13.78 -23.30
C GLU C 442 -7.98 14.44 -24.53
N TYR C 443 -8.40 13.60 -25.48
CA TYR C 443 -9.16 13.95 -26.69
C TYR C 443 -10.65 13.89 -26.37
N GLY C 444 -11.43 14.72 -27.06
CA GLY C 444 -12.89 14.72 -26.99
C GLY C 444 -13.44 15.67 -25.94
N PRO C 445 -14.79 15.81 -25.91
CA PRO C 445 -15.44 16.83 -25.09
C PRO C 445 -15.40 16.59 -23.58
N ARG C 446 -15.23 15.34 -23.12
CA ARG C 446 -15.32 14.95 -21.68
C ARG C 446 -13.91 14.77 -21.10
N ALA C 447 -13.66 15.40 -19.95
CA ALA C 447 -12.42 15.30 -19.15
C ALA C 447 -12.39 13.94 -18.47
N LEU C 448 -11.25 13.26 -18.54
CA LEU C 448 -11.08 11.84 -18.17
C LEU C 448 -9.89 11.68 -17.24
N GLY C 449 -9.75 12.61 -16.27
CA GLY C 449 -8.80 12.55 -15.15
C GLY C 449 -7.36 12.81 -15.56
N ASN C 450 -7.14 13.62 -16.59
CA ASN C 450 -5.79 14.17 -16.94
C ASN C 450 -5.84 15.70 -17.00
N ARG C 451 -7.00 16.29 -17.32
CA ARG C 451 -7.28 17.74 -17.23
C ARG C 451 -8.61 17.91 -16.48
N SER C 452 -8.64 17.44 -15.23
CA SER C 452 -9.87 17.23 -14.43
C SER C 452 -9.86 18.09 -13.17
N ILE C 453 -11.07 18.37 -12.67
CA ILE C 453 -11.35 18.94 -11.34
C ILE C 453 -12.02 17.84 -10.51
N LEU C 454 -11.42 17.47 -9.37
CA LEU C 454 -11.86 16.32 -8.55
C LEU C 454 -12.47 16.84 -7.25
N ALA C 455 -13.45 16.11 -6.71
CA ALA C 455 -14.16 16.48 -5.46
C ALA C 455 -14.76 15.25 -4.79
N ASN C 456 -14.67 15.18 -3.45
CA ASN C 456 -15.32 14.12 -2.63
C ASN C 456 -16.82 14.25 -2.78
N PRO C 457 -17.52 13.26 -3.40
CA PRO C 457 -18.95 13.35 -3.61
C PRO C 457 -19.85 13.00 -2.42
N SER C 458 -19.27 12.56 -1.29
CA SER C 458 -20.01 12.06 -0.11
C SER C 458 -20.62 13.24 0.67
N TYR C 459 -20.13 14.46 0.47
CA TYR C 459 -20.64 15.68 1.14
C TYR C 459 -22.04 16.05 0.59
N ALA C 460 -22.90 16.56 1.47
CA ALA C 460 -24.33 16.84 1.21
C ALA C 460 -24.45 18.07 0.30
N ASP C 461 -23.54 19.05 0.45
CA ASP C 461 -23.56 20.33 -0.31
C ASP C 461 -22.57 20.30 -1.49
N MET C 462 -21.90 19.19 -1.77
CA MET C 462 -20.75 19.20 -2.71
C MET C 462 -21.20 19.74 -4.08
N LYS C 463 -22.43 19.45 -4.47
CA LYS C 463 -23.03 19.87 -5.77
C LYS C 463 -23.02 21.41 -5.81
N ASP C 464 -23.40 22.07 -4.71
CA ASP C 464 -23.44 23.56 -4.62
C ASP C 464 -22.03 24.09 -4.53
N VAL C 465 -21.14 23.35 -3.86
CA VAL C 465 -19.75 23.83 -3.58
C VAL C 465 -19.00 23.86 -4.92
N ILE C 466 -19.02 22.77 -5.68
CA ILE C 466 -18.33 22.69 -7.00
C ILE C 466 -18.87 23.84 -7.87
N ASN C 467 -20.18 24.10 -7.84
CA ASN C 467 -20.80 25.14 -8.69
C ASN C 467 -20.39 26.52 -8.21
N ASN C 468 -20.37 26.79 -6.89
CA ASN C 468 -20.15 28.16 -6.35
C ASN C 468 -18.65 28.50 -6.44
N ARG C 469 -17.80 27.50 -6.75
CA ARG C 469 -16.31 27.69 -6.81
C ARG C 469 -15.65 27.56 -8.20
N VAL C 470 -15.94 26.55 -9.03
CA VAL C 470 -15.23 26.33 -10.35
C VAL C 470 -16.18 26.61 -11.52
N LYS C 471 -17.39 26.04 -11.50
CA LYS C 471 -18.26 26.05 -12.71
C LYS C 471 -19.31 27.16 -12.77
N HIS C 472 -19.93 27.53 -11.66
CA HIS C 472 -21.01 28.54 -11.78
C HIS C 472 -22.04 27.86 -12.76
N ARG C 473 -22.21 26.50 -12.83
CA ARG C 473 -23.15 25.74 -13.77
C ARG C 473 -24.63 25.81 -13.25
N GLU C 474 -25.61 25.07 -13.82
CA GLU C 474 -27.08 25.17 -13.47
C GLU C 474 -27.54 23.99 -12.60
N PRO C 475 -28.62 24.06 -11.77
CA PRO C 475 -28.86 22.97 -10.82
C PRO C 475 -29.60 21.79 -11.47
N PHE C 476 -29.84 21.88 -12.79
CA PHE C 476 -30.41 20.80 -13.65
C PHE C 476 -29.31 20.18 -14.51
N ARG C 477 -28.06 20.27 -14.06
CA ARG C 477 -26.89 19.68 -14.77
C ARG C 477 -26.08 18.83 -13.79
N PRO C 478 -25.94 17.51 -14.06
CA PRO C 478 -25.25 16.60 -13.14
C PRO C 478 -23.73 16.50 -13.36
N PHE C 479 -23.02 16.26 -12.26
CA PHE C 479 -21.58 15.91 -12.24
C PHE C 479 -21.47 14.40 -12.37
N ALA C 480 -20.34 13.94 -12.90
CA ALA C 480 -20.11 12.54 -13.30
C ALA C 480 -18.95 11.99 -12.47
N PRO C 481 -19.07 10.75 -11.94
CA PRO C 481 -18.00 10.14 -11.13
C PRO C 481 -16.96 9.37 -11.94
N ILE C 482 -15.74 9.27 -11.41
CA ILE C 482 -14.76 8.19 -11.77
C ILE C 482 -14.98 7.04 -10.81
N VAL C 483 -14.75 5.81 -11.28
CA VAL C 483 -14.86 4.58 -10.44
C VAL C 483 -13.80 3.59 -10.93
N LEU C 484 -13.14 2.86 -10.01
CA LEU C 484 -12.28 1.71 -10.37
C LEU C 484 -13.19 0.67 -11.04
N GLU C 485 -12.75 0.09 -12.15
CA GLU C 485 -13.54 -0.90 -12.93
C GLU C 485 -14.00 -2.04 -12.01
N GLU C 486 -13.15 -2.42 -11.03
CA GLU C 486 -13.44 -3.50 -10.04
C GLU C 486 -14.75 -3.21 -9.30
N ASN C 487 -15.04 -1.93 -9.03
CA ASN C 487 -16.21 -1.51 -8.19
C ASN C 487 -17.37 -1.01 -9.07
N ALA C 488 -17.20 -0.95 -10.39
CA ALA C 488 -18.22 -0.43 -11.32
C ALA C 488 -19.56 -1.15 -11.09
N ALA C 489 -19.54 -2.46 -10.85
CA ALA C 489 -20.74 -3.33 -10.73
C ALA C 489 -21.31 -3.31 -9.31
N ARG C 490 -20.46 -3.20 -8.28
CA ARG C 490 -20.84 -3.02 -6.85
C ARG C 490 -21.73 -1.78 -6.73
N VAL C 491 -21.29 -0.69 -7.36
CA VAL C 491 -21.78 0.71 -7.15
C VAL C 491 -22.91 1.03 -8.12
N PHE C 492 -22.76 0.63 -9.38
CA PHE C 492 -23.70 0.96 -10.49
C PHE C 492 -24.40 -0.31 -11.02
N GLU C 493 -25.59 -0.12 -11.58
CA GLU C 493 -26.33 -1.17 -12.32
C GLU C 493 -25.76 -1.16 -13.74
N MET C 494 -24.67 -1.92 -13.95
CA MET C 494 -23.79 -1.78 -15.14
C MET C 494 -24.48 -2.38 -16.37
N GLY C 495 -25.58 -3.11 -16.19
CA GLY C 495 -26.31 -3.80 -17.28
C GLY C 495 -25.41 -4.78 -17.98
N ARG C 496 -25.30 -4.67 -19.32
CA ARG C 496 -24.50 -5.54 -20.24
C ARG C 496 -23.04 -5.05 -20.38
N LYS C 497 -22.68 -3.93 -19.75
CA LYS C 497 -21.31 -3.36 -19.84
C LYS C 497 -20.40 -4.08 -18.82
N GLU C 498 -19.11 -4.23 -19.14
CA GLU C 498 -18.04 -4.58 -18.18
C GLU C 498 -17.31 -3.32 -17.73
N ARG C 499 -17.06 -2.40 -18.69
CA ARG C 499 -16.31 -1.13 -18.49
C ARG C 499 -17.02 -0.01 -19.28
N SER C 500 -16.79 1.24 -18.88
CA SER C 500 -17.28 2.46 -19.58
C SER C 500 -16.24 3.55 -19.39
N PRO C 501 -15.06 3.42 -20.01
CA PRO C 501 -13.92 4.28 -19.71
C PRO C 501 -13.91 5.66 -20.41
N TYR C 502 -14.96 6.03 -21.14
CA TYR C 502 -15.01 7.27 -21.96
C TYR C 502 -16.13 8.24 -21.57
N MET C 503 -16.96 7.91 -20.58
CA MET C 503 -18.14 8.73 -20.16
C MET C 503 -19.11 8.92 -21.34
N THR C 504 -19.26 7.90 -22.18
CA THR C 504 -20.20 7.91 -23.33
C THR C 504 -21.45 7.09 -22.99
N PHE C 505 -21.51 6.57 -21.77
CA PHE C 505 -22.64 5.77 -21.22
C PHE C 505 -22.96 6.22 -19.79
N VAL C 506 -24.25 6.07 -19.47
CA VAL C 506 -24.90 6.48 -18.20
C VAL C 506 -25.47 5.23 -17.54
N PHE C 507 -25.33 5.10 -16.22
CA PHE C 507 -25.77 3.92 -15.45
C PHE C 507 -26.53 4.34 -14.19
N PRO C 508 -27.57 3.58 -13.78
CA PRO C 508 -28.29 3.89 -12.56
C PRO C 508 -27.39 3.59 -11.36
N VAL C 509 -27.54 4.38 -10.29
CA VAL C 509 -26.82 4.17 -8.99
C VAL C 509 -27.59 3.13 -8.18
N ARG C 510 -26.96 1.99 -7.91
CA ARG C 510 -27.45 0.99 -6.92
C ARG C 510 -27.70 1.74 -5.62
N PRO C 511 -28.94 1.71 -5.07
CA PRO C 511 -29.35 2.61 -3.99
C PRO C 511 -28.41 2.57 -2.77
N GLU C 512 -27.78 1.41 -2.53
CA GLU C 512 -26.86 1.20 -1.38
C GLU C 512 -25.69 2.20 -1.41
N TYR C 513 -25.47 2.98 -2.47
CA TYR C 513 -24.32 3.92 -2.57
C TYR C 513 -24.76 5.38 -2.83
N THR C 514 -26.06 5.67 -2.99
CA THR C 514 -26.54 7.00 -3.48
C THR C 514 -26.10 8.11 -2.51
N GLU C 515 -26.00 7.84 -1.21
CA GLU C 515 -25.60 8.86 -0.20
C GLU C 515 -24.12 9.20 -0.45
N LYS C 516 -23.28 8.17 -0.60
CA LYS C 516 -21.81 8.32 -0.63
C LYS C 516 -21.36 8.99 -1.94
N ILE C 517 -22.13 8.90 -3.04
CA ILE C 517 -21.70 9.49 -4.35
C ILE C 517 -22.83 10.35 -4.94
N ALA C 518 -23.63 10.99 -4.07
CA ALA C 518 -24.77 11.87 -4.44
C ALA C 518 -24.34 12.92 -5.47
N ALA C 519 -23.32 13.71 -5.16
CA ALA C 519 -22.91 14.84 -6.02
C ALA C 519 -22.62 14.34 -7.45
N ALA C 520 -22.12 13.12 -7.61
CA ALA C 520 -21.79 12.54 -8.94
C ALA C 520 -23.00 11.81 -9.53
N THR C 521 -24.21 12.14 -9.08
CA THR C 521 -25.48 11.49 -9.48
C THR C 521 -26.48 12.56 -9.94
N HIS C 522 -27.33 12.23 -10.89
CA HIS C 522 -28.45 13.11 -11.34
C HIS C 522 -29.69 12.77 -10.54
N VAL C 523 -30.72 13.60 -10.64
CA VAL C 523 -32.00 13.47 -9.88
C VAL C 523 -32.76 12.20 -10.32
N ASP C 524 -32.34 11.52 -11.41
CA ASP C 524 -32.95 10.27 -11.91
C ASP C 524 -32.06 9.07 -11.56
N ALA C 525 -31.27 9.19 -10.48
CA ALA C 525 -30.43 8.11 -9.91
C ALA C 525 -29.44 7.56 -10.95
N THR C 526 -29.01 8.38 -11.92
CA THR C 526 -28.07 7.99 -13.01
C THR C 526 -26.75 8.74 -12.85
N SER C 527 -25.64 8.05 -13.16
CA SER C 527 -24.27 8.61 -13.16
C SER C 527 -23.64 8.35 -14.53
N ARG C 528 -23.11 9.38 -15.18
CA ARG C 528 -22.39 9.26 -16.48
C ARG C 528 -20.93 8.87 -16.19
N ILE C 529 -20.66 7.60 -15.84
CA ILE C 529 -19.38 7.22 -15.15
C ILE C 529 -18.21 7.14 -16.13
N GLN C 530 -17.02 7.23 -15.55
CA GLN C 530 -15.71 6.89 -16.14
C GLN C 530 -15.10 5.76 -15.30
N THR C 531 -15.02 4.54 -15.85
CA THR C 531 -14.31 3.42 -15.20
C THR C 531 -12.83 3.65 -15.40
N VAL C 532 -12.04 3.24 -14.40
CA VAL C 532 -10.58 3.53 -14.33
C VAL C 532 -9.87 2.23 -13.97
N THR C 533 -8.77 1.94 -14.66
CA THR C 533 -7.83 0.82 -14.37
C THR C 533 -6.41 1.36 -14.47
N GLU C 534 -5.41 0.51 -14.14
CA GLU C 534 -3.97 0.87 -14.10
C GLU C 534 -3.39 0.84 -15.53
N ASP C 535 -4.05 0.17 -16.47
CA ASP C 535 -3.69 0.21 -17.91
C ASP C 535 -4.09 1.60 -18.46
N SER C 536 -5.36 1.98 -18.27
CA SER C 536 -5.99 3.16 -18.90
C SER C 536 -5.40 4.43 -18.30
N ASN C 537 -5.19 4.45 -16.97
CA ASN C 537 -4.71 5.65 -16.24
C ASN C 537 -4.08 5.26 -14.91
N PRO C 538 -2.80 4.83 -14.90
CA PRO C 538 -2.17 4.33 -13.68
C PRO C 538 -2.32 5.33 -12.51
N ARG C 539 -2.03 6.60 -12.73
CA ARG C 539 -1.96 7.57 -11.61
C ARG C 539 -3.37 7.89 -11.10
N LEU C 540 -4.39 7.84 -11.95
CA LEU C 540 -5.79 8.16 -11.56
C LEU C 540 -6.36 6.98 -10.78
N ALA C 541 -5.95 5.77 -11.16
CA ALA C 541 -6.25 4.51 -10.43
C ALA C 541 -5.63 4.61 -9.04
N ALA C 542 -4.32 4.88 -8.98
CA ALA C 542 -3.59 5.07 -7.72
C ALA C 542 -4.41 6.01 -6.82
N LEU C 543 -4.87 7.14 -7.37
CA LEU C 543 -5.57 8.19 -6.57
C LEU C 543 -6.88 7.62 -6.01
N LEU C 544 -7.62 6.84 -6.79
CA LEU C 544 -8.93 6.29 -6.32
C LEU C 544 -8.71 5.33 -5.15
N ARG C 545 -7.73 4.44 -5.26
CA ARG C 545 -7.43 3.42 -4.22
C ARG C 545 -7.19 4.15 -2.90
N GLU C 546 -6.26 5.10 -2.90
CA GLU C 546 -5.80 5.81 -1.67
C GLU C 546 -6.97 6.62 -1.09
N PHE C 547 -7.74 7.30 -1.93
CA PHE C 547 -8.94 8.11 -1.53
C PHE C 547 -9.98 7.19 -0.86
N THR C 548 -10.27 6.03 -1.46
CA THR C 548 -11.34 5.11 -1.01
C THR C 548 -10.91 4.39 0.28
N SER C 549 -9.64 4.00 0.39
CA SER C 549 -9.12 3.35 1.62
C SER C 549 -9.13 4.35 2.78
N ARG C 550 -9.30 5.65 2.52
CA ARG C 550 -9.35 6.70 3.58
C ARG C 550 -10.81 7.06 3.92
N THR C 551 -11.67 7.29 2.92
CA THR C 551 -13.04 7.84 3.12
C THR C 551 -14.12 6.74 3.05
N ASP C 552 -13.77 5.59 2.44
CA ASP C 552 -14.68 4.45 2.15
C ASP C 552 -15.76 4.91 1.15
N VAL C 553 -15.45 5.93 0.34
CA VAL C 553 -16.26 6.38 -0.83
C VAL C 553 -15.62 5.83 -2.11
N PRO C 554 -16.37 5.08 -2.93
CA PRO C 554 -15.81 4.44 -4.12
C PRO C 554 -15.67 5.33 -5.37
N CYS C 555 -15.96 6.63 -5.25
CA CYS C 555 -16.11 7.54 -6.41
C CYS C 555 -15.65 8.95 -6.05
N LEU C 556 -15.04 9.62 -7.03
CA LEU C 556 -14.67 11.05 -7.00
C LEU C 556 -15.40 11.74 -8.14
N VAL C 557 -15.94 12.94 -7.94
CA VAL C 557 -16.48 13.77 -9.05
C VAL C 557 -15.33 14.00 -10.04
N ASN C 558 -15.61 13.84 -11.34
CA ASN C 558 -14.71 14.24 -12.45
C ASN C 558 -15.47 15.21 -13.35
N THR C 559 -15.12 16.48 -13.29
CA THR C 559 -15.68 17.56 -14.13
C THR C 559 -14.51 18.26 -14.82
N SER C 560 -14.75 18.82 -16.01
CA SER C 560 -13.71 19.40 -16.90
C SER C 560 -12.95 20.51 -16.17
N PHE C 561 -11.63 20.57 -16.35
CA PHE C 561 -10.75 21.64 -15.82
C PHE C 561 -10.81 22.80 -16.81
N ASN C 562 -11.75 23.72 -16.58
CA ASN C 562 -11.89 24.98 -17.35
C ASN C 562 -12.84 25.93 -16.62
N VAL C 563 -12.72 27.22 -16.97
CA VAL C 563 -13.70 28.29 -16.60
C VAL C 563 -14.96 28.08 -17.45
N ALA C 564 -16.07 28.71 -17.06
CA ALA C 564 -17.37 28.67 -17.77
C ALA C 564 -17.19 28.92 -19.29
N GLY C 565 -17.70 28.01 -20.12
CA GLY C 565 -17.78 28.19 -21.59
C GLY C 565 -16.42 28.27 -22.27
N GLU C 566 -15.31 28.17 -21.53
CA GLU C 566 -13.93 28.03 -22.09
C GLU C 566 -13.71 26.54 -22.34
N PRO C 567 -12.79 26.14 -23.25
CA PRO C 567 -12.45 24.74 -23.42
C PRO C 567 -11.62 24.19 -22.25
N ILE C 568 -11.49 22.86 -22.15
CA ILE C 568 -10.58 22.15 -21.20
C ILE C 568 -9.21 22.77 -21.34
N VAL C 569 -8.51 22.98 -20.23
CA VAL C 569 -7.10 23.45 -20.19
C VAL C 569 -6.23 22.41 -20.92
N CYS C 570 -5.15 22.84 -21.56
CA CYS C 570 -4.16 21.95 -22.25
C CYS C 570 -2.78 22.14 -21.63
N SER C 571 -2.32 23.39 -21.49
CA SER C 571 -0.97 23.73 -20.92
C SER C 571 -1.05 23.97 -19.41
N PRO C 572 0.11 23.85 -18.71
CA PRO C 572 0.26 24.30 -17.34
C PRO C 572 -0.19 25.75 -17.08
N LYS C 573 0.20 26.68 -17.95
CA LYS C 573 -0.26 28.10 -17.96
C LYS C 573 -1.80 28.14 -17.92
N ASP C 574 -2.46 27.37 -18.80
CA ASP C 574 -3.95 27.32 -18.94
C ASP C 574 -4.57 26.89 -17.60
N ALA C 575 -3.91 25.96 -16.87
CA ALA C 575 -4.38 25.38 -15.57
C ALA C 575 -4.22 26.40 -14.44
N VAL C 576 -3.03 26.99 -14.35
CA VAL C 576 -2.72 28.06 -13.35
C VAL C 576 -3.69 29.22 -13.57
N GLU C 577 -3.86 29.70 -14.82
CA GLU C 577 -4.77 30.81 -15.16
C GLU C 577 -6.19 30.44 -14.69
N CYS C 578 -6.64 29.23 -14.99
CA CYS C 578 -7.97 28.72 -14.57
C CYS C 578 -8.05 28.69 -13.05
N PHE C 579 -7.07 28.04 -12.40
CA PHE C 579 -6.90 27.96 -10.92
C PHE C 579 -7.08 29.34 -10.27
N LEU C 580 -6.34 30.35 -10.74
CA LEU C 580 -6.33 31.74 -10.17
C LEU C 580 -7.63 32.48 -10.52
N GLY C 581 -8.27 32.14 -11.64
CA GLY C 581 -9.52 32.78 -12.11
C GLY C 581 -10.76 32.13 -11.53
N THR C 582 -10.60 31.21 -10.58
CA THR C 582 -11.71 30.43 -9.98
C THR C 582 -11.48 30.36 -8.47
N ASP C 583 -12.31 29.61 -7.76
CA ASP C 583 -12.17 29.38 -6.30
C ASP C 583 -11.90 27.89 -6.08
N ILE C 584 -11.14 27.27 -6.99
CA ILE C 584 -10.52 25.94 -6.79
C ILE C 584 -9.53 26.11 -5.62
N ASP C 585 -9.60 25.25 -4.61
CA ASP C 585 -8.81 25.41 -3.37
C ASP C 585 -7.34 25.12 -3.64
N HIS C 586 -7.05 24.11 -4.46
CA HIS C 586 -5.71 23.53 -4.67
C HIS C 586 -5.56 23.03 -6.11
N LEU C 587 -4.33 23.03 -6.61
CA LEU C 587 -4.00 22.46 -7.94
C LEU C 587 -2.84 21.48 -7.77
N VAL C 588 -2.97 20.29 -8.33
CA VAL C 588 -1.87 19.30 -8.45
C VAL C 588 -1.53 19.16 -9.92
N ILE C 589 -0.36 19.64 -10.31
CA ILE C 589 0.07 19.57 -11.74
C ILE C 589 1.40 18.80 -11.76
N GLY C 590 1.36 17.56 -12.25
CA GLY C 590 2.47 16.60 -12.15
C GLY C 590 2.74 16.30 -10.70
N ASP C 591 3.99 16.43 -10.25
CA ASP C 591 4.38 16.14 -8.84
C ASP C 591 4.33 17.43 -8.00
N PHE C 592 3.77 18.53 -8.53
CA PHE C 592 3.71 19.85 -7.85
C PHE C 592 2.35 20.04 -7.21
N LEU C 593 2.33 20.34 -5.92
CA LEU C 593 1.09 20.73 -5.20
C LEU C 593 1.15 22.23 -5.01
N VAL C 594 0.27 22.94 -5.69
CA VAL C 594 0.22 24.42 -5.75
C VAL C 594 -0.95 24.92 -4.88
N SER C 595 -0.72 26.00 -4.14
CA SER C 595 -1.72 26.61 -3.24
C SER C 595 -1.68 28.13 -3.41
N LYS C 596 -2.83 28.76 -3.20
CA LYS C 596 -2.99 30.23 -3.35
C LYS C 596 -2.46 30.93 -2.10
N ARG C 597 -1.88 32.12 -2.32
CA ARG C 597 -1.45 33.09 -1.26
C ARG C 597 -2.65 33.98 -0.94
N MET D 1 46.01 64.69 -11.29
CA MET D 1 45.02 64.42 -12.40
C MET D 1 43.77 63.68 -11.87
N ILE D 2 42.58 64.27 -12.06
CA ILE D 2 41.24 63.69 -11.76
C ILE D 2 40.45 63.58 -13.06
N ILE D 3 40.00 62.37 -13.43
CA ILE D 3 39.18 62.10 -14.64
C ILE D 3 37.85 61.47 -14.19
N LEU D 4 36.72 61.96 -14.69
CA LEU D 4 35.37 61.44 -14.35
C LEU D 4 34.62 61.05 -15.62
N GLY D 5 34.30 59.76 -15.73
CA GLY D 5 33.62 59.16 -16.89
C GLY D 5 32.15 58.99 -16.62
N TYR D 6 31.30 59.30 -17.59
CA TYR D 6 29.84 59.31 -17.40
C TYR D 6 29.14 58.84 -18.68
N ASN D 7 27.90 58.40 -18.50
CA ASN D 7 26.98 57.96 -19.58
C ASN D 7 25.61 58.50 -19.18
N GLY D 8 24.85 59.03 -20.15
CA GLY D 8 23.50 59.59 -19.91
C GLY D 8 23.18 60.72 -20.86
N PHE D 9 21.98 60.69 -21.40
CA PHE D 9 21.33 61.78 -22.16
C PHE D 9 19.95 62.04 -21.52
N SER D 10 19.78 63.21 -20.94
CA SER D 10 18.49 63.61 -20.32
C SER D 10 17.39 63.47 -21.38
N GLN D 11 17.68 63.94 -22.59
CA GLN D 11 16.70 64.12 -23.68
C GLN D 11 16.25 62.78 -24.28
N ILE D 12 17.14 61.78 -24.28
CA ILE D 12 17.03 60.59 -25.17
C ILE D 12 15.73 59.83 -24.85
N ALA D 13 15.34 59.77 -23.58
CA ALA D 13 14.07 59.15 -23.09
C ALA D 13 12.90 59.58 -23.98
N GLU D 14 12.72 60.89 -24.16
CA GLU D 14 11.52 61.49 -24.84
C GLU D 14 11.72 61.44 -26.38
N LEU D 15 12.90 61.84 -26.86
CA LEU D 15 13.25 61.77 -28.30
C LEU D 15 12.85 60.40 -28.85
N PHE D 16 13.39 59.32 -28.27
CA PHE D 16 13.14 57.93 -28.72
C PHE D 16 11.67 57.54 -28.49
N GLY D 17 11.05 58.04 -27.43
CA GLY D 17 9.61 57.86 -27.18
C GLY D 17 8.78 58.42 -28.32
N ARG D 18 9.03 59.69 -28.67
CA ARG D 18 8.22 60.49 -29.64
C ARG D 18 8.57 60.08 -31.10
N LEU D 19 9.86 59.88 -31.41
CA LEU D 19 10.32 59.65 -32.80
C LEU D 19 10.06 58.19 -33.21
N TYR D 20 10.46 57.21 -32.41
CA TYR D 20 10.40 55.76 -32.73
C TYR D 20 9.37 54.99 -31.87
N GLY D 21 8.55 55.68 -31.09
CA GLY D 21 7.43 55.08 -30.35
C GLY D 21 7.87 54.31 -29.11
N TYR D 22 9.17 54.32 -28.79
CA TYR D 22 9.79 53.57 -27.66
C TYR D 22 9.44 54.22 -26.31
N THR D 23 8.14 54.27 -25.98
CA THR D 23 7.61 54.91 -24.76
C THR D 23 8.10 54.13 -23.54
N ALA D 24 8.05 54.74 -22.35
CA ALA D 24 8.61 54.19 -21.09
C ALA D 24 7.70 53.08 -20.54
N ASP D 25 6.51 52.89 -21.12
CA ASP D 25 5.56 51.80 -20.73
C ASP D 25 5.64 50.65 -21.75
N SER D 26 6.21 50.88 -22.94
CA SER D 26 6.28 49.91 -24.06
C SER D 26 7.29 48.81 -23.73
N VAL D 27 7.33 47.77 -24.56
CA VAL D 27 8.31 46.66 -24.43
C VAL D 27 9.67 47.18 -24.93
N ASP D 28 9.70 48.30 -25.67
CA ASP D 28 10.92 48.87 -26.27
C ASP D 28 11.52 49.98 -25.37
N ARG D 29 11.35 49.88 -24.05
CA ARG D 29 11.65 50.96 -23.07
C ARG D 29 13.15 51.01 -22.71
N HIS D 30 13.92 49.95 -22.96
CA HIS D 30 15.38 49.89 -22.65
C HIS D 30 16.16 49.77 -23.95
N SER D 31 15.49 50.01 -25.10
CA SER D 31 15.98 49.66 -26.45
C SER D 31 16.60 50.88 -27.17
N PHE D 32 17.26 51.77 -26.43
CA PHE D 32 17.97 52.96 -26.98
C PHE D 32 19.17 53.35 -26.10
N LEU D 33 20.24 53.80 -26.76
CA LEU D 33 21.56 54.21 -26.18
C LEU D 33 21.39 55.20 -25.03
N GLY D 34 22.37 55.21 -24.12
CA GLY D 34 22.35 56.03 -22.89
C GLY D 34 21.79 55.25 -21.71
N HIS D 35 21.22 54.06 -21.96
CA HIS D 35 20.84 53.09 -20.89
C HIS D 35 22.11 52.78 -20.09
N ASP D 36 21.93 52.51 -18.80
CA ASP D 36 22.99 52.21 -17.81
C ASP D 36 23.82 53.47 -17.57
N ALA D 37 23.16 54.61 -17.40
CA ALA D 37 23.80 55.90 -17.03
C ALA D 37 24.49 55.71 -15.68
N ALA D 38 25.68 56.29 -15.53
CA ALA D 38 26.57 56.08 -14.37
C ALA D 38 27.73 57.06 -14.41
N ALA D 39 28.54 57.04 -13.35
CA ALA D 39 29.66 57.97 -13.10
C ALA D 39 30.80 57.16 -12.49
N ALA D 40 31.99 57.30 -13.06
CA ALA D 40 33.24 56.68 -12.57
C ALA D 40 34.25 57.81 -12.37
N LEU D 41 35.11 57.69 -11.37
CA LEU D 41 36.12 58.71 -10.98
C LEU D 41 37.47 58.05 -10.78
N PHE D 42 38.42 58.35 -11.67
CA PHE D 42 39.86 58.06 -11.46
C PHE D 42 40.52 59.26 -10.77
N VAL D 43 41.30 58.99 -9.72
CA VAL D 43 42.20 59.96 -9.04
C VAL D 43 43.63 59.45 -9.15
N ASP D 44 44.41 60.05 -10.05
CA ASP D 44 45.86 59.76 -10.22
C ASP D 44 46.04 58.27 -10.52
N GLY D 45 45.06 57.63 -11.17
CA GLY D 45 45.20 56.26 -11.72
C GLY D 45 44.52 55.18 -10.89
N GLU D 46 44.03 55.52 -9.68
CA GLU D 46 43.18 54.60 -8.88
C GLU D 46 41.70 54.98 -9.12
N LEU D 47 40.91 54.03 -9.61
CA LEU D 47 39.43 54.13 -9.62
C LEU D 47 38.94 54.14 -8.15
N VAL D 48 38.50 55.30 -7.68
CA VAL D 48 38.19 55.61 -6.24
C VAL D 48 36.70 55.41 -5.94
N ALA D 49 35.84 55.78 -6.89
CA ALA D 49 34.37 55.70 -6.79
C ALA D 49 33.75 55.50 -8.18
N ALA D 50 32.57 54.89 -8.23
CA ALA D 50 31.83 54.54 -9.46
C ALA D 50 30.49 53.95 -9.06
N VAL D 51 29.42 54.39 -9.71
CA VAL D 51 28.05 53.90 -9.40
C VAL D 51 27.13 54.22 -10.58
N GLU D 52 26.17 53.34 -10.82
CA GLU D 52 25.15 53.51 -11.87
C GLU D 52 24.04 54.40 -11.29
N GLU D 53 23.51 55.31 -12.10
CA GLU D 53 22.39 56.21 -11.71
C GLU D 53 21.15 55.36 -11.39
N GLU D 54 21.01 54.16 -11.99
CA GLU D 54 19.88 53.23 -11.73
C GLU D 54 19.84 52.91 -10.24
N ARG D 55 21.01 52.79 -9.62
CA ARG D 55 21.13 52.46 -8.17
C ARG D 55 20.53 53.65 -7.42
N MET D 56 20.84 54.87 -7.88
CA MET D 56 20.41 56.14 -7.25
C MET D 56 18.91 56.41 -7.51
N ASN D 57 18.50 56.67 -8.75
CA ASN D 57 17.12 57.15 -9.04
C ASN D 57 16.14 55.98 -9.01
N ARG D 58 16.62 54.76 -8.84
CA ARG D 58 15.82 53.52 -8.67
C ARG D 58 15.07 53.14 -9.95
N GLN D 59 15.37 53.77 -11.10
CA GLN D 59 14.81 53.39 -12.44
C GLN D 59 15.76 52.39 -13.09
N LYS D 60 15.27 51.23 -13.52
CA LYS D 60 16.13 50.16 -14.10
C LYS D 60 16.69 50.63 -15.44
N LYS D 61 18.00 50.47 -15.64
CA LYS D 61 18.76 50.79 -16.88
C LYS D 61 18.48 52.24 -17.31
N THR D 62 18.39 53.13 -16.32
CA THR D 62 18.08 54.55 -16.60
C THR D 62 18.92 55.10 -17.75
N THR D 63 18.39 56.10 -18.46
CA THR D 63 19.08 56.76 -19.58
C THR D 63 19.31 58.20 -19.17
N ALA D 64 18.79 58.57 -18.01
CA ALA D 64 18.86 59.97 -17.55
C ALA D 64 20.29 60.37 -17.24
N PHE D 65 20.53 61.68 -17.17
CA PHE D 65 21.86 62.19 -16.82
C PHE D 65 22.22 61.67 -15.42
N PRO D 66 23.45 61.16 -15.23
CA PRO D 66 23.86 60.64 -13.94
C PRO D 66 24.15 61.72 -12.89
N ALA D 67 23.14 62.51 -12.50
CA ALA D 67 23.33 63.62 -11.55
C ALA D 67 23.72 63.09 -10.16
N ASN D 68 22.98 62.12 -9.63
CA ASN D 68 23.17 61.56 -8.26
C ASN D 68 24.47 60.77 -8.20
N ALA D 69 24.71 59.91 -9.19
CA ALA D 69 25.96 59.12 -9.35
C ALA D 69 27.17 60.07 -9.44
N MET D 70 27.06 61.12 -10.26
CA MET D 70 28.12 62.13 -10.51
C MET D 70 28.45 62.82 -9.18
N ARG D 71 27.41 63.24 -8.45
CA ARG D 71 27.55 63.94 -7.15
C ARG D 71 28.19 62.97 -6.14
N TRP D 72 27.67 61.75 -6.00
CA TRP D 72 28.14 60.85 -4.92
C TRP D 72 29.62 60.50 -5.15
N CYS D 73 30.06 60.32 -6.40
CA CYS D 73 31.47 60.05 -6.78
C CYS D 73 32.36 61.19 -6.27
N LEU D 74 31.93 62.43 -6.51
CA LEU D 74 32.65 63.67 -6.10
C LEU D 74 32.65 63.76 -4.56
N GLU D 75 31.48 63.66 -3.91
CA GLU D 75 31.38 63.67 -2.43
C GLU D 75 32.32 62.63 -1.82
N GLN D 76 32.48 61.45 -2.44
CA GLN D 76 33.30 60.32 -1.90
C GLN D 76 34.78 60.70 -1.90
N ALA D 77 35.19 61.49 -2.89
CA ALA D 77 36.58 61.97 -3.04
C ALA D 77 36.71 63.30 -2.30
N GLY D 78 35.59 63.87 -1.85
CA GLY D 78 35.55 65.18 -1.17
C GLY D 78 36.20 66.24 -2.05
N ILE D 79 35.70 66.36 -3.29
CA ILE D 79 36.07 67.39 -4.29
C ILE D 79 34.76 67.93 -4.89
N SER D 80 34.85 68.95 -5.75
CA SER D 80 33.71 69.50 -6.52
C SER D 80 34.07 69.47 -8.00
N TYR D 81 33.12 69.86 -8.86
CA TYR D 81 33.20 69.73 -10.34
C TYR D 81 34.48 70.43 -10.86
N GLU D 82 34.80 71.60 -10.29
CA GLU D 82 35.95 72.45 -10.71
C GLU D 82 37.29 71.69 -10.61
N ASP D 83 37.43 70.79 -9.64
CA ASP D 83 38.70 70.07 -9.34
C ASP D 83 38.94 68.96 -10.38
N VAL D 84 37.88 68.50 -11.05
CA VAL D 84 37.95 67.46 -12.14
C VAL D 84 38.69 68.08 -13.34
N ASP D 85 39.73 67.40 -13.82
CA ASP D 85 40.60 67.91 -14.90
C ASP D 85 39.93 67.62 -16.25
N TYR D 86 39.33 66.44 -16.40
CA TYR D 86 38.67 65.98 -17.66
C TYR D 86 37.41 65.17 -17.36
N TYR D 87 36.38 65.38 -18.17
CA TYR D 87 35.08 64.66 -18.19
C TYR D 87 35.01 63.79 -19.46
N ALA D 88 35.06 62.47 -19.29
CA ALA D 88 35.03 61.48 -20.40
C ALA D 88 33.60 60.95 -20.57
N PHE D 89 33.00 61.16 -21.74
CA PHE D 89 31.70 60.59 -22.14
C PHE D 89 31.97 59.31 -22.94
N GLY D 90 31.12 58.29 -22.81
CA GLY D 90 31.29 56.99 -23.49
C GLY D 90 30.63 56.94 -24.86
N TRP D 91 30.58 58.06 -25.59
CA TRP D 91 30.00 58.17 -26.96
C TRP D 91 30.65 59.36 -27.71
N ASN D 92 31.31 59.06 -28.83
CA ASN D 92 32.08 60.02 -29.66
C ASN D 92 31.24 60.46 -30.87
N PHE D 93 30.07 61.03 -30.62
CA PHE D 93 29.19 61.60 -31.68
C PHE D 93 29.73 62.98 -32.06
N THR D 94 30.83 62.98 -32.80
CA THR D 94 31.57 64.17 -33.28
C THR D 94 30.89 64.67 -34.55
N ALA D 95 31.22 65.90 -34.97
CA ALA D 95 30.76 66.48 -36.25
C ALA D 95 31.17 65.55 -37.39
N GLU D 96 32.44 65.18 -37.45
CA GLU D 96 33.00 64.18 -38.40
C GLU D 96 32.01 63.04 -38.56
N PHE D 97 31.57 62.43 -37.45
CA PHE D 97 30.67 61.24 -37.46
C PHE D 97 29.36 61.59 -38.17
N ALA D 98 28.69 62.67 -37.75
CA ALA D 98 27.42 63.15 -38.32
C ALA D 98 27.57 63.35 -39.84
N ASP D 99 28.72 63.87 -40.29
CA ASP D 99 28.96 64.10 -41.73
C ASP D 99 28.88 62.73 -42.42
N ALA D 100 29.63 61.75 -41.93
CA ALA D 100 29.65 60.36 -42.45
C ALA D 100 28.26 59.73 -42.35
N ALA D 101 27.53 59.98 -41.27
CA ALA D 101 26.23 59.33 -40.95
C ALA D 101 25.12 59.88 -41.84
N ILE D 102 25.11 61.20 -42.08
CA ILE D 102 24.17 61.85 -43.05
C ILE D 102 24.46 61.32 -44.46
N THR D 103 25.75 61.13 -44.82
CA THR D 103 26.19 60.62 -46.14
C THR D 103 25.76 59.16 -46.31
N GLY D 104 25.95 58.34 -45.27
CA GLY D 104 25.43 56.95 -45.23
C GLY D 104 23.96 56.87 -45.58
N LEU D 105 23.11 57.57 -44.83
CA LEU D 105 21.63 57.49 -44.99
C LEU D 105 21.23 58.06 -46.36
N ALA D 106 22.05 58.94 -46.93
CA ALA D 106 21.81 59.59 -48.24
C ALA D 106 22.32 58.70 -49.38
N SER D 107 23.35 57.86 -49.13
CA SER D 107 23.90 56.87 -50.10
C SER D 107 23.10 55.57 -50.04
N ALA D 108 22.24 55.40 -49.02
CA ALA D 108 21.45 54.17 -48.77
C ALA D 108 20.63 53.85 -50.02
N PRO D 109 20.16 52.59 -50.20
CA PRO D 109 19.34 52.23 -51.36
C PRO D 109 17.85 52.32 -51.01
N ILE D 110 17.41 53.51 -50.59
CA ILE D 110 16.07 53.75 -49.98
C ILE D 110 15.28 54.72 -50.85
N PRO D 111 13.93 54.67 -50.86
CA PRO D 111 13.14 55.78 -51.40
C PRO D 111 13.48 57.04 -50.60
N PRO D 112 13.58 58.21 -51.27
CA PRO D 112 13.88 59.47 -50.58
C PRO D 112 12.94 59.78 -49.40
N GLU D 113 11.66 59.37 -49.49
CA GLU D 113 10.65 59.51 -48.41
C GLU D 113 11.25 59.03 -47.08
N TYR D 114 11.98 57.91 -47.09
CA TYR D 114 12.57 57.28 -45.87
C TYR D 114 13.86 57.99 -45.46
N LYS D 115 14.70 58.42 -46.40
CA LYS D 115 15.98 59.10 -46.07
C LYS D 115 15.71 60.41 -45.34
N PHE D 116 14.58 61.07 -45.65
CA PHE D 116 14.16 62.36 -45.04
C PHE D 116 13.86 62.13 -43.56
N GLN D 117 13.03 61.12 -43.27
CA GLN D 117 12.60 60.73 -41.90
C GLN D 117 13.82 60.36 -41.05
N ALA D 118 14.67 59.45 -41.55
CA ALA D 118 15.91 58.97 -40.88
C ALA D 118 16.80 60.16 -40.50
N ILE D 119 17.09 61.04 -41.47
CA ILE D 119 18.03 62.19 -41.28
C ILE D 119 17.39 63.19 -40.30
N GLY D 120 16.08 63.44 -40.44
CA GLY D 120 15.32 64.33 -39.53
C GLY D 120 15.39 63.86 -38.09
N SER D 121 15.06 62.59 -37.87
CA SER D 121 15.14 61.88 -36.56
C SER D 121 16.56 61.98 -36.03
N PHE D 122 17.55 61.65 -36.87
CA PHE D 122 18.98 61.70 -36.49
C PHE D 122 19.37 63.14 -36.12
N GLY D 123 18.84 64.14 -36.83
CA GLY D 123 18.99 65.56 -36.48
C GLY D 123 18.55 65.86 -35.06
N GLU D 124 17.28 65.57 -34.74
CA GLU D 124 16.65 65.87 -33.42
C GLU D 124 17.45 65.18 -32.33
N LEU D 125 17.78 63.91 -32.56
CA LEU D 125 18.74 63.13 -31.74
C LEU D 125 19.99 63.97 -31.53
N TRP D 126 20.60 64.42 -32.63
CA TRP D 126 21.90 65.15 -32.64
C TRP D 126 21.78 66.46 -31.84
N ASN D 127 20.71 67.21 -32.07
CA ASN D 127 20.53 68.58 -31.50
C ASN D 127 20.01 68.45 -30.07
N GLY D 128 19.15 67.46 -29.83
CA GLY D 128 18.52 67.18 -28.52
C GLY D 128 19.49 66.57 -27.51
N ALA D 129 20.29 65.56 -27.89
CA ALA D 129 21.01 64.67 -26.94
C ALA D 129 22.49 64.44 -27.30
N LEU D 130 22.80 64.06 -28.54
CA LEU D 130 24.11 63.47 -28.93
C LEU D 130 25.16 64.56 -29.20
N GLY D 131 24.72 65.72 -29.69
CA GLY D 131 25.59 66.85 -30.04
C GLY D 131 26.50 67.24 -28.90
N ARG D 132 27.78 67.51 -29.19
CA ARG D 132 28.75 68.06 -28.22
C ARG D 132 28.16 69.31 -27.55
N THR D 133 27.42 70.13 -28.32
CA THR D 133 26.56 71.25 -27.82
C THR D 133 25.62 70.74 -26.73
N ALA D 134 24.85 69.68 -27.04
CA ALA D 134 23.83 69.06 -26.16
C ALA D 134 24.52 68.41 -24.96
N LEU D 135 25.71 67.81 -25.12
CA LEU D 135 26.44 67.21 -23.97
C LEU D 135 26.70 68.29 -22.92
N ILE D 136 27.17 69.47 -23.35
CA ILE D 136 27.60 70.59 -22.47
C ILE D 136 26.36 71.29 -21.90
N GLU D 137 25.33 71.52 -22.72
CA GLU D 137 24.03 72.09 -22.26
C GLU D 137 23.45 71.18 -21.17
N ASP D 138 23.38 69.88 -21.47
CA ASP D 138 22.75 68.84 -20.61
C ASP D 138 23.51 68.73 -19.28
N PHE D 139 24.84 68.68 -19.33
CA PHE D 139 25.74 68.63 -18.14
C PHE D 139 25.45 69.81 -17.21
N THR D 140 25.39 71.03 -17.77
CA THR D 140 25.22 72.30 -17.02
C THR D 140 23.82 72.33 -16.39
N ARG D 141 22.76 72.17 -17.18
CA ARG D 141 21.37 72.20 -16.65
C ARG D 141 21.26 71.29 -15.42
N HIS D 142 21.98 70.16 -15.34
CA HIS D 142 21.75 69.06 -14.36
C HIS D 142 22.74 69.08 -13.20
N THR D 143 23.98 69.53 -13.42
CA THR D 143 25.03 69.63 -12.36
C THR D 143 25.04 71.03 -11.74
N GLY D 144 24.68 72.07 -12.51
CA GLY D 144 24.79 73.47 -12.09
C GLY D 144 26.12 74.08 -12.51
N TYR D 145 27.08 73.24 -12.92
CA TYR D 145 28.44 73.62 -13.41
C TYR D 145 28.41 73.79 -14.93
N ALA D 146 28.97 74.90 -15.43
CA ALA D 146 29.16 75.17 -16.88
C ALA D 146 30.43 74.44 -17.34
N LEU D 147 30.27 73.33 -18.03
CA LEU D 147 31.41 72.46 -18.42
C LEU D 147 32.23 73.20 -19.48
N PRO D 148 33.53 73.45 -19.22
CA PRO D 148 34.41 74.00 -20.25
C PRO D 148 34.62 72.99 -21.38
N ASP D 149 34.52 73.45 -22.63
CA ASP D 149 34.69 72.62 -23.85
C ASP D 149 36.04 71.88 -23.84
N GLU D 150 37.09 72.46 -23.22
CA GLU D 150 38.41 71.80 -23.04
C GLU D 150 38.26 70.54 -22.18
N LYS D 151 37.38 70.57 -21.18
CA LYS D 151 37.28 69.53 -20.13
C LYS D 151 36.54 68.29 -20.67
N LEU D 152 35.58 68.48 -21.56
CA LEU D 152 34.81 67.36 -22.19
C LEU D 152 35.65 66.70 -23.28
N ILE D 153 35.96 65.42 -23.13
CA ILE D 153 36.60 64.54 -24.17
C ILE D 153 35.59 63.42 -24.46
N THR D 154 34.98 63.38 -25.66
CA THR D 154 34.03 62.31 -26.06
C THR D 154 34.85 61.10 -26.50
N VAL D 155 34.63 59.94 -25.88
CA VAL D 155 35.38 58.68 -26.16
C VAL D 155 34.53 57.79 -27.07
N PRO D 156 35.16 57.05 -28.00
CA PRO D 156 34.42 56.09 -28.80
C PRO D 156 33.84 55.00 -27.90
N HIS D 157 32.54 54.74 -28.01
CA HIS D 157 31.87 53.73 -27.16
C HIS D 157 32.69 52.45 -27.10
N HIS D 158 32.89 51.79 -28.23
CA HIS D 158 33.60 50.49 -28.24
C HIS D 158 34.97 50.62 -27.59
N ARG D 159 35.68 51.70 -27.85
CA ARG D 159 37.02 51.92 -27.25
C ARG D 159 36.85 52.13 -25.75
N ALA D 160 35.70 52.65 -25.31
CA ALA D 160 35.39 52.75 -23.85
C ALA D 160 35.13 51.34 -23.28
N HIS D 161 34.28 50.54 -23.93
CA HIS D 161 34.09 49.10 -23.58
C HIS D 161 35.46 48.44 -23.35
N LEU D 162 36.44 48.69 -24.22
CA LEU D 162 37.79 48.04 -24.19
C LEU D 162 38.58 48.56 -22.99
N ALA D 163 38.59 49.87 -22.78
CA ALA D 163 39.29 50.52 -21.64
C ALA D 163 38.77 49.99 -20.29
N CYS D 164 37.52 49.52 -20.22
CA CYS D 164 36.94 48.89 -19.01
C CYS D 164 37.64 47.54 -18.79
N GLY D 165 37.63 46.69 -19.82
CA GLY D 165 38.25 45.35 -19.82
C GLY D 165 39.72 45.41 -19.46
N ARG D 166 40.45 46.36 -20.04
CA ARG D 166 41.91 46.55 -19.81
C ARG D 166 42.17 46.98 -18.35
N THR D 167 41.19 47.57 -17.65
CA THR D 167 41.34 47.99 -16.23
C THR D 167 41.30 46.77 -15.31
N PHE D 168 40.49 45.75 -15.62
CA PHE D 168 40.12 44.66 -14.68
C PHE D 168 40.62 43.29 -15.16
N SER D 169 41.15 43.18 -16.38
CA SER D 169 41.61 41.89 -16.99
C SER D 169 42.90 41.39 -16.33
N GLY D 170 43.70 42.32 -15.78
CA GLY D 170 45.03 42.04 -15.19
C GLY D 170 45.97 41.42 -16.21
N LEU D 171 45.95 41.92 -17.45
CA LEU D 171 46.77 41.42 -18.58
C LEU D 171 47.72 42.52 -19.03
N GLY D 172 48.52 42.25 -20.07
CA GLY D 172 49.42 43.21 -20.73
C GLY D 172 49.13 43.29 -22.21
N ASP D 173 49.89 42.54 -23.03
CA ASP D 173 49.57 42.31 -24.45
C ASP D 173 48.29 41.46 -24.47
N ALA D 174 47.46 41.56 -25.52
CA ALA D 174 46.26 40.70 -25.70
C ALA D 174 45.48 41.03 -26.98
N ALA D 175 44.77 40.03 -27.48
CA ALA D 175 43.71 40.15 -28.51
C ALA D 175 42.45 40.68 -27.82
N PHE D 176 41.47 41.18 -28.60
CA PHE D 176 40.19 41.72 -28.08
C PHE D 176 39.13 41.69 -29.18
N LEU D 177 37.90 41.33 -28.78
CA LEU D 177 36.64 41.50 -29.55
C LEU D 177 35.70 42.37 -28.72
N ILE D 178 35.18 43.44 -29.31
CA ILE D 178 34.04 44.19 -28.72
C ILE D 178 32.82 43.87 -29.57
N ASN D 179 31.84 43.20 -28.97
CA ASN D 179 30.58 42.82 -29.64
C ASN D 179 29.41 43.39 -28.82
N ASP D 180 28.67 44.29 -29.47
CA ASP D 180 27.72 45.26 -28.86
C ASP D 180 26.46 45.29 -29.72
N GLY D 181 25.40 45.91 -29.20
CA GLY D 181 24.14 46.12 -29.93
C GLY D 181 24.23 47.33 -30.81
N GLN D 182 24.56 48.47 -30.20
CA GLN D 182 24.64 49.78 -30.90
C GLN D 182 25.83 50.56 -30.39
N ALA D 183 26.84 50.75 -31.23
CA ALA D 183 27.89 51.78 -31.05
C ALA D 183 27.53 52.96 -31.97
N GLU D 184 28.51 53.79 -32.30
CA GLU D 184 28.30 54.96 -33.21
C GLU D 184 27.90 54.46 -34.60
N ALA D 185 28.82 53.77 -35.28
CA ALA D 185 28.63 53.22 -36.64
C ALA D 185 28.74 51.69 -36.61
N ASP D 186 29.66 51.14 -35.80
CA ASP D 186 30.05 49.71 -35.76
C ASP D 186 29.22 48.94 -34.72
N SER D 187 28.94 47.66 -34.96
CA SER D 187 28.28 46.74 -34.01
C SER D 187 29.37 45.91 -33.30
N ALA D 188 30.53 45.77 -33.94
CA ALA D 188 31.62 44.92 -33.40
C ALA D 188 32.94 45.27 -34.08
N ILE D 189 33.98 45.33 -33.28
CA ILE D 189 35.38 45.58 -33.73
C ILE D 189 36.24 44.52 -33.07
N MET D 190 37.36 44.17 -33.70
CA MET D 190 38.37 43.25 -33.12
C MET D 190 39.74 43.86 -33.34
N GLY D 191 40.73 43.36 -32.61
CA GLY D 191 42.12 43.81 -32.75
C GLY D 191 43.00 43.25 -31.68
N GLU D 192 43.87 44.09 -31.12
CA GLU D 192 44.93 43.69 -30.17
C GLU D 192 45.48 44.93 -29.48
N VAL D 193 46.14 44.69 -28.33
CA VAL D 193 46.82 45.69 -27.46
C VAL D 193 48.28 45.27 -27.37
N ARG D 194 49.16 45.94 -28.12
CA ARG D 194 50.61 45.63 -28.16
C ARG D 194 51.39 46.78 -27.54
N ASP D 195 51.97 46.55 -26.36
CA ASP D 195 52.86 47.51 -25.66
C ASP D 195 52.05 48.79 -25.37
N GLY D 196 50.78 48.62 -24.97
CA GLY D 196 49.87 49.70 -24.53
C GLY D 196 49.29 50.49 -25.68
N LYS D 197 49.12 49.86 -26.85
CA LYS D 197 48.63 50.53 -28.09
C LYS D 197 47.55 49.63 -28.72
N VAL D 198 46.34 50.18 -28.86
CA VAL D 198 45.15 49.49 -29.42
C VAL D 198 45.18 49.63 -30.95
N GLU D 199 45.26 48.50 -31.66
CA GLU D 199 45.15 48.59 -33.13
C GLU D 199 43.81 47.97 -33.52
N VAL D 200 42.84 48.79 -33.89
CA VAL D 200 41.49 48.27 -34.24
C VAL D 200 41.57 47.71 -35.65
N PHE D 201 41.71 46.40 -35.75
CA PHE D 201 41.69 45.80 -37.09
C PHE D 201 40.36 46.08 -37.76
N GLU D 202 40.37 46.70 -38.94
CA GLU D 202 39.10 47.14 -39.57
C GLU D 202 38.45 46.04 -40.41
N ARG D 203 39.24 45.27 -41.15
CA ARG D 203 38.62 44.27 -42.06
C ARG D 203 37.55 43.51 -41.28
N PHE D 204 37.73 43.39 -39.98
CA PHE D 204 36.82 42.58 -39.12
C PHE D 204 35.66 43.42 -38.60
N THR D 205 35.78 44.75 -38.68
CA THR D 205 34.80 45.72 -38.12
C THR D 205 33.45 45.45 -38.78
N ILE D 206 32.53 44.84 -38.04
CA ILE D 206 31.11 44.71 -38.47
C ILE D 206 30.47 46.09 -38.24
N ASP D 207 29.45 46.44 -39.04
CA ASP D 207 28.69 47.71 -38.93
C ASP D 207 27.46 47.45 -38.06
N ALA D 208 26.72 48.50 -37.68
CA ALA D 208 25.46 48.43 -36.90
C ALA D 208 24.36 47.78 -37.75
N LYS D 209 24.26 48.18 -39.02
CA LYS D 209 23.09 47.90 -39.91
C LYS D 209 22.79 46.40 -39.87
N ASN D 210 23.82 45.57 -39.73
CA ASN D 210 23.65 44.11 -39.44
C ASN D 210 24.45 43.77 -38.18
N SER D 211 23.88 44.20 -37.04
CA SER D 211 24.36 43.98 -35.65
C SER D 211 23.92 42.59 -35.16
N LEU D 212 24.87 41.76 -34.72
CA LEU D 212 24.60 40.40 -34.17
C LEU D 212 23.72 40.52 -32.93
N ALA D 213 24.06 41.44 -32.01
CA ALA D 213 23.41 41.59 -30.69
C ALA D 213 21.94 42.04 -30.85
N GLN D 214 21.63 42.84 -31.88
CA GLN D 214 20.25 43.32 -32.12
C GLN D 214 19.37 42.15 -32.59
N LEU D 215 19.98 41.10 -33.14
CA LEU D 215 19.24 39.89 -33.54
C LEU D 215 18.71 39.25 -32.26
N PHE D 216 19.58 39.06 -31.26
CA PHE D 216 19.23 38.37 -29.99
C PHE D 216 18.18 39.23 -29.27
N ALA D 217 18.29 40.55 -29.36
CA ALA D 217 17.29 41.47 -28.77
C ALA D 217 15.96 41.33 -29.52
N ASN D 218 16.00 41.25 -30.84
CA ASN D 218 14.76 41.17 -31.67
C ASN D 218 14.08 39.81 -31.43
N ILE D 219 14.85 38.72 -31.25
CA ILE D 219 14.39 37.39 -30.74
C ILE D 219 13.71 37.56 -29.37
N THR D 220 14.41 38.17 -28.43
CA THR D 220 13.93 38.40 -27.05
C THR D 220 12.60 39.17 -27.10
N ARG D 221 12.47 40.12 -28.02
CA ARG D 221 11.24 40.94 -28.16
C ARG D 221 10.12 40.04 -28.70
N TYR D 222 10.46 39.24 -29.72
CA TYR D 222 9.62 38.26 -30.44
C TYR D 222 8.90 37.36 -29.43
N LEU D 223 9.66 36.87 -28.45
CA LEU D 223 9.21 35.88 -27.44
C LEU D 223 8.55 36.57 -26.25
N GLY D 224 8.13 37.83 -26.39
CA GLY D 224 7.34 38.55 -25.36
C GLY D 224 8.18 38.99 -24.17
N PHE D 225 9.49 39.12 -24.35
CA PHE D 225 10.35 39.64 -23.25
C PHE D 225 10.86 41.05 -23.60
N THR D 226 11.08 41.90 -22.60
CA THR D 226 11.68 43.23 -22.85
C THR D 226 12.91 42.95 -23.69
N PRO D 227 13.08 43.52 -24.91
CA PRO D 227 14.15 43.08 -25.75
C PRO D 227 15.53 43.33 -25.10
N ASN D 228 15.79 44.51 -24.54
CA ASN D 228 17.18 44.81 -24.05
C ASN D 228 17.31 44.84 -22.52
N ASN D 229 16.68 43.92 -21.81
CA ASN D 229 16.90 43.80 -20.35
C ASN D 229 16.84 42.32 -20.05
N ASP D 230 16.24 41.56 -20.96
CA ASP D 230 15.97 40.12 -20.64
C ASP D 230 16.62 39.02 -21.52
N GLU D 231 17.64 39.29 -22.32
CA GLU D 231 18.44 38.31 -23.11
C GLU D 231 18.76 37.07 -22.25
N TYR D 232 19.02 37.24 -20.94
CA TYR D 232 19.37 36.13 -20.01
C TYR D 232 18.21 35.11 -20.01
N LYS D 233 16.97 35.57 -20.13
CA LYS D 233 15.77 34.70 -20.19
C LYS D 233 15.89 33.78 -21.42
N VAL D 234 16.35 34.28 -22.57
CA VAL D 234 16.55 33.46 -23.79
C VAL D 234 17.80 32.58 -23.64
N MET D 235 18.93 33.09 -23.14
CA MET D 235 20.08 32.22 -22.79
C MET D 235 19.64 31.20 -21.73
N GLY D 236 18.67 31.56 -20.90
CA GLY D 236 18.12 30.68 -19.85
C GLY D 236 17.40 29.52 -20.48
N LEU D 237 16.50 29.81 -21.43
CA LEU D 237 15.61 28.83 -22.11
C LEU D 237 16.41 27.88 -23.03
N ALA D 238 17.65 28.21 -23.41
CA ALA D 238 18.50 27.39 -24.29
C ALA D 238 19.16 26.23 -23.51
N GLY D 239 19.07 26.26 -22.19
CA GLY D 239 19.52 25.16 -21.32
C GLY D 239 18.50 24.03 -21.24
N PHE D 240 17.22 24.34 -21.40
CA PHE D 240 16.10 23.35 -21.37
C PHE D 240 15.98 22.65 -22.73
N GLY D 241 17.02 22.68 -23.57
CA GLY D 241 16.87 22.35 -25.00
C GLY D 241 18.02 21.52 -25.51
N LYS D 242 17.81 20.90 -26.69
CA LYS D 242 18.84 20.23 -27.53
C LYS D 242 19.16 21.16 -28.70
N ALA D 243 20.41 21.64 -28.79
CA ALA D 243 20.92 22.43 -29.93
C ALA D 243 20.58 21.68 -31.22
N PRO D 244 19.75 22.26 -32.12
CA PRO D 244 19.55 21.67 -33.44
C PRO D 244 20.91 21.59 -34.16
N ASP D 245 21.02 20.73 -35.19
CA ASP D 245 22.26 20.67 -36.02
C ASP D 245 22.32 21.98 -36.81
N GLU D 246 23.52 22.58 -36.91
CA GLU D 246 23.74 23.93 -37.50
C GLU D 246 22.94 24.04 -38.80
N GLN D 247 23.07 23.05 -39.69
CA GLN D 247 22.41 23.03 -41.03
C GLN D 247 20.88 23.20 -40.90
N ASP D 248 20.26 22.83 -39.76
CA ASP D 248 18.78 22.87 -39.56
C ASP D 248 18.39 23.90 -38.49
N ASN D 249 19.21 24.94 -38.32
CA ASN D 249 18.93 26.14 -37.48
C ASN D 249 18.47 27.26 -38.42
N PRO D 250 17.15 27.51 -38.55
CA PRO D 250 16.65 28.46 -39.55
C PRO D 250 17.44 29.77 -39.56
N LEU D 251 17.89 30.25 -38.40
CA LEU D 251 18.61 31.56 -38.24
C LEU D 251 19.99 31.48 -38.89
N LEU D 252 20.63 30.30 -38.90
CA LEU D 252 21.98 30.12 -39.48
C LEU D 252 21.89 29.97 -41.02
N THR D 253 20.71 29.68 -41.55
CA THR D 253 20.46 29.44 -43.00
C THR D 253 19.97 30.74 -43.65
N LYS D 254 18.77 31.19 -43.27
CA LYS D 254 17.96 32.17 -44.04
C LYS D 254 18.17 33.60 -43.51
N VAL D 255 18.61 33.76 -42.25
CA VAL D 255 18.78 35.09 -41.57
C VAL D 255 20.25 35.48 -41.56
N VAL D 256 21.10 34.69 -40.91
CA VAL D 256 22.56 35.00 -40.75
C VAL D 256 23.34 34.30 -41.85
N THR D 257 23.93 35.07 -42.76
CA THR D 257 24.86 34.56 -43.80
C THR D 257 26.28 34.89 -43.32
N LEU D 258 27.04 33.86 -42.94
CA LEU D 258 28.47 33.96 -42.52
C LEU D 258 29.33 34.34 -43.72
N GLU D 259 30.46 35.03 -43.52
CA GLU D 259 31.22 35.67 -44.63
C GLU D 259 32.74 35.52 -44.44
N GLU D 260 33.49 35.91 -45.48
CA GLU D 260 34.96 35.73 -45.61
C GLU D 260 35.68 36.51 -44.50
N GLY D 261 36.87 36.06 -44.10
CA GLY D 261 37.79 36.80 -43.21
C GLY D 261 37.16 37.15 -41.86
N GLY D 262 36.48 36.19 -41.23
CA GLY D 262 35.86 36.33 -39.89
C GLY D 262 34.80 37.42 -39.86
N ARG D 263 33.94 37.47 -40.88
CA ARG D 263 32.87 38.49 -41.00
C ARG D 263 31.49 37.80 -41.14
N TYR D 264 30.44 38.61 -41.17
CA TYR D 264 29.04 38.13 -41.27
C TYR D 264 28.12 39.29 -41.67
N SER D 265 26.91 38.93 -42.06
CA SER D 265 25.84 39.89 -42.47
C SER D 265 24.48 39.28 -42.14
N LEU D 266 23.49 40.13 -41.91
CA LEU D 266 22.11 39.70 -41.63
C LEU D 266 21.27 40.04 -42.87
N ALA D 267 20.39 39.14 -43.29
CA ALA D 267 19.27 39.45 -44.21
C ALA D 267 18.42 40.52 -43.52
N LEU D 268 17.69 41.34 -44.30
CA LEU D 268 16.88 42.47 -43.79
C LEU D 268 17.78 43.55 -43.16
N ALA D 269 19.11 43.42 -43.23
CA ALA D 269 20.11 44.37 -42.69
C ALA D 269 19.75 45.80 -43.11
N ASN D 270 19.19 45.96 -44.32
CA ASN D 270 18.92 47.27 -44.96
C ASN D 270 17.43 47.41 -45.30
N ASP D 271 16.54 46.65 -44.66
CA ASP D 271 15.08 46.83 -44.84
C ASP D 271 14.68 48.19 -44.25
N PRO D 272 13.97 49.05 -45.01
CA PRO D 272 13.61 50.39 -44.52
C PRO D 272 12.57 50.41 -43.39
N ARG D 273 11.91 49.28 -43.10
CA ARG D 273 10.89 49.17 -42.04
C ARG D 273 11.55 49.27 -40.66
N GLY D 274 12.86 49.00 -40.59
CA GLY D 274 13.64 49.03 -39.34
C GLY D 274 13.80 47.65 -38.73
N PRO D 275 14.05 47.53 -37.41
CA PRO D 275 14.34 46.24 -36.77
C PRO D 275 13.09 45.34 -36.76
N ARG D 276 11.90 45.94 -36.66
CA ARG D 276 10.59 45.25 -36.64
C ARG D 276 10.36 44.46 -37.93
N ALA D 277 11.18 44.68 -38.96
CA ALA D 277 11.19 43.93 -40.23
C ALA D 277 11.39 42.42 -39.99
N TYR D 278 12.22 42.02 -39.02
CA TYR D 278 12.56 40.60 -38.77
C TYR D 278 11.36 39.83 -38.20
N ASP D 279 10.48 40.51 -37.46
CA ASP D 279 9.39 39.86 -36.68
C ASP D 279 8.59 38.95 -37.64
N PRO D 280 7.96 39.45 -38.71
CA PRO D 280 7.31 38.57 -39.69
C PRO D 280 8.12 37.40 -40.29
N LEU D 281 9.44 37.52 -40.44
CA LEU D 281 10.30 36.41 -40.91
C LEU D 281 10.35 35.30 -39.85
N PHE D 282 10.51 35.68 -38.58
CA PHE D 282 10.65 34.72 -37.45
C PHE D 282 9.45 33.77 -37.47
N ASP D 283 8.24 34.31 -37.67
CA ASP D 283 6.99 33.51 -37.80
C ASP D 283 7.19 32.45 -38.89
N GLU D 284 7.63 32.91 -40.07
CA GLU D 284 7.89 32.09 -41.28
C GLU D 284 8.84 30.94 -40.91
N LEU D 285 9.95 31.24 -40.23
CA LEU D 285 11.12 30.33 -40.05
C LEU D 285 10.90 29.36 -38.88
N PHE D 286 9.98 29.69 -37.97
CA PHE D 286 9.74 28.94 -36.71
C PHE D 286 8.29 28.45 -36.65
N ASP D 287 7.54 28.58 -37.74
CA ASP D 287 6.09 28.25 -37.80
C ASP D 287 5.39 29.04 -36.68
N GLY D 288 5.85 30.24 -36.36
CA GLY D 288 5.30 31.06 -35.25
C GLY D 288 3.94 31.63 -35.61
N ASN D 289 3.09 31.89 -34.61
CA ASN D 289 1.70 32.44 -34.77
C ASN D 289 1.18 33.05 -33.45
N ASP D 290 -0.04 33.60 -33.47
CA ASP D 290 -0.61 34.43 -32.37
C ASP D 290 -0.81 33.60 -31.08
N ASP D 291 -0.85 32.27 -31.15
CA ASP D 291 -1.25 31.40 -30.02
C ASP D 291 -0.04 30.65 -29.43
N ASN D 292 1.12 30.65 -30.09
CA ASN D 292 2.26 29.77 -29.73
C ASN D 292 3.54 30.57 -29.37
N ARG D 293 3.55 31.89 -29.50
CA ARG D 293 4.81 32.67 -29.43
C ARG D 293 5.30 32.83 -27.97
N GLN D 294 4.45 32.56 -26.98
CA GLN D 294 4.81 32.62 -25.54
C GLN D 294 4.70 31.24 -24.88
N GLU D 295 4.30 30.21 -25.62
CA GLU D 295 4.28 28.82 -25.12
C GLU D 295 5.73 28.38 -24.89
N PHE D 296 5.96 27.68 -23.78
CA PHE D 296 7.30 27.28 -23.26
C PHE D 296 8.09 26.48 -24.31
N ASP D 297 7.44 25.50 -24.95
CA ASP D 297 8.02 24.61 -25.99
C ASP D 297 8.57 25.46 -27.14
N PHE D 298 7.77 26.45 -27.57
CA PHE D 298 8.07 27.38 -28.70
C PHE D 298 9.28 28.24 -28.35
N ARG D 299 9.19 28.96 -27.22
CA ARG D 299 10.28 29.78 -26.64
C ARG D 299 11.55 28.93 -26.53
N VAL D 300 11.42 27.68 -26.11
CA VAL D 300 12.58 26.77 -25.87
C VAL D 300 13.25 26.48 -27.22
N ARG D 301 12.46 26.22 -28.26
CA ARG D 301 13.00 25.87 -29.60
C ARG D 301 13.75 27.08 -30.15
N VAL D 302 13.06 28.22 -30.31
CA VAL D 302 13.58 29.50 -30.90
C VAL D 302 14.90 29.88 -30.20
N ALA D 303 14.88 29.80 -28.86
CA ALA D 303 15.98 30.25 -27.98
C ALA D 303 17.22 29.40 -28.25
N CYS D 304 17.03 28.09 -28.45
CA CYS D 304 18.12 27.13 -28.76
C CYS D 304 18.82 27.53 -30.06
N ALA D 305 18.04 27.83 -31.10
CA ALA D 305 18.55 28.30 -32.41
C ALA D 305 19.29 29.64 -32.21
N ALA D 306 18.66 30.59 -31.49
CA ALA D 306 19.21 31.94 -31.22
C ALA D 306 20.52 31.80 -30.44
N GLN D 307 20.57 30.91 -29.45
CA GLN D 307 21.79 30.63 -28.64
C GLN D 307 22.89 30.12 -29.56
N GLN D 308 22.55 29.25 -30.52
CA GLN D 308 23.53 28.61 -31.44
C GLN D 308 24.19 29.69 -32.29
N VAL D 309 23.37 30.64 -32.81
CA VAL D 309 23.82 31.77 -33.68
C VAL D 309 24.93 32.54 -32.96
N ILE D 310 24.65 32.98 -31.71
CA ILE D 310 25.61 33.70 -30.84
C ILE D 310 26.89 32.87 -30.80
N GLU D 311 26.74 31.57 -30.54
CA GLU D 311 27.89 30.65 -30.29
C GLU D 311 28.68 30.47 -31.59
N ALA D 312 27.97 30.38 -32.72
CA ALA D 312 28.53 30.10 -34.06
C ALA D 312 29.28 31.32 -34.58
N VAL D 313 28.61 32.49 -34.63
CA VAL D 313 29.16 33.75 -35.20
C VAL D 313 30.37 34.20 -34.38
N THR D 314 30.28 34.20 -33.04
CA THR D 314 31.38 34.66 -32.13
C THR D 314 32.60 33.76 -32.29
N ALA D 315 32.38 32.44 -32.36
CA ALA D 315 33.40 31.41 -32.69
C ALA D 315 34.01 31.73 -34.05
N HIS D 316 33.16 31.97 -35.06
CA HIS D 316 33.57 32.44 -36.40
C HIS D 316 34.52 33.63 -36.27
N GLN D 317 34.06 34.71 -35.62
CA GLN D 317 34.86 35.95 -35.38
C GLN D 317 36.23 35.55 -34.82
N LEU D 318 36.23 34.76 -33.75
CA LEU D 318 37.43 34.59 -32.90
C LEU D 318 38.45 33.67 -33.60
N ARG D 319 38.02 32.75 -34.47
CA ARG D 319 38.95 31.88 -35.25
C ARG D 319 39.87 32.77 -36.09
N ALA D 320 39.29 33.64 -36.92
CA ALA D 320 39.98 34.69 -37.70
C ALA D 320 40.94 35.52 -36.83
N LEU D 321 40.57 35.88 -35.60
CA LEU D 321 41.40 36.79 -34.77
C LEU D 321 42.67 36.06 -34.32
N ALA D 322 42.61 34.73 -34.21
CA ALA D 322 43.77 33.85 -33.91
C ALA D 322 44.67 33.78 -35.15
N GLU D 323 44.03 33.89 -36.33
CA GLU D 323 44.63 33.81 -37.68
C GLU D 323 45.28 35.16 -38.04
N ALA D 324 44.94 36.23 -37.30
CA ALA D 324 45.33 37.64 -37.58
C ALA D 324 46.28 38.19 -36.51
N THR D 325 46.51 37.44 -35.44
CA THR D 325 47.58 37.69 -34.43
C THR D 325 47.89 36.36 -33.74
N GLU D 326 49.01 36.29 -33.02
CA GLU D 326 49.51 35.05 -32.38
C GLU D 326 49.16 35.09 -30.90
N LEU D 327 48.96 36.30 -30.36
CA LEU D 327 48.62 36.54 -28.94
C LEU D 327 47.45 35.63 -28.55
N ARG D 328 47.62 34.83 -27.50
CA ARG D 328 46.62 33.79 -27.14
C ARG D 328 45.78 34.25 -25.93
N ASP D 329 45.92 35.53 -25.54
CA ASP D 329 45.16 36.19 -24.44
C ASP D 329 44.12 37.16 -25.04
N LEU D 330 42.84 37.01 -24.68
CA LEU D 330 41.68 37.72 -25.30
C LEU D 330 40.96 38.58 -24.25
N ILE D 331 40.45 39.75 -24.67
CA ILE D 331 39.51 40.60 -23.89
C ILE D 331 38.19 40.68 -24.67
N PHE D 332 37.15 40.01 -24.17
CA PHE D 332 35.78 40.07 -24.73
C PHE D 332 35.01 41.06 -23.85
N GLU D 333 34.38 42.04 -24.46
CA GLU D 333 33.61 43.11 -23.79
C GLU D 333 32.50 43.52 -24.74
N GLY D 334 31.59 44.37 -24.26
CA GLY D 334 30.32 44.69 -24.94
C GLY D 334 29.25 43.70 -24.51
N GLY D 335 28.00 44.01 -24.85
CA GLY D 335 26.81 43.35 -24.31
C GLY D 335 26.75 41.88 -24.63
N LEU D 336 27.31 41.46 -25.78
CA LEU D 336 27.28 40.04 -26.18
C LEU D 336 28.11 39.19 -25.19
N ALA D 337 28.99 39.82 -24.42
CA ALA D 337 29.74 39.16 -23.32
C ALA D 337 28.85 38.99 -22.08
N LEU D 338 27.59 39.47 -22.13
CA LEU D 338 26.59 39.18 -21.07
C LEU D 338 26.20 37.71 -21.17
N ASN D 339 26.49 37.05 -22.30
CA ASN D 339 26.18 35.62 -22.54
C ASN D 339 27.32 34.77 -21.96
N CYS D 340 27.22 34.43 -20.68
CA CYS D 340 28.26 33.69 -19.90
C CYS D 340 28.38 32.26 -20.44
N VAL D 341 27.28 31.66 -20.90
CA VAL D 341 27.27 30.26 -21.44
C VAL D 341 28.23 30.18 -22.65
N ASN D 342 28.12 31.13 -23.57
CA ASN D 342 29.01 31.27 -24.77
C ASN D 342 30.44 31.65 -24.34
N ASN D 343 30.60 32.52 -23.33
CA ASN D 343 31.92 32.97 -22.82
C ASN D 343 32.77 31.75 -22.49
N THR D 344 32.28 30.87 -21.61
CA THR D 344 32.93 29.59 -21.24
C THR D 344 33.20 28.74 -22.49
N LYS D 345 32.24 28.70 -23.40
CA LYS D 345 32.33 27.90 -24.66
C LYS D 345 33.52 28.40 -25.47
N LEU D 346 33.64 29.72 -25.66
CA LEU D 346 34.75 30.35 -26.44
C LEU D 346 36.09 29.99 -25.81
N LEU D 347 36.22 30.14 -24.50
CA LEU D 347 37.49 29.85 -23.78
C LEU D 347 37.95 28.43 -24.16
N GLU D 348 37.05 27.46 -24.00
CA GLU D 348 37.35 26.00 -24.06
C GLU D 348 37.51 25.51 -25.51
N GLU D 349 36.54 25.84 -26.38
CA GLU D 349 36.42 25.31 -27.77
C GLU D 349 37.23 26.16 -28.78
N LEU D 350 38.18 26.99 -28.35
CA LEU D 350 38.89 27.92 -29.28
C LEU D 350 40.29 28.23 -28.76
N PRO D 351 41.20 28.70 -29.65
CA PRO D 351 42.63 28.77 -29.37
C PRO D 351 43.05 29.64 -28.18
N PHE D 352 42.25 30.65 -27.82
CA PHE D 352 42.61 31.63 -26.78
C PHE D 352 42.68 30.89 -25.43
N THR D 353 43.90 30.81 -24.87
CA THR D 353 44.21 30.14 -23.58
C THR D 353 43.55 30.90 -22.42
N ARG D 354 43.32 32.20 -22.58
CA ARG D 354 42.61 33.04 -21.57
C ARG D 354 41.52 33.86 -22.26
N VAL D 355 40.38 34.02 -21.58
CA VAL D 355 39.24 34.90 -21.99
C VAL D 355 38.72 35.60 -20.72
N GLU D 356 38.94 36.91 -20.62
CA GLU D 356 38.53 37.76 -19.47
C GLU D 356 37.34 38.64 -19.90
N VAL D 357 36.22 38.53 -19.15
CA VAL D 357 34.98 39.34 -19.32
C VAL D 357 34.64 39.98 -17.98
N SER D 358 34.70 41.31 -17.89
CA SER D 358 34.54 42.12 -16.65
C SER D 358 33.04 42.27 -16.30
N PHE D 359 32.80 42.81 -15.11
CA PHE D 359 31.42 43.10 -14.65
C PHE D 359 30.91 44.31 -15.41
N GLY D 360 31.81 45.02 -16.08
CA GLY D 360 31.41 46.18 -16.89
C GLY D 360 31.42 45.83 -18.36
N ALA D 361 31.35 44.54 -18.67
CA ALA D 361 31.29 44.10 -20.08
C ALA D 361 30.07 44.76 -20.67
N SER D 362 29.09 45.11 -19.84
CA SER D 362 27.89 45.80 -20.34
C SER D 362 28.16 47.32 -20.41
N ASP D 363 27.16 48.09 -20.80
CA ASP D 363 27.39 49.54 -20.97
C ASP D 363 27.69 50.19 -19.62
N PRO D 364 27.17 49.71 -18.50
CA PRO D 364 27.56 50.28 -17.21
C PRO D 364 29.07 50.49 -17.15
N GLY D 365 29.84 49.75 -17.93
CA GLY D 365 31.30 49.75 -17.91
C GLY D 365 31.92 50.84 -18.75
N VAL D 366 31.16 51.52 -19.61
CA VAL D 366 31.71 52.57 -20.54
C VAL D 366 31.96 53.88 -19.77
N SER D 367 31.12 54.19 -18.79
CA SER D 367 31.31 55.29 -17.81
C SER D 367 32.73 55.20 -17.22
N ILE D 368 33.14 54.03 -16.73
CA ILE D 368 34.53 53.74 -16.27
C ILE D 368 35.47 53.80 -17.47
N GLY D 369 35.13 53.04 -18.52
CA GLY D 369 35.93 52.89 -19.75
C GLY D 369 36.48 54.21 -20.24
N ALA D 370 35.60 55.18 -20.47
CA ALA D 370 35.92 56.54 -20.97
C ALA D 370 37.06 57.16 -20.16
N ALA D 371 36.93 57.15 -18.84
CA ALA D 371 37.90 57.77 -17.92
C ALA D 371 39.27 57.10 -18.07
N ALA D 372 39.32 55.77 -18.09
CA ALA D 372 40.59 55.00 -18.22
C ALA D 372 41.20 55.31 -19.59
N HIS D 373 40.36 55.36 -20.63
CA HIS D 373 40.76 55.67 -22.02
C HIS D 373 41.51 57.00 -22.04
N VAL D 374 40.91 58.04 -21.45
CA VAL D 374 41.52 59.38 -21.26
C VAL D 374 42.81 59.24 -20.43
N ALA D 375 42.76 58.63 -19.24
CA ALA D 375 43.93 58.46 -18.35
C ALA D 375 45.12 57.93 -19.16
N ARG D 376 45.03 56.71 -19.70
CA ARG D 376 46.12 56.06 -20.49
C ARG D 376 46.70 57.04 -21.53
N GLU D 377 45.86 57.83 -22.21
CA GLU D 377 46.26 58.75 -23.31
C GLU D 377 46.83 60.06 -22.71
N LYS D 378 46.68 60.28 -21.40
CA LYS D 378 47.32 61.38 -20.61
C LYS D 378 48.47 60.80 -19.75
N SER D 379 49.00 59.65 -20.17
CA SER D 379 50.16 59.05 -19.49
C SER D 379 49.86 58.87 -18.00
N VAL D 380 48.58 58.97 -17.62
CA VAL D 380 48.23 58.73 -16.19
C VAL D 380 48.38 57.23 -15.95
N ALA D 381 49.20 56.86 -14.97
CA ALA D 381 49.44 55.43 -14.67
C ALA D 381 48.25 54.88 -13.91
N LEU D 382 47.49 53.98 -14.54
CA LEU D 382 46.32 53.37 -13.88
C LEU D 382 46.82 52.28 -12.92
N THR D 383 46.38 52.33 -11.67
CA THR D 383 46.81 51.33 -10.66
C THR D 383 46.05 50.03 -10.91
N PRO D 384 46.70 48.85 -11.00
CA PRO D 384 46.00 47.62 -11.34
C PRO D 384 45.03 47.29 -10.20
N THR D 385 43.74 47.18 -10.54
CA THR D 385 42.61 46.99 -9.60
C THR D 385 41.65 45.94 -10.18
N GLU D 386 40.98 45.17 -9.32
CA GLU D 386 40.00 44.13 -9.75
C GLU D 386 38.65 44.30 -9.06
N SER D 387 38.43 45.35 -8.25
CA SER D 387 37.28 45.44 -7.31
C SER D 387 36.05 46.00 -8.01
N PRO D 388 34.93 45.27 -7.97
CA PRO D 388 33.64 45.78 -8.45
C PRO D 388 32.93 46.67 -7.42
N TYR D 389 33.40 46.66 -6.17
CA TYR D 389 32.71 47.26 -5.01
C TYR D 389 33.09 48.74 -4.93
N LEU D 390 32.62 49.54 -5.89
CA LEU D 390 33.09 50.94 -6.13
C LEU D 390 31.97 51.91 -5.80
N GLY D 391 30.92 51.45 -5.10
CA GLY D 391 29.69 52.22 -4.87
C GLY D 391 29.54 52.68 -3.42
N PRO D 392 28.40 53.32 -3.06
CA PRO D 392 28.16 53.76 -1.69
C PRO D 392 28.24 52.62 -0.67
N GLU D 393 28.66 53.02 0.53
CA GLU D 393 28.95 52.18 1.71
C GLU D 393 28.34 52.90 2.91
N PHE D 394 27.83 52.17 3.91
CA PHE D 394 26.96 52.76 4.96
C PHE D 394 27.51 52.44 6.34
N GLY D 395 27.76 53.49 7.12
CA GLY D 395 28.33 53.38 8.48
C GLY D 395 27.39 52.67 9.44
N GLU D 396 27.91 52.28 10.60
CA GLU D 396 27.13 51.74 11.76
C GLU D 396 26.08 52.78 12.17
N ASP D 397 26.47 54.07 12.17
CA ASP D 397 25.61 55.23 12.52
C ASP D 397 24.45 55.34 11.53
N GLU D 398 24.75 55.28 10.22
CA GLU D 398 23.78 55.47 9.10
C GLU D 398 22.73 54.36 9.14
N ILE D 399 23.15 53.09 9.32
CA ILE D 399 22.27 51.89 9.29
C ILE D 399 21.25 51.94 10.44
N ARG D 400 21.63 52.43 11.63
CA ARG D 400 20.76 52.44 12.85
C ARG D 400 19.60 53.44 12.68
N ALA D 401 19.89 54.66 12.20
CA ALA D 401 18.89 55.70 11.86
C ALA D 401 17.79 55.10 10.99
N THR D 402 18.17 54.46 9.87
CA THR D 402 17.23 53.78 8.93
C THR D 402 16.30 52.84 9.72
N LEU D 403 16.88 51.97 10.54
CA LEU D 403 16.12 50.91 11.26
C LEU D 403 15.13 51.55 12.25
N GLU D 404 15.54 52.64 12.90
CA GLU D 404 14.69 53.36 13.89
C GLU D 404 13.49 54.01 13.18
N GLU D 405 13.54 54.22 11.86
CA GLU D 405 12.37 54.74 11.11
C GLU D 405 11.33 53.62 10.93
N TYR D 406 11.75 52.35 10.95
CA TYR D 406 10.88 51.18 10.64
C TYR D 406 10.58 50.35 11.91
N THR D 407 10.68 50.93 13.12
CA THR D 407 10.56 50.22 14.43
C THR D 407 9.19 49.55 14.56
N SER D 408 8.15 50.10 13.93
CA SER D 408 6.78 49.53 13.94
C SER D 408 6.72 48.21 13.16
N SER D 409 7.68 47.95 12.25
CA SER D 409 7.69 46.78 11.32
C SER D 409 8.81 45.76 11.61
N VAL D 410 9.95 46.18 12.20
CA VAL D 410 11.13 45.29 12.46
C VAL D 410 11.75 45.55 13.85
N THR D 411 12.29 44.48 14.44
CA THR D 411 13.30 44.48 15.53
C THR D 411 14.68 44.35 14.88
N TRP D 412 15.76 44.44 15.66
CA TRP D 412 17.16 44.44 15.16
C TRP D 412 18.13 44.38 16.34
N GLU D 413 19.15 43.52 16.30
CA GLU D 413 20.16 43.42 17.40
C GLU D 413 21.55 43.67 16.81
N GLN D 414 22.18 44.82 17.11
CA GLN D 414 23.55 45.13 16.64
C GLN D 414 24.56 44.13 17.22
N LEU D 415 25.47 43.62 16.39
CA LEU D 415 26.36 42.49 16.76
C LEU D 415 27.83 42.91 16.74
N PRO D 416 28.68 42.25 17.56
CA PRO D 416 30.12 42.29 17.37
C PRO D 416 30.50 41.88 15.94
N SER D 417 31.29 42.73 15.27
CA SER D 417 31.63 42.67 13.82
C SER D 417 32.04 41.24 13.41
N ASP D 418 33.01 40.65 14.11
CA ASP D 418 33.64 39.36 13.72
C ASP D 418 32.83 38.21 14.33
N GLU D 419 31.57 38.46 14.67
CA GLU D 419 30.57 37.43 15.04
C GLU D 419 29.38 37.50 14.08
N VAL D 420 29.26 38.59 13.30
CA VAL D 420 28.19 38.74 12.28
C VAL D 420 28.20 37.47 11.42
N VAL D 421 29.39 37.06 11.00
CA VAL D 421 29.60 35.93 10.06
C VAL D 421 29.20 34.61 10.69
N GLY D 422 29.51 34.41 11.98
CA GLY D 422 29.10 33.21 12.75
C GLY D 422 27.58 33.06 12.79
N LYS D 423 26.91 34.09 13.28
CA LYS D 423 25.43 34.13 13.49
C LYS D 423 24.71 33.92 12.15
N THR D 424 25.24 34.49 11.06
CA THR D 424 24.67 34.38 9.68
C THR D 424 24.79 32.92 9.23
N ALA D 425 25.98 32.33 9.40
CA ALA D 425 26.26 30.92 9.05
C ALA D 425 25.20 30.03 9.73
N GLU D 426 24.87 30.33 10.99
CA GLU D 426 23.97 29.50 11.84
C GLU D 426 22.55 29.50 11.24
N LEU D 427 22.04 30.67 10.87
CA LEU D 427 20.70 30.84 10.24
C LEU D 427 20.68 30.07 8.91
N LEU D 428 21.78 30.11 8.16
CA LEU D 428 21.87 29.52 6.81
C LEU D 428 21.96 28.01 6.88
N THR D 429 22.11 27.44 8.08
CA THR D 429 22.15 25.97 8.24
C THR D 429 20.75 25.44 7.97
N GLY D 430 19.75 26.27 8.22
CA GLY D 430 18.36 25.85 8.00
C GLY D 430 17.88 26.26 6.63
N LYS D 431 16.62 25.98 6.35
CA LYS D 431 16.06 26.42 5.06
C LYS D 431 15.67 27.89 5.16
N THR D 432 16.64 28.77 5.42
CA THR D 432 16.32 30.19 5.64
C THR D 432 16.77 31.06 4.47
N VAL D 433 15.95 32.05 4.09
CA VAL D 433 16.35 33.01 3.01
C VAL D 433 16.80 34.31 3.69
N ILE D 434 18.03 34.75 3.44
CA ILE D 434 18.67 35.90 4.14
C ILE D 434 19.02 37.00 3.14
N GLY D 435 18.76 38.25 3.52
CA GLY D 435 19.29 39.44 2.84
C GLY D 435 20.66 39.77 3.38
N TRP D 436 21.62 40.04 2.50
CA TRP D 436 23.04 40.31 2.83
C TRP D 436 23.46 41.66 2.27
N PHE D 437 23.68 42.65 3.12
CA PHE D 437 24.01 44.05 2.72
C PHE D 437 25.30 44.42 3.45
N GLN D 438 26.41 44.52 2.71
CA GLN D 438 27.75 44.78 3.29
C GLN D 438 28.53 45.67 2.32
N GLY D 439 29.46 46.45 2.85
CA GLY D 439 30.55 47.06 2.08
C GLY D 439 30.03 48.03 1.04
N ARG D 440 30.76 48.18 -0.05
CA ARG D 440 30.43 49.16 -1.12
C ARG D 440 29.51 48.46 -2.11
N THR D 441 28.50 49.18 -2.62
CA THR D 441 27.57 48.70 -3.69
C THR D 441 28.41 48.15 -4.85
N GLU D 442 28.32 46.86 -5.14
CA GLU D 442 28.93 46.28 -6.35
C GLU D 442 28.45 47.06 -7.58
N TYR D 443 29.30 47.14 -8.59
CA TYR D 443 29.03 47.75 -9.91
C TYR D 443 28.68 46.63 -10.89
N GLY D 444 27.97 46.95 -11.98
CA GLY D 444 27.59 45.98 -13.02
C GLY D 444 26.26 45.28 -12.73
N PRO D 445 25.70 44.54 -13.70
CA PRO D 445 24.33 44.05 -13.59
C PRO D 445 24.12 42.95 -12.55
N ARG D 446 25.19 42.24 -12.13
CA ARG D 446 25.04 41.04 -11.25
C ARG D 446 25.61 41.34 -9.85
N ALA D 447 24.84 40.97 -8.82
CA ALA D 447 25.15 41.08 -7.39
C ALA D 447 26.29 40.13 -7.05
N LEU D 448 27.36 40.63 -6.42
CA LEU D 448 28.56 39.83 -6.07
C LEU D 448 28.78 39.89 -4.55
N GLY D 449 27.70 39.69 -3.79
CA GLY D 449 27.73 39.41 -2.34
C GLY D 449 27.95 40.63 -1.46
N ASN D 450 27.67 41.84 -1.97
CA ASN D 450 27.59 43.07 -1.13
C ASN D 450 26.13 43.56 -1.10
N ARG D 451 25.31 43.23 -2.10
CA ARG D 451 23.84 43.55 -2.14
C ARG D 451 23.06 42.34 -2.67
N SER D 452 22.98 41.26 -1.89
CA SER D 452 22.57 39.90 -2.32
C SER D 452 21.46 39.35 -1.45
N ILE D 453 20.83 38.27 -1.90
CA ILE D 453 19.96 37.38 -1.09
C ILE D 453 20.59 35.98 -1.10
N LEU D 454 21.09 35.54 0.05
CA LEU D 454 21.82 34.25 0.20
C LEU D 454 20.85 33.19 0.72
N ALA D 455 21.14 31.94 0.43
CA ALA D 455 20.47 30.80 1.09
C ALA D 455 21.32 29.54 0.89
N ASN D 456 21.06 28.53 1.74
CA ASN D 456 21.64 27.16 1.65
C ASN D 456 21.17 26.52 0.35
N PRO D 457 22.07 26.02 -0.54
CA PRO D 457 21.64 25.34 -1.76
C PRO D 457 21.44 23.82 -1.63
N SER D 458 21.62 23.26 -0.43
CA SER D 458 21.81 21.80 -0.21
C SER D 458 20.46 21.08 -0.13
N TYR D 459 19.41 21.77 0.34
CA TYR D 459 18.01 21.28 0.33
C TYR D 459 17.49 21.24 -1.11
N ALA D 460 16.68 20.23 -1.42
CA ALA D 460 16.16 19.95 -2.79
C ALA D 460 15.07 20.95 -3.15
N ASP D 461 14.40 21.55 -2.18
CA ASP D 461 13.22 22.43 -2.42
C ASP D 461 13.63 23.91 -2.42
N MET D 462 14.92 24.22 -2.22
CA MET D 462 15.34 25.62 -1.95
C MET D 462 15.11 26.51 -3.17
N LYS D 463 15.31 26.02 -4.40
CA LYS D 463 14.92 26.76 -5.63
C LYS D 463 13.52 27.35 -5.42
N ASP D 464 12.59 26.47 -5.05
CA ASP D 464 11.15 26.77 -4.91
C ASP D 464 10.95 27.67 -3.69
N VAL D 465 11.59 27.31 -2.58
CA VAL D 465 11.51 28.06 -1.28
C VAL D 465 11.96 29.51 -1.50
N ILE D 466 13.07 29.74 -2.22
CA ILE D 466 13.62 31.10 -2.50
C ILE D 466 12.58 31.94 -3.26
N ASN D 467 12.05 31.39 -4.34
CA ASN D 467 10.99 32.06 -5.15
C ASN D 467 9.70 32.22 -4.32
N ASN D 468 9.50 31.43 -3.28
CA ASN D 468 8.29 31.55 -2.45
C ASN D 468 8.51 32.66 -1.41
N ARG D 469 9.73 32.75 -0.88
CA ARG D 469 10.06 33.79 0.12
C ARG D 469 10.11 35.17 -0.55
N VAL D 470 10.67 35.27 -1.75
CA VAL D 470 10.64 36.56 -2.49
C VAL D 470 9.37 36.57 -3.35
N LYS D 471 8.38 37.40 -3.02
CA LYS D 471 7.08 37.38 -3.77
C LYS D 471 7.31 37.89 -5.17
N HIS D 472 8.43 38.54 -5.37
CA HIS D 472 8.55 39.21 -6.68
C HIS D 472 9.85 38.92 -7.40
N ARG D 473 10.28 37.65 -7.43
CA ARG D 473 11.44 37.45 -8.33
C ARG D 473 10.93 37.39 -9.77
N GLU D 474 11.82 37.61 -10.72
CA GLU D 474 11.49 37.49 -12.17
C GLU D 474 11.63 36.02 -12.54
N PRO D 475 10.83 35.53 -13.51
CA PRO D 475 10.98 34.16 -13.99
C PRO D 475 12.17 33.97 -14.95
N PHE D 476 12.51 32.70 -15.24
CA PHE D 476 13.47 32.28 -16.28
C PHE D 476 14.91 32.67 -15.93
N ARG D 477 15.15 33.19 -14.72
CA ARG D 477 16.51 33.56 -14.20
C ARG D 477 17.00 32.45 -13.29
N PRO D 478 17.89 31.53 -13.74
CA PRO D 478 18.50 30.55 -12.83
C PRO D 478 19.31 31.22 -11.71
N PHE D 479 19.41 30.55 -10.56
CA PHE D 479 20.20 30.97 -9.37
C PHE D 479 21.66 30.58 -9.58
N ALA D 480 22.57 31.36 -9.01
CA ALA D 480 24.03 31.26 -9.25
C ALA D 480 24.74 31.23 -7.90
N PRO D 481 25.84 30.46 -7.74
CA PRO D 481 26.55 30.36 -6.46
C PRO D 481 27.82 31.19 -6.22
N ILE D 482 28.16 31.28 -4.95
CA ILE D 482 29.39 31.92 -4.42
C ILE D 482 30.21 30.73 -3.91
N VAL D 483 31.53 30.78 -4.07
CA VAL D 483 32.42 29.62 -3.78
C VAL D 483 33.83 30.14 -3.60
N LEU D 484 34.56 29.62 -2.63
CA LEU D 484 35.98 30.02 -2.43
C LEU D 484 36.77 29.50 -3.62
N GLU D 485 37.70 30.29 -4.15
CA GLU D 485 38.63 29.85 -5.22
C GLU D 485 39.21 28.49 -4.81
N GLU D 486 39.56 28.33 -3.53
CA GLU D 486 40.03 27.06 -2.89
C GLU D 486 39.24 25.87 -3.39
N ASN D 487 37.91 26.00 -3.43
CA ASN D 487 36.98 24.88 -3.71
C ASN D 487 36.51 24.90 -5.18
N ALA D 488 36.92 25.89 -5.98
CA ALA D 488 36.35 26.11 -7.34
C ALA D 488 36.50 24.83 -8.18
N ALA D 489 37.73 24.31 -8.27
CA ALA D 489 38.10 23.16 -9.12
C ALA D 489 37.47 21.86 -8.59
N ARG D 490 37.30 21.77 -7.27
CA ARG D 490 36.78 20.56 -6.57
C ARG D 490 35.29 20.35 -6.85
N VAL D 491 34.52 21.44 -7.02
CA VAL D 491 33.02 21.45 -7.12
C VAL D 491 32.57 21.65 -8.57
N PHE D 492 33.40 22.29 -9.42
CA PHE D 492 33.04 22.71 -10.80
C PHE D 492 34.07 22.22 -11.83
N GLU D 493 33.61 21.93 -13.06
CA GLU D 493 34.47 21.71 -14.25
C GLU D 493 34.98 23.07 -14.74
N MET D 494 36.05 23.58 -14.14
CA MET D 494 36.70 24.89 -14.45
C MET D 494 37.26 24.89 -15.88
N GLY D 495 37.76 23.74 -16.32
CA GLY D 495 38.56 23.64 -17.54
C GLY D 495 39.78 24.52 -17.41
N ARG D 496 39.91 25.51 -18.29
CA ARG D 496 41.07 26.43 -18.32
C ARG D 496 41.03 27.35 -17.09
N LYS D 497 39.84 27.84 -16.70
CA LYS D 497 39.66 28.92 -15.69
C LYS D 497 40.22 28.47 -14.34
N GLU D 498 40.82 29.39 -13.58
CA GLU D 498 41.33 29.14 -12.20
C GLU D 498 40.60 30.04 -11.19
N ARG D 499 39.84 31.03 -11.66
CA ARG D 499 38.88 31.84 -10.85
C ARG D 499 37.85 32.45 -11.78
N SER D 500 36.81 33.06 -11.21
CA SER D 500 35.67 33.67 -11.93
C SER D 500 34.93 34.53 -10.90
N PRO D 501 35.56 35.64 -10.47
CA PRO D 501 35.02 36.46 -9.37
C PRO D 501 33.86 37.41 -9.68
N TYR D 502 33.36 37.42 -10.92
CA TYR D 502 32.42 38.43 -11.47
C TYR D 502 31.12 37.82 -12.03
N MET D 503 30.96 36.50 -11.99
CA MET D 503 29.78 35.77 -12.55
C MET D 503 29.63 36.12 -14.05
N THR D 504 30.73 36.18 -14.81
CA THR D 504 30.71 36.36 -16.28
C THR D 504 30.98 35.03 -17.01
N PHE D 505 31.12 33.91 -16.28
CA PHE D 505 31.38 32.56 -16.85
C PHE D 505 30.50 31.52 -16.14
N VAL D 506 29.90 30.59 -16.91
CA VAL D 506 29.17 29.40 -16.39
C VAL D 506 30.12 28.20 -16.38
N PHE D 507 29.85 27.24 -15.50
CA PHE D 507 30.63 26.00 -15.36
C PHE D 507 29.68 24.83 -15.11
N PRO D 508 30.07 23.61 -15.53
CA PRO D 508 29.33 22.40 -15.16
C PRO D 508 29.58 22.09 -13.67
N VAL D 509 28.52 21.67 -13.00
CA VAL D 509 28.56 21.11 -11.62
C VAL D 509 29.14 19.69 -11.70
N ARG D 510 30.25 19.42 -11.01
CA ARG D 510 30.82 18.06 -10.91
C ARG D 510 29.85 17.20 -10.13
N PRO D 511 29.77 15.88 -10.40
CA PRO D 511 28.70 15.04 -9.88
C PRO D 511 28.84 14.86 -8.36
N GLU D 512 30.08 14.84 -7.87
CA GLU D 512 30.40 14.66 -6.43
C GLU D 512 29.62 15.69 -5.59
N TYR D 513 29.14 16.79 -6.20
CA TYR D 513 28.49 17.93 -5.47
C TYR D 513 27.11 18.27 -6.04
N THR D 514 26.53 17.42 -6.87
CA THR D 514 25.27 17.74 -7.60
C THR D 514 24.22 18.22 -6.59
N GLU D 515 23.75 17.34 -5.70
CA GLU D 515 22.63 17.67 -4.76
C GLU D 515 23.16 18.57 -3.64
N LYS D 516 24.46 18.55 -3.35
CA LYS D 516 25.05 19.41 -2.30
C LYS D 516 24.83 20.88 -2.68
N ILE D 517 24.96 21.22 -3.98
CA ILE D 517 24.78 22.62 -4.52
C ILE D 517 23.70 22.66 -5.61
N ALA D 518 22.61 21.90 -5.42
CA ALA D 518 21.55 21.63 -6.42
C ALA D 518 20.84 22.93 -6.83
N ALA D 519 20.55 23.82 -5.88
CA ALA D 519 19.65 24.98 -6.10
C ALA D 519 20.42 26.07 -6.83
N ALA D 520 21.75 26.04 -6.80
CA ALA D 520 22.65 26.98 -7.52
C ALA D 520 23.05 26.40 -8.87
N THR D 521 22.30 25.38 -9.34
CA THR D 521 22.49 24.65 -10.61
C THR D 521 21.31 24.91 -11.54
N HIS D 522 21.57 25.22 -12.81
CA HIS D 522 20.56 25.25 -13.91
C HIS D 522 20.32 23.82 -14.43
N VAL D 523 19.17 23.61 -15.07
CA VAL D 523 18.70 22.28 -15.58
C VAL D 523 19.74 21.64 -16.54
N ASP D 524 20.74 22.39 -17.01
CA ASP D 524 21.80 21.89 -17.94
C ASP D 524 23.04 21.50 -17.14
N ALA D 525 22.89 21.27 -15.83
CA ALA D 525 23.96 20.96 -14.86
C ALA D 525 24.99 22.09 -14.81
N THR D 526 24.61 23.33 -15.13
CA THR D 526 25.53 24.50 -15.13
C THR D 526 25.27 25.42 -13.93
N SER D 527 26.30 26.17 -13.53
CA SER D 527 26.26 27.23 -12.48
C SER D 527 27.05 28.45 -12.96
N ARG D 528 26.49 29.65 -12.82
CA ARG D 528 27.20 30.93 -13.08
C ARG D 528 27.88 31.40 -11.79
N ILE D 529 29.10 30.95 -11.54
CA ILE D 529 29.72 31.02 -10.20
C ILE D 529 30.43 32.36 -10.00
N GLN D 530 30.47 32.79 -8.74
CA GLN D 530 31.34 33.88 -8.21
C GLN D 530 32.39 33.28 -7.27
N THR D 531 33.64 33.15 -7.72
CA THR D 531 34.75 32.70 -6.86
C THR D 531 35.01 33.81 -5.84
N VAL D 532 35.37 33.46 -4.61
CA VAL D 532 35.57 34.41 -3.47
C VAL D 532 36.84 34.02 -2.70
N THR D 533 37.87 34.85 -2.82
CA THR D 533 39.13 34.81 -2.03
C THR D 533 38.94 35.68 -0.78
N GLU D 534 39.94 35.67 0.11
CA GLU D 534 39.99 36.53 1.32
C GLU D 534 40.15 37.99 0.91
N ASP D 535 40.85 38.26 -0.19
CA ASP D 535 41.24 39.65 -0.56
C ASP D 535 40.08 40.27 -1.37
N SER D 536 39.35 39.49 -2.18
CA SER D 536 38.25 40.01 -3.05
C SER D 536 37.08 40.51 -2.19
N ASN D 537 36.63 39.72 -1.22
CA ASN D 537 35.59 40.14 -0.25
C ASN D 537 35.80 39.40 1.06
N PRO D 538 36.47 40.02 2.06
CA PRO D 538 36.87 39.30 3.27
C PRO D 538 35.70 38.78 4.12
N ARG D 539 34.66 39.60 4.28
CA ARG D 539 33.39 39.21 4.98
C ARG D 539 32.80 37.96 4.32
N LEU D 540 32.66 37.99 3.00
CA LEU D 540 31.98 36.92 2.22
C LEU D 540 32.76 35.62 2.41
N ALA D 541 34.09 35.70 2.34
CA ALA D 541 35.02 34.56 2.51
C ALA D 541 34.82 33.94 3.91
N ALA D 542 34.78 34.76 4.96
CA ALA D 542 34.53 34.36 6.37
C ALA D 542 33.18 33.64 6.46
N LEU D 543 32.11 34.26 5.92
CA LEU D 543 30.73 33.69 5.92
C LEU D 543 30.81 32.26 5.40
N LEU D 544 31.39 32.09 4.22
CA LEU D 544 31.52 30.77 3.55
C LEU D 544 32.23 29.80 4.49
N ARG D 545 33.42 30.16 4.97
CA ARG D 545 34.27 29.26 5.79
C ARG D 545 33.44 28.79 6.99
N GLU D 546 32.83 29.75 7.70
CA GLU D 546 31.98 29.49 8.90
C GLU D 546 30.77 28.66 8.45
N PHE D 547 30.23 28.94 7.26
CA PHE D 547 29.04 28.26 6.67
C PHE D 547 29.36 26.82 6.26
N THR D 548 30.50 26.59 5.60
CA THR D 548 30.95 25.24 5.16
C THR D 548 31.46 24.45 6.38
N SER D 549 32.08 25.14 7.32
CA SER D 549 32.57 24.53 8.60
C SER D 549 31.39 24.01 9.41
N ARG D 550 30.19 24.56 9.27
CA ARG D 550 28.99 24.14 10.04
C ARG D 550 28.10 23.16 9.25
N THR D 551 28.16 23.16 7.91
CA THR D 551 27.24 22.40 7.02
C THR D 551 27.97 21.38 6.13
N ASP D 552 29.27 21.56 5.87
CA ASP D 552 30.04 20.69 4.94
C ASP D 552 29.47 20.89 3.52
N VAL D 553 28.94 22.09 3.27
CA VAL D 553 28.36 22.55 1.97
C VAL D 553 29.21 23.70 1.46
N PRO D 554 29.81 23.58 0.27
CA PRO D 554 30.86 24.50 -0.17
C PRO D 554 30.39 25.87 -0.68
N CYS D 555 29.10 25.97 -1.04
CA CYS D 555 28.55 27.16 -1.75
C CYS D 555 27.32 27.70 -1.03
N LEU D 556 26.95 28.92 -1.39
CA LEU D 556 25.64 29.53 -1.07
C LEU D 556 25.03 30.04 -2.37
N VAL D 557 23.69 30.13 -2.41
CA VAL D 557 22.96 30.87 -3.46
C VAL D 557 23.31 32.35 -3.30
N ASN D 558 23.57 33.06 -4.40
CA ASN D 558 23.78 34.53 -4.46
C ASN D 558 22.86 35.12 -5.54
N THR D 559 21.74 35.72 -5.13
CA THR D 559 20.74 36.35 -6.01
C THR D 559 20.66 37.85 -5.72
N SER D 560 20.45 38.68 -6.74
CA SER D 560 20.34 40.14 -6.55
C SER D 560 19.30 40.51 -5.49
N PHE D 561 19.64 41.42 -4.57
CA PHE D 561 18.69 41.90 -3.55
C PHE D 561 17.75 42.90 -4.22
N ASN D 562 16.60 42.43 -4.68
CA ASN D 562 15.68 43.34 -5.40
C ASN D 562 14.39 42.63 -5.81
N VAL D 563 13.26 43.33 -5.71
CA VAL D 563 11.98 42.80 -6.27
C VAL D 563 12.06 42.89 -7.81
N ALA D 564 11.07 42.36 -8.52
CA ALA D 564 11.03 42.33 -10.01
C ALA D 564 10.99 43.76 -10.56
N GLY D 565 11.86 44.07 -11.54
CA GLY D 565 11.88 45.35 -12.26
C GLY D 565 12.58 46.47 -11.51
N GLU D 566 12.81 46.29 -10.20
CA GLU D 566 13.65 47.17 -9.35
C GLU D 566 15.13 46.89 -9.65
N PRO D 567 16.01 47.90 -9.67
CA PRO D 567 17.44 47.62 -9.73
C PRO D 567 17.95 47.16 -8.36
N ILE D 568 19.19 46.68 -8.30
CA ILE D 568 19.80 46.16 -7.03
C ILE D 568 19.69 47.28 -5.97
N VAL D 569 19.32 46.93 -4.73
CA VAL D 569 19.24 47.91 -3.59
C VAL D 569 20.64 48.51 -3.36
N CYS D 570 20.70 49.85 -3.27
CA CYS D 570 21.94 50.65 -3.01
C CYS D 570 21.96 51.07 -1.54
N SER D 571 20.89 51.72 -1.06
CA SER D 571 20.80 52.33 0.30
C SER D 571 20.16 51.39 1.32
N PRO D 572 20.47 51.57 2.63
CA PRO D 572 19.79 50.84 3.70
C PRO D 572 18.26 50.93 3.59
N LYS D 573 17.72 52.10 3.26
CA LYS D 573 16.26 52.28 3.02
C LYS D 573 15.83 51.34 1.90
N ASP D 574 16.60 51.30 0.81
CA ASP D 574 16.32 50.41 -0.33
C ASP D 574 16.26 48.96 0.18
N ALA D 575 17.15 48.57 1.10
CA ALA D 575 17.25 47.17 1.58
C ALA D 575 16.06 46.80 2.46
N VAL D 576 15.72 47.65 3.43
CA VAL D 576 14.65 47.36 4.44
C VAL D 576 13.29 47.29 3.72
N GLU D 577 13.04 48.24 2.81
CA GLU D 577 11.80 48.30 1.99
C GLU D 577 11.69 46.99 1.19
N CYS D 578 12.78 46.56 0.54
CA CYS D 578 12.81 45.34 -0.30
C CYS D 578 12.73 44.12 0.62
N PHE D 579 13.05 44.29 1.91
CA PHE D 579 12.94 43.23 2.94
C PHE D 579 11.48 43.06 3.31
N LEU D 580 10.81 44.15 3.70
CA LEU D 580 9.38 44.17 4.10
C LEU D 580 8.51 43.84 2.89
N GLY D 581 8.93 44.26 1.69
CA GLY D 581 8.21 44.03 0.41
C GLY D 581 8.33 42.60 -0.10
N THR D 582 9.08 41.75 0.61
CA THR D 582 9.26 40.30 0.32
C THR D 582 8.97 39.52 1.61
N ASP D 583 8.95 38.19 1.56
CA ASP D 583 8.83 37.31 2.75
C ASP D 583 10.20 36.72 3.08
N ILE D 584 11.28 37.43 2.73
CA ILE D 584 12.66 37.10 3.15
C ILE D 584 12.64 37.02 4.69
N ASP D 585 13.39 36.08 5.27
CA ASP D 585 13.24 35.72 6.71
C ASP D 585 13.92 36.76 7.60
N HIS D 586 15.23 36.89 7.46
CA HIS D 586 16.07 37.87 8.21
C HIS D 586 16.84 38.71 7.18
N LEU D 587 17.27 39.89 7.61
CA LEU D 587 18.17 40.79 6.86
C LEU D 587 19.42 41.01 7.72
N VAL D 588 20.59 40.66 7.19
CA VAL D 588 21.92 40.99 7.77
C VAL D 588 22.49 42.18 6.99
N ILE D 589 22.45 43.36 7.61
CA ILE D 589 22.90 44.65 7.02
C ILE D 589 23.94 45.29 7.96
N GLY D 590 25.17 45.44 7.48
CA GLY D 590 26.32 45.80 8.32
C GLY D 590 26.43 44.81 9.46
N ASP D 591 26.62 45.32 10.68
CA ASP D 591 26.74 44.51 11.93
C ASP D 591 25.34 44.24 12.53
N PHE D 592 24.25 44.52 11.80
CA PHE D 592 22.85 44.41 12.30
C PHE D 592 22.15 43.17 11.71
N LEU D 593 21.47 42.41 12.57
CA LEU D 593 20.55 41.31 12.23
C LEU D 593 19.11 41.82 12.46
N VAL D 594 18.45 42.25 11.38
CA VAL D 594 17.05 42.75 11.39
C VAL D 594 16.14 41.54 11.24
N SER D 595 15.03 41.52 11.99
CA SER D 595 13.95 40.51 11.94
C SER D 595 12.61 41.25 11.98
N LYS D 596 11.49 40.62 11.60
CA LYS D 596 10.19 41.31 11.39
C LYS D 596 9.25 41.06 12.57
N ARG D 597 8.32 41.99 12.79
CA ARG D 597 7.31 41.90 13.87
C ARG D 597 6.08 41.16 13.34
MG MG E . 22.20 -24.50 6.20
N1 CA0 F . 11.44 -19.77 11.68
C2 CA0 F . 12.60 -19.94 12.32
N3 CA0 F . 13.50 -20.92 12.21
C4 CA0 F . 13.10 -21.81 11.29
C5 CA0 F . 11.94 -21.78 10.54
C6 CA0 F . 11.08 -20.69 10.75
N6 CA0 F . 9.93 -20.53 10.11
N7 CA0 F . 11.88 -22.87 9.70
C8 CA0 F . 12.98 -23.55 9.94
N9 CA0 F . 13.76 -22.96 10.90
PA CA0 F . 19.15 -25.31 7.49
CB CA0 F . 21.32 -26.46 8.34
C1' CA0 F . 15.03 -23.42 11.42
O1A CA0 F . 17.96 -25.73 6.70
O1B CA0 F . 21.64 -26.97 9.39
C2' CA0 F . 15.16 -24.94 11.46
O2' CA0 F . 14.55 -25.50 12.61
O2A CA0 F . 19.94 -24.14 7.03
N2B CA0 F . 22.12 -25.72 7.57
C3' CA0 F . 16.67 -25.10 11.44
O3' CA0 F . 17.22 -24.94 12.74
O3A CA0 F . 20.11 -26.58 7.79
C4' CA0 F . 17.11 -23.96 10.51
O4' CA0 F . 16.04 -22.98 10.56
C5' CA0 F . 17.35 -24.34 9.07
O5' CA0 F . 18.62 -25.00 8.96
MG MG G . -17.01 -33.75 51.95
N1 CA0 H . -26.22 -41.25 48.00
C2 CA0 H . -25.77 -41.08 49.26
N3 CA0 H . -24.53 -40.93 49.70
C4 CA0 H . -23.66 -40.94 48.67
C5 CA0 H . -23.97 -41.09 47.34
C6 CA0 H . -25.32 -41.25 46.99
N6 CA0 H . -25.75 -41.41 45.74
N7 CA0 H . -22.80 -41.05 46.57
C8 CA0 H . -21.84 -40.89 47.45
N9 CA0 H . -22.30 -40.82 48.74
PA CA0 H . -17.93 -35.98 50.02
CB CA0 H . -16.06 -36.81 51.60
C1' CA0 H . -21.52 -40.65 49.95
O1A CA0 H . -18.10 -34.78 50.90
O1B CA0 H . -15.86 -37.86 52.18
C2' CA0 H . -20.33 -41.58 49.99
O2' CA0 H . -20.68 -42.84 50.51
O2A CA0 H . -18.08 -35.81 48.54
N2B CA0 H . -15.85 -35.60 52.11
C3' CA0 H . -19.34 -40.81 50.87
O3' CA0 H . -19.41 -41.24 52.23
O3A CA0 H . -16.55 -36.74 50.36
C4' CA0 H . -19.75 -39.34 50.73
O4' CA0 H . -20.98 -39.35 49.93
C5' CA0 H . -18.76 -38.44 50.06
O5' CA0 H . -19.00 -37.07 50.47
MG MG I . -19.89 14.96 -37.58
N1 CA0 J . -28.45 14.32 -27.70
C2 CA0 J . -28.81 14.39 -28.99
N3 CA0 J . -28.18 15.01 -30.00
C4 CA0 J . -27.06 15.60 -29.56
C5 CA0 J . -26.57 15.61 -28.28
C6 CA0 J . -27.31 14.93 -27.30
N6 CA0 J . -26.96 14.85 -26.03
N7 CA0 J . -25.38 16.33 -28.23
C8 CA0 J . -25.18 16.74 -29.46
N9 CA0 J . -26.17 16.32 -30.31
PA CA0 J . -21.29 17.03 -34.40
CB CA0 J . -21.78 17.56 -36.92
C1' CA0 J . -26.29 16.60 -31.74
O1A CA0 J . -20.54 15.77 -34.65
O1B CA0 J . -22.82 17.94 -37.39
C2' CA0 J . -26.82 17.99 -32.01
O2' CA0 J . -28.24 18.05 -32.02
O2A CA0 J . -20.94 17.84 -33.21
N2B CA0 J . -20.93 16.72 -37.51
C3' CA0 J . -26.18 18.35 -33.36
O3' CA0 J . -27.11 18.34 -34.42
O3A CA0 J . -21.31 17.96 -35.73
C4' CA0 J . -25.09 17.28 -33.57
O4' CA0 J . -25.00 16.60 -32.29
C5' CA0 J . -23.73 17.79 -33.97
O5' CA0 J . -22.84 16.66 -34.23
MG MG K . 27.83 48.97 -25.54
N1 CA0 L . 23.30 36.82 -25.35
C2 CA0 L . 23.37 37.57 -26.46
N3 CA0 L . 23.28 38.90 -26.59
C4 CA0 L . 23.09 39.48 -25.39
C5 CA0 L . 23.01 38.84 -24.18
C6 CA0 L . 23.12 37.45 -24.16
N6 CA0 L . 23.05 36.70 -23.06
N7 CA0 L . 22.82 39.78 -23.16
C8 CA0 L . 22.79 40.93 -23.78
N9 CA0 L . 22.96 40.81 -25.13
PA CA0 L . 25.23 46.88 -24.42
CB CA0 L . 24.71 48.66 -26.23
C1' CA0 L . 22.97 41.87 -26.12
O1A CA0 L . 24.70 46.57 -23.05
O1B CA0 L . 23.96 48.85 -27.15
C2' CA0 L . 21.57 42.39 -26.44
O2' CA0 L . 20.90 41.62 -27.41
O2A CA0 L . 26.69 47.12 -24.59
N2B CA0 L . 26.00 49.02 -26.19
C3' CA0 L . 21.83 43.85 -26.86
O3' CA0 L . 21.75 44.00 -28.26
O3A CA0 L . 24.35 48.05 -25.09
C4' CA0 L . 23.26 44.14 -26.35
O4' CA0 L . 23.63 42.98 -25.56
C5' CA0 L . 23.43 45.38 -25.53
O5' CA0 L . 24.85 45.63 -25.33
#